data_2M0O
#
_entry.id   2M0O
#
loop_
_entity.id
_entity.type
_entity.pdbx_description
1 polymer 'PHD finger protein 1'
2 polymer 'H3K36me3 peptide'
#
loop_
_entity_poly.entity_id
_entity_poly.type
_entity_poly.pdbx_seq_one_letter_code
_entity_poly.pdbx_strand_id
1 'polypeptide(L)' SRLSRSGASSLWDPASPAPTSGPRPRLWEGQDVLARWTDGLLYLGTIKKVDSAREVCLVQFEDDSQFLVLWKDISPAAL A
2 'polypeptide(L)' ATGGV(M3L)KPHRY B
#
# COMPACT_ATOMS: atom_id res chain seq x y z
N SER A 1 3.43 -31.89 -19.64
CA SER A 1 3.62 -30.78 -18.68
C SER A 1 4.48 -29.68 -19.27
N ARG A 2 4.23 -28.43 -18.84
CA ARG A 2 4.97 -27.27 -19.32
C ARG A 2 6.03 -26.84 -18.29
N LEU A 3 7.23 -26.54 -18.79
CA LEU A 3 8.34 -26.11 -17.94
C LEU A 3 8.51 -24.58 -17.95
N SER A 4 8.28 -23.98 -19.12
CA SER A 4 8.40 -22.52 -19.27
C SER A 4 7.05 -21.84 -19.11
N ARG A 5 7.09 -20.60 -18.59
CA ARG A 5 5.87 -19.81 -18.36
C ARG A 5 5.61 -18.84 -19.52
N SER A 6 6.50 -18.85 -20.53
CA SER A 6 6.40 -17.98 -21.73
C SER A 6 6.52 -16.50 -21.37
N GLY A 7 7.53 -15.83 -21.95
CA GLY A 7 7.75 -14.42 -21.69
C GLY A 7 8.84 -14.19 -20.66
N ALA A 8 10.05 -13.89 -21.14
CA ALA A 8 11.21 -13.66 -20.28
C ALA A 8 11.49 -12.17 -20.13
N SER A 9 11.66 -11.74 -18.88
CA SER A 9 11.93 -10.33 -18.56
C SER A 9 13.28 -10.20 -17.85
N SER A 10 14.20 -9.42 -18.46
CA SER A 10 15.56 -9.17 -17.93
C SER A 10 16.33 -10.48 -17.68
N LEU A 11 17.22 -10.82 -18.61
CA LEU A 11 18.03 -12.04 -18.51
C LEU A 11 19.50 -11.77 -18.86
N TRP A 12 19.92 -10.50 -18.71
CA TRP A 12 21.30 -10.10 -19.00
C TRP A 12 21.87 -9.25 -17.86
N ASP A 13 23.16 -9.49 -17.55
CA ASP A 13 23.85 -8.77 -16.48
C ASP A 13 24.70 -7.63 -17.06
N PRO A 14 25.02 -6.57 -16.26
CA PRO A 14 25.84 -5.43 -16.74
C PRO A 14 27.33 -5.76 -16.79
N ALA A 15 27.99 -5.33 -17.87
CA ALA A 15 29.42 -5.57 -18.06
C ALA A 15 30.25 -4.36 -17.61
N SER A 16 29.60 -3.19 -17.53
CA SER A 16 30.25 -1.94 -17.10
C SER A 16 29.41 -1.23 -16.04
N PRO A 17 30.01 -0.29 -15.22
CA PRO A 17 29.27 0.44 -14.17
C PRO A 17 28.12 1.30 -14.72
N ALA A 18 26.92 1.10 -14.19
CA ALA A 18 25.74 1.85 -14.62
C ALA A 18 25.04 2.53 -13.44
N PRO A 19 24.80 3.87 -13.50
CA PRO A 19 24.12 4.60 -12.40
C PRO A 19 22.61 4.38 -12.37
N THR A 20 22.00 4.70 -11.22
CA THR A 20 20.55 4.55 -11.03
C THR A 20 19.85 5.89 -11.19
N SER A 21 18.90 5.93 -12.14
CA SER A 21 18.13 7.14 -12.43
C SER A 21 16.70 7.03 -11.88
N GLY A 22 16.12 5.84 -12.01
CA GLY A 22 14.75 5.61 -11.54
C GLY A 22 14.72 4.78 -10.25
N PRO A 23 14.77 5.42 -9.04
CA PRO A 23 14.74 4.70 -7.75
C PRO A 23 13.36 4.13 -7.44
N ARG A 24 13.33 3.02 -6.69
CA ARG A 24 12.08 2.35 -6.33
C ARG A 24 11.96 2.21 -4.79
N PRO A 25 11.02 2.96 -4.13
CA PRO A 25 10.82 2.88 -2.67
C PRO A 25 10.42 1.48 -2.20
N ARG A 26 10.62 1.21 -0.90
CA ARG A 26 10.30 -0.10 -0.32
C ARG A 26 9.09 -0.01 0.62
N LEU A 27 8.48 -1.17 0.89
CA LEU A 27 7.32 -1.28 1.77
C LEU A 27 7.75 -1.34 3.24
N TRP A 28 7.35 -0.32 4.01
CA TRP A 28 7.69 -0.23 5.43
C TRP A 28 6.58 0.46 6.22
N GLU A 29 6.54 0.22 7.54
CA GLU A 29 5.51 0.81 8.42
C GLU A 29 5.61 2.34 8.47
N GLY A 30 4.56 3.00 7.98
CA GLY A 30 4.52 4.46 7.95
C GLY A 30 4.88 5.01 6.58
N GLN A 31 4.64 4.21 5.54
CA GLN A 31 4.93 4.59 4.16
C GLN A 31 3.64 5.01 3.46
N ASP A 32 3.59 6.27 2.99
CA ASP A 32 2.42 6.77 2.28
C ASP A 32 2.36 6.11 0.91
N VAL A 33 1.37 5.25 0.75
CA VAL A 33 1.17 4.47 -0.47
C VAL A 33 -0.10 4.83 -1.21
N LEU A 34 -0.14 4.43 -2.47
CA LEU A 34 -1.29 4.62 -3.31
C LEU A 34 -1.80 3.26 -3.74
N ALA A 35 -2.87 2.84 -3.08
CA ALA A 35 -3.49 1.56 -3.32
C ALA A 35 -4.57 1.69 -4.40
N ARG A 36 -4.27 1.17 -5.58
CA ARG A 36 -5.19 1.21 -6.73
C ARG A 36 -6.36 0.24 -6.52
N TRP A 37 -7.58 0.77 -6.63
CA TRP A 37 -8.78 -0.04 -6.44
C TRP A 37 -9.39 -0.44 -7.79
N THR A 38 -10.26 -1.47 -7.76
CA THR A 38 -10.91 -2.01 -8.97
C THR A 38 -11.99 -1.08 -9.57
N ASP A 39 -12.22 0.09 -8.96
CA ASP A 39 -13.21 1.04 -9.45
C ASP A 39 -12.56 2.04 -10.43
N GLY A 40 -11.25 1.91 -10.62
CA GLY A 40 -10.51 2.80 -11.50
C GLY A 40 -9.88 3.97 -10.78
N LEU A 41 -10.30 4.19 -9.53
CA LEU A 41 -9.79 5.28 -8.71
C LEU A 41 -8.70 4.80 -7.75
N LEU A 42 -7.79 5.72 -7.41
CA LEU A 42 -6.67 5.44 -6.51
C LEU A 42 -7.09 5.64 -5.04
N TYR A 43 -6.28 5.11 -4.11
CA TYR A 43 -6.55 5.23 -2.69
C TYR A 43 -5.27 5.62 -1.95
N LEU A 44 -5.37 6.58 -1.03
CA LEU A 44 -4.22 7.03 -0.25
C LEU A 44 -4.23 6.40 1.13
N GLY A 45 -3.07 5.88 1.54
CA GLY A 45 -2.95 5.24 2.85
C GLY A 45 -1.52 5.03 3.29
N THR A 46 -1.32 4.87 4.59
CA THR A 46 0.01 4.61 5.15
C THR A 46 0.14 3.14 5.53
N ILE A 47 1.36 2.60 5.43
CA ILE A 47 1.61 1.19 5.71
C ILE A 47 1.58 0.86 7.20
N LYS A 48 0.61 0.02 7.57
CA LYS A 48 0.44 -0.44 8.95
C LYS A 48 1.11 -1.80 9.15
N LYS A 49 1.18 -2.59 8.07
CA LYS A 49 1.80 -3.93 8.12
C LYS A 49 2.50 -4.22 6.79
N VAL A 50 3.45 -5.16 6.83
CA VAL A 50 4.23 -5.53 5.64
C VAL A 50 4.38 -7.05 5.54
N ASP A 51 4.14 -7.56 4.32
CA ASP A 51 4.27 -8.98 4.02
C ASP A 51 5.24 -9.15 2.85
N SER A 52 6.54 -9.15 3.17
CA SER A 52 7.61 -9.29 2.17
C SER A 52 7.78 -10.74 1.67
N ALA A 53 6.98 -11.66 2.22
CA ALA A 53 7.02 -13.07 1.83
C ALA A 53 6.10 -13.36 0.65
N ARG A 54 4.90 -12.76 0.66
CA ARG A 54 3.91 -12.94 -0.40
C ARG A 54 3.75 -11.67 -1.25
N GLU A 55 4.67 -10.70 -1.08
CA GLU A 55 4.66 -9.41 -1.81
C GLU A 55 3.35 -8.64 -1.58
N VAL A 56 2.98 -8.52 -0.29
CA VAL A 56 1.76 -7.83 0.13
C VAL A 56 2.05 -6.91 1.33
N CYS A 57 1.15 -5.96 1.59
CA CYS A 57 1.27 -5.02 2.71
C CYS A 57 -0.08 -4.48 3.12
N LEU A 58 -0.25 -4.24 4.42
CA LEU A 58 -1.47 -3.68 4.95
C LEU A 58 -1.28 -2.19 5.17
N VAL A 59 -2.26 -1.41 4.74
CA VAL A 59 -2.18 0.03 4.85
C VAL A 59 -3.48 0.64 5.39
N GLN A 60 -3.30 1.65 6.25
CA GLN A 60 -4.41 2.38 6.84
C GLN A 60 -4.70 3.59 5.96
N PHE A 61 -5.95 3.71 5.52
CA PHE A 61 -6.35 4.78 4.62
C PHE A 61 -6.92 5.99 5.34
N GLU A 62 -6.99 7.12 4.61
CA GLU A 62 -7.48 8.41 5.12
C GLU A 62 -8.85 8.30 5.80
N ASP A 63 -9.79 7.56 5.17
CA ASP A 63 -11.13 7.40 5.73
C ASP A 63 -11.20 6.21 6.71
N ASP A 64 -10.09 5.98 7.46
CA ASP A 64 -9.98 4.90 8.48
C ASP A 64 -10.24 3.50 7.88
N SER A 65 -9.90 3.35 6.60
CA SER A 65 -10.08 2.08 5.90
C SER A 65 -8.80 1.25 5.96
N GLN A 66 -8.90 0.06 6.56
CA GLN A 66 -7.76 -0.85 6.63
C GLN A 66 -7.95 -1.91 5.56
N PHE A 67 -7.30 -1.65 4.42
CA PHE A 67 -7.43 -2.51 3.25
C PHE A 67 -6.10 -3.14 2.86
N LEU A 68 -6.15 -4.46 2.60
CA LEU A 68 -4.98 -5.25 2.20
C LEU A 68 -4.65 -5.02 0.72
N VAL A 69 -3.46 -4.49 0.45
CA VAL A 69 -3.03 -4.21 -0.93
C VAL A 69 -1.76 -4.97 -1.30
N LEU A 70 -1.65 -5.27 -2.60
CA LEU A 70 -0.50 -5.96 -3.18
C LEU A 70 0.56 -4.95 -3.60
N TRP A 71 1.84 -5.36 -3.55
CA TRP A 71 2.96 -4.49 -3.93
C TRP A 71 2.89 -4.07 -5.42
N LYS A 72 2.04 -4.75 -6.20
CA LYS A 72 1.86 -4.44 -7.63
C LYS A 72 0.80 -3.33 -7.83
N ASP A 73 -0.20 -3.29 -6.93
CA ASP A 73 -1.27 -2.29 -6.99
C ASP A 73 -0.94 -1.06 -6.14
N ILE A 74 0.27 -1.05 -5.55
CA ILE A 74 0.70 0.04 -4.70
C ILE A 74 1.66 0.98 -5.43
N SER A 75 1.46 2.28 -5.22
CA SER A 75 2.29 3.33 -5.80
C SER A 75 2.72 4.32 -4.70
N PRO A 76 4.00 4.31 -4.24
CA PRO A 76 4.47 5.22 -3.18
C PRO A 76 4.16 6.70 -3.46
N ALA A 77 3.41 7.32 -2.54
CA ALA A 77 3.00 8.72 -2.65
C ALA A 77 4.11 9.66 -2.15
N ALA A 78 4.90 10.17 -3.10
CA ALA A 78 6.00 11.10 -2.78
C ALA A 78 6.11 12.20 -3.83
N LEU A 79 6.05 11.81 -5.11
CA LEU A 79 6.14 12.76 -6.23
C LEU A 79 5.01 12.54 -7.23
N ALA B 1 -17.91 16.47 -7.13
CA ALA B 1 -16.52 16.59 -6.63
C ALA B 1 -16.45 16.31 -5.13
N THR B 2 -15.42 15.56 -4.72
CA THR B 2 -15.22 15.20 -3.33
C THR B 2 -13.92 15.82 -2.78
N GLY B 3 -13.93 16.15 -1.48
CA GLY B 3 -12.76 16.75 -0.85
C GLY B 3 -12.87 16.74 0.66
N GLY B 4 -12.58 15.57 1.26
CA GLY B 4 -12.64 15.42 2.71
C GLY B 4 -12.03 14.13 3.20
N VAL B 5 -12.09 13.08 2.36
CA VAL B 5 -11.55 11.76 2.70
C VAL B 5 -10.10 11.61 2.17
N M3L B 6 -9.83 10.55 1.38
CA M3L B 6 -8.49 10.30 0.82
CB M3L B 6 -8.38 8.89 0.20
CG M3L B 6 -9.68 8.30 -0.30
CD M3L B 6 -9.48 6.88 -0.80
CE M3L B 6 -10.67 5.98 -0.49
NZ M3L B 6 -10.54 5.10 0.76
C M3L B 6 -8.09 11.35 -0.22
O M3L B 6 -8.92 11.83 -0.99
CM1 M3L B 6 -9.35 4.22 0.73
CM2 M3L B 6 -11.75 4.25 0.82
CM3 M3L B 6 -10.45 5.91 2.00
H M3L B 6 -10.54 9.91 1.19
HA M3L B 6 -7.79 10.38 1.63
HB2 M3L B 6 -7.98 8.22 0.95
HB3 M3L B 6 -7.69 8.91 -0.63
HG2 M3L B 6 -10.07 8.91 -1.10
HG3 M3L B 6 -10.39 8.28 0.51
HD2 M3L B 6 -8.59 6.48 -0.32
HD3 M3L B 6 -9.32 6.92 -1.87
HE2 M3L B 6 -10.83 5.33 -1.34
HE3 M3L B 6 -11.54 6.60 -0.36
HM11 M3L B 6 -9.22 3.73 -0.22
HM12 M3L B 6 -9.39 3.43 1.47
HM13 M3L B 6 -8.43 4.75 0.92
HM21 M3L B 6 -12.66 4.84 0.86
HM22 M3L B 6 -11.77 3.61 1.68
HM23 M3L B 6 -11.85 3.61 -0.04
HM31 M3L B 6 -9.52 6.47 2.07
HM32 M3L B 6 -10.49 5.30 2.89
HM33 M3L B 6 -11.23 6.64 2.07
N LYS B 7 -6.79 11.68 -0.22
CA LYS B 7 -6.23 12.68 -1.13
C LYS B 7 -5.02 12.11 -1.91
N PRO B 8 -5.23 11.11 -2.82
CA PRO B 8 -4.15 10.47 -3.62
C PRO B 8 -3.52 11.42 -4.64
N HIS B 9 -3.06 10.85 -5.79
CA HIS B 9 -2.42 11.62 -6.87
C HIS B 9 -3.31 12.78 -7.37
N ARG B 10 -4.60 12.47 -7.54
CA ARG B 10 -5.61 13.44 -7.99
C ARG B 10 -6.99 13.05 -7.49
N TYR B 11 -7.25 11.74 -7.45
CA TYR B 11 -8.54 11.20 -6.99
C TYR B 11 -8.34 9.92 -6.18
N SER A 1 -21.54 -25.18 -11.88
CA SER A 1 -21.83 -23.73 -11.78
C SER A 1 -20.56 -22.94 -11.51
N ARG A 2 -20.52 -21.69 -12.05
CA ARG A 2 -19.37 -20.77 -11.91
C ARG A 2 -18.06 -21.36 -12.46
N LEU A 3 -17.61 -20.81 -13.60
CA LEU A 3 -16.39 -21.27 -14.26
C LEU A 3 -15.57 -20.05 -14.72
N SER A 4 -14.94 -19.38 -13.76
CA SER A 4 -14.12 -18.19 -14.03
C SER A 4 -12.65 -18.46 -13.74
N ARG A 5 -11.77 -17.58 -14.27
CA ARG A 5 -10.33 -17.70 -14.08
C ARG A 5 -9.88 -17.05 -12.76
N SER A 6 -8.67 -17.41 -12.30
CA SER A 6 -8.12 -16.88 -11.05
C SER A 6 -7.48 -15.50 -11.25
N GLY A 7 -6.76 -15.32 -12.37
CA GLY A 7 -6.12 -14.05 -12.67
C GLY A 7 -4.94 -14.20 -13.61
N ALA A 8 -3.77 -14.59 -13.05
CA ALA A 8 -2.52 -14.77 -13.80
C ALA A 8 -2.03 -13.46 -14.43
N SER A 9 -0.80 -13.06 -14.06
CA SER A 9 -0.20 -11.83 -14.57
C SER A 9 1.03 -12.12 -15.42
N SER A 10 1.95 -12.93 -14.88
CA SER A 10 3.19 -13.30 -15.57
C SER A 10 3.53 -14.78 -15.37
N LEU A 11 3.37 -15.27 -14.12
CA LEU A 11 3.65 -16.68 -13.74
C LEU A 11 5.15 -17.03 -13.86
N TRP A 12 5.99 -16.01 -14.08
CA TRP A 12 7.43 -16.19 -14.21
C TRP A 12 8.19 -15.20 -13.33
N ASP A 13 9.13 -15.71 -12.54
CA ASP A 13 9.94 -14.89 -11.64
C ASP A 13 11.42 -14.93 -12.03
N PRO A 14 12.16 -13.78 -11.97
CA PRO A 14 13.59 -13.73 -12.33
C PRO A 14 14.49 -14.42 -11.29
N ALA A 15 15.72 -14.74 -11.71
CA ALA A 15 16.70 -15.42 -10.84
C ALA A 15 17.58 -14.41 -10.10
N SER A 16 17.65 -13.17 -10.62
CA SER A 16 18.45 -12.12 -10.02
C SER A 16 17.58 -11.20 -9.14
N PRO A 17 18.14 -10.64 -8.03
CA PRO A 17 17.38 -9.75 -7.12
C PRO A 17 17.11 -8.37 -7.72
N ALA A 18 16.00 -7.74 -7.27
CA ALA A 18 15.57 -6.40 -7.73
C ALA A 18 15.41 -6.32 -9.27
N PRO A 19 14.17 -6.45 -9.83
CA PRO A 19 13.93 -6.37 -11.28
C PRO A 19 14.14 -4.96 -11.85
N THR A 20 13.81 -3.94 -11.04
CA THR A 20 13.96 -2.54 -11.43
C THR A 20 15.06 -1.86 -10.63
N SER A 21 15.52 -0.70 -11.10
CA SER A 21 16.58 0.06 -10.43
C SER A 21 16.00 1.02 -9.40
N GLY A 22 16.47 0.88 -8.15
CA GLY A 22 16.01 1.72 -7.06
C GLY A 22 17.00 1.77 -5.90
N PRO A 23 16.68 2.47 -4.77
CA PRO A 23 17.58 2.56 -3.60
C PRO A 23 17.58 1.27 -2.75
N ARG A 24 16.58 1.11 -1.87
CA ARG A 24 16.46 -0.08 -1.01
C ARG A 24 15.04 -0.22 -0.41
N PRO A 25 14.46 0.84 0.25
CA PRO A 25 13.11 0.77 0.84
C PRO A 25 12.00 0.91 -0.19
N ARG A 26 10.97 0.06 -0.06
CA ARG A 26 9.82 0.07 -0.97
C ARG A 26 8.50 -0.03 -0.19
N LEU A 27 8.53 -0.79 0.92
CA LEU A 27 7.36 -0.98 1.77
C LEU A 27 7.79 -1.08 3.24
N TRP A 28 7.37 -0.10 4.04
CA TRP A 28 7.71 -0.03 5.48
C TRP A 28 6.58 0.61 6.28
N GLU A 29 6.57 0.37 7.61
CA GLU A 29 5.54 0.93 8.50
C GLU A 29 5.59 2.45 8.57
N GLY A 30 4.51 3.09 8.11
CA GLY A 30 4.41 4.54 8.09
C GLY A 30 4.78 5.11 6.73
N GLN A 31 4.53 4.33 5.67
CA GLN A 31 4.83 4.73 4.30
C GLN A 31 3.53 5.13 3.60
N ASP A 32 3.47 6.40 3.15
CA ASP A 32 2.30 6.91 2.43
C ASP A 32 2.27 6.26 1.04
N VAL A 33 1.30 5.39 0.86
CA VAL A 33 1.16 4.63 -0.38
C VAL A 33 -0.12 4.96 -1.15
N LEU A 34 -0.15 4.47 -2.38
CA LEU A 34 -1.29 4.63 -3.26
C LEU A 34 -1.81 3.27 -3.64
N ALA A 35 -2.89 2.89 -2.97
CA ALA A 35 -3.54 1.61 -3.17
C ALA A 35 -4.63 1.73 -4.24
N ARG A 36 -4.34 1.17 -5.42
CA ARG A 36 -5.27 1.21 -6.55
C ARG A 36 -6.47 0.31 -6.30
N TRP A 37 -7.68 0.89 -6.41
CA TRP A 37 -8.93 0.15 -6.19
C TRP A 37 -9.44 -0.49 -7.50
N THR A 38 -10.30 -1.51 -7.35
CA THR A 38 -10.86 -2.27 -8.49
C THR A 38 -11.85 -1.47 -9.37
N ASP A 39 -12.25 -0.27 -8.92
CA ASP A 39 -13.18 0.56 -9.69
C ASP A 39 -12.44 1.53 -10.61
N GLY A 40 -11.11 1.47 -10.59
CA GLY A 40 -10.30 2.35 -11.41
C GLY A 40 -9.82 3.59 -10.67
N LEU A 41 -10.37 3.79 -9.46
CA LEU A 41 -10.01 4.93 -8.61
C LEU A 41 -8.89 4.57 -7.65
N LEU A 42 -7.98 5.52 -7.45
CA LEU A 42 -6.83 5.36 -6.56
C LEU A 42 -7.22 5.69 -5.10
N TYR A 43 -6.42 5.19 -4.16
CA TYR A 43 -6.66 5.39 -2.73
C TYR A 43 -5.33 5.73 -2.03
N LEU A 44 -5.36 6.74 -1.14
CA LEU A 44 -4.15 7.12 -0.40
C LEU A 44 -4.16 6.45 0.96
N GLY A 45 -2.97 6.03 1.40
CA GLY A 45 -2.85 5.37 2.69
C GLY A 45 -1.45 5.39 3.26
N THR A 46 -1.32 4.79 4.46
CA THR A 46 -0.03 4.68 5.15
C THR A 46 0.13 3.25 5.63
N ILE A 47 1.30 2.67 5.35
CA ILE A 47 1.61 1.27 5.68
C ILE A 47 1.59 0.98 7.19
N LYS A 48 0.67 0.09 7.57
CA LYS A 48 0.53 -0.35 8.95
C LYS A 48 1.23 -1.69 9.15
N LYS A 49 1.35 -2.47 8.06
CA LYS A 49 2.01 -3.79 8.10
C LYS A 49 2.69 -4.08 6.75
N VAL A 50 3.66 -4.99 6.77
CA VAL A 50 4.41 -5.36 5.57
C VAL A 50 4.61 -6.87 5.47
N ASP A 51 4.37 -7.40 4.27
CA ASP A 51 4.53 -8.81 3.95
C ASP A 51 5.50 -8.98 2.78
N SER A 52 6.81 -8.92 3.10
CA SER A 52 7.88 -9.04 2.09
C SER A 52 8.05 -10.47 1.58
N ALA A 53 7.35 -11.43 2.20
CA ALA A 53 7.43 -12.84 1.82
C ALA A 53 6.42 -13.18 0.72
N ARG A 54 5.23 -12.54 0.80
CA ARG A 54 4.16 -12.76 -0.19
C ARG A 54 3.98 -11.55 -1.10
N GLU A 55 4.89 -10.55 -0.98
CA GLU A 55 4.87 -9.30 -1.79
C GLU A 55 3.56 -8.52 -1.56
N VAL A 56 3.16 -8.43 -0.29
CA VAL A 56 1.93 -7.73 0.11
C VAL A 56 2.22 -6.81 1.31
N CYS A 57 1.31 -5.86 1.57
CA CYS A 57 1.44 -4.92 2.69
C CYS A 57 0.07 -4.39 3.11
N LEU A 58 -0.09 -4.17 4.42
CA LEU A 58 -1.32 -3.64 4.97
C LEU A 58 -1.17 -2.15 5.18
N VAL A 59 -2.17 -1.39 4.77
CA VAL A 59 -2.12 0.06 4.87
C VAL A 59 -3.44 0.63 5.40
N GLN A 60 -3.30 1.70 6.20
CA GLN A 60 -4.44 2.42 6.77
C GLN A 60 -4.75 3.60 5.85
N PHE A 61 -6.02 3.88 5.64
CA PHE A 61 -6.43 4.95 4.74
C PHE A 61 -7.01 6.17 5.46
N GLU A 62 -7.08 7.30 4.73
CA GLU A 62 -7.59 8.59 5.26
C GLU A 62 -8.96 8.46 5.91
N ASP A 63 -9.87 7.70 5.28
CA ASP A 63 -11.22 7.54 5.81
C ASP A 63 -11.29 6.34 6.81
N ASP A 64 -10.17 6.14 7.56
CA ASP A 64 -10.05 5.10 8.60
C ASP A 64 -10.42 3.69 8.10
N SER A 65 -9.72 3.22 7.06
CA SER A 65 -9.98 1.89 6.50
C SER A 65 -8.71 1.06 6.44
N GLN A 66 -8.81 -0.17 6.94
CA GLN A 66 -7.70 -1.12 6.91
C GLN A 66 -7.91 -2.05 5.72
N PHE A 67 -7.26 -1.70 4.61
CA PHE A 67 -7.41 -2.45 3.37
C PHE A 67 -6.09 -3.07 2.93
N LEU A 68 -6.11 -4.40 2.74
CA LEU A 68 -4.94 -5.19 2.33
C LEU A 68 -4.63 -4.92 0.84
N VAL A 69 -3.41 -4.46 0.58
CA VAL A 69 -2.97 -4.15 -0.79
C VAL A 69 -1.66 -4.86 -1.13
N LEU A 70 -1.51 -5.15 -2.42
CA LEU A 70 -0.32 -5.82 -2.94
C LEU A 70 0.67 -4.81 -3.49
N TRP A 71 1.95 -5.18 -3.47
CA TRP A 71 3.04 -4.32 -3.97
C TRP A 71 2.86 -3.97 -5.46
N LYS A 72 1.97 -4.71 -6.16
CA LYS A 72 1.70 -4.46 -7.58
C LYS A 72 0.65 -3.35 -7.77
N ASP A 73 -0.29 -3.26 -6.82
CA ASP A 73 -1.35 -2.24 -6.85
C ASP A 73 -0.99 -1.00 -6.01
N ILE A 74 0.21 -1.02 -5.42
CA ILE A 74 0.67 0.08 -4.58
C ILE A 74 1.64 1.01 -5.32
N SER A 75 1.48 2.31 -5.09
CA SER A 75 2.32 3.35 -5.68
C SER A 75 2.77 4.33 -4.59
N PRO A 76 4.08 4.34 -4.19
CA PRO A 76 4.60 5.25 -3.14
C PRO A 76 4.27 6.73 -3.43
N ALA A 77 3.57 7.36 -2.47
CA ALA A 77 3.16 8.76 -2.58
C ALA A 77 4.31 9.72 -2.29
N ALA A 78 4.61 10.59 -3.28
CA ALA A 78 5.69 11.57 -3.15
C ALA A 78 5.22 12.96 -3.58
N LEU A 79 4.46 13.02 -4.69
CA LEU A 79 3.95 14.28 -5.22
C LEU A 79 2.42 14.27 -5.23
N ALA B 1 -20.65 19.31 -1.17
CA ALA B 1 -19.86 18.34 -1.96
C ALA B 1 -20.05 16.92 -1.43
N THR B 2 -20.13 15.97 -2.35
CA THR B 2 -20.31 14.55 -2.00
C THR B 2 -19.01 13.75 -2.18
N GLY B 3 -18.28 14.04 -3.27
CA GLY B 3 -17.03 13.36 -3.55
C GLY B 3 -15.82 14.12 -3.04
N GLY B 4 -15.28 13.64 -1.90
CA GLY B 4 -14.11 14.28 -1.30
C GLY B 4 -13.46 13.40 -0.25
N VAL B 5 -13.13 12.17 -0.63
CA VAL B 5 -12.49 11.22 0.27
C VAL B 5 -11.00 11.04 -0.08
N M3L B 6 -10.17 10.77 0.95
CA M3L B 6 -8.70 10.59 0.81
CB M3L B 6 -8.37 9.25 0.10
CG M3L B 6 -8.60 8.03 0.97
CD M3L B 6 -9.88 7.33 0.63
CE M3L B 6 -10.39 6.48 1.81
NZ M3L B 6 -10.77 5.05 1.47
C M3L B 6 -8.00 11.77 0.09
O M3L B 6 -8.66 12.65 -0.46
CM1 M3L B 6 -9.59 4.25 1.01
CM2 M3L B 6 -11.85 5.04 0.44
CM3 M3L B 6 -11.27 4.38 2.69
H M3L B 6 -10.56 10.66 1.84
HA M3L B 6 -8.30 10.54 1.81
HB2 M3L B 6 -7.33 9.27 -0.21
HB3 M3L B 6 -8.99 9.16 -0.79
HG2 M3L B 6 -8.64 8.35 2.01
HG3 M3L B 6 -7.78 7.34 0.85
HD2 M3L B 6 -9.72 6.69 -0.23
HD3 M3L B 6 -10.63 8.07 0.38
HE2 M3L B 6 -11.25 6.97 2.23
HE3 M3L B 6 -9.61 6.45 2.56
HM11 M3L B 6 -8.80 4.87 0.61
HM12 M3L B 6 -9.85 3.54 0.25
HM13 M3L B 6 -9.14 3.68 1.82
HM21 M3L B 6 -12.40 4.11 0.43
HM22 M3L B 6 -11.47 5.18 -0.55
HM23 M3L B 6 -12.57 5.83 0.60
HM31 M3L B 6 -12.31 4.62 2.89
HM32 M3L B 6 -10.72 4.66 3.57
HM33 M3L B 6 -11.22 3.31 2.63
N LYS B 7 -6.66 11.77 0.13
CA LYS B 7 -5.85 12.82 -0.50
C LYS B 7 -4.74 12.20 -1.39
N PRO B 8 -5.08 11.32 -2.38
CA PRO B 8 -4.08 10.65 -3.25
C PRO B 8 -3.55 11.52 -4.40
N HIS B 9 -2.92 10.82 -5.35
CA HIS B 9 -2.31 11.37 -6.57
C HIS B 9 -3.21 12.37 -7.29
N ARG B 10 -4.46 11.97 -7.57
CA ARG B 10 -5.44 12.82 -8.26
C ARG B 10 -6.86 12.55 -7.75
N TYR B 11 -7.27 11.27 -7.81
CA TYR B 11 -8.60 10.85 -7.36
C TYR B 11 -8.55 9.47 -6.72
N SER A 1 12.01 -25.92 12.66
CA SER A 1 12.08 -27.00 13.67
C SER A 1 13.53 -27.49 13.83
N ARG A 2 13.97 -27.59 15.08
CA ARG A 2 15.33 -28.04 15.40
C ARG A 2 15.32 -29.48 15.91
N LEU A 3 14.42 -29.76 16.88
CA LEU A 3 14.29 -31.09 17.47
C LEU A 3 12.81 -31.49 17.56
N SER A 4 11.97 -30.55 18.00
CA SER A 4 10.53 -30.79 18.15
C SER A 4 9.74 -29.69 17.43
N ARG A 5 8.44 -29.96 17.18
CA ARG A 5 7.56 -29.02 16.50
C ARG A 5 7.01 -27.98 17.47
N SER A 6 7.35 -26.70 17.21
CA SER A 6 6.91 -25.59 18.04
C SER A 6 6.29 -24.47 17.19
N GLY A 7 5.65 -23.51 17.86
CA GLY A 7 5.02 -22.38 17.17
C GLY A 7 6.00 -21.29 16.76
N ALA A 8 5.48 -20.23 16.14
CA ALA A 8 6.31 -19.11 15.68
C ALA A 8 6.09 -17.85 16.54
N SER A 9 4.87 -17.68 17.05
CA SER A 9 4.52 -16.52 17.88
C SER A 9 4.75 -16.80 19.36
N SER A 10 5.95 -16.42 19.84
CA SER A 10 6.33 -16.59 21.24
C SER A 10 7.21 -15.43 21.70
N LEU A 11 6.64 -14.57 22.58
CA LEU A 11 7.32 -13.37 23.13
C LEU A 11 7.51 -12.27 22.07
N TRP A 12 8.13 -12.63 20.93
CA TRP A 12 8.37 -11.70 19.84
C TRP A 12 8.00 -12.33 18.51
N ASP A 13 7.41 -11.52 17.61
CA ASP A 13 6.99 -11.98 16.29
C ASP A 13 8.00 -11.54 15.21
N PRO A 14 8.86 -12.47 14.67
CA PRO A 14 9.84 -12.13 13.62
C PRO A 14 9.18 -11.75 12.29
N ALA A 15 9.28 -10.47 11.94
CA ALA A 15 8.70 -9.94 10.71
C ALA A 15 9.77 -9.55 9.69
N SER A 16 11.04 -9.53 10.14
CA SER A 16 12.17 -9.16 9.27
C SER A 16 12.75 -10.40 8.55
N PRO A 17 12.85 -10.37 7.19
CA PRO A 17 13.40 -11.50 6.41
C PRO A 17 14.94 -11.56 6.45
N ALA A 18 15.53 -12.46 5.64
CA ALA A 18 16.98 -12.63 5.58
C ALA A 18 17.65 -11.53 4.73
N PRO A 19 18.95 -11.19 4.99
CA PRO A 19 19.67 -10.13 4.24
C PRO A 19 19.88 -10.47 2.76
N THR A 20 19.34 -9.61 1.89
CA THR A 20 19.45 -9.77 0.44
C THR A 20 19.50 -8.42 -0.26
N SER A 21 18.62 -7.50 0.16
CA SER A 21 18.54 -6.16 -0.42
C SER A 21 19.34 -5.15 0.42
N GLY A 22 19.70 -4.02 -0.20
CA GLY A 22 20.46 -2.99 0.48
C GLY A 22 19.58 -1.97 1.21
N PRO A 23 20.04 -0.70 1.38
CA PRO A 23 19.24 0.34 2.08
C PRO A 23 18.16 0.99 1.20
N ARG A 24 17.59 0.20 0.28
CA ARG A 24 16.53 0.68 -0.61
C ARG A 24 15.16 0.19 -0.15
N PRO A 25 14.41 1.02 0.66
CA PRO A 25 13.07 0.65 1.16
C PRO A 25 11.98 0.72 0.09
N ARG A 26 11.05 -0.23 0.14
CA ARG A 26 9.93 -0.30 -0.81
C ARG A 26 8.60 -0.39 -0.07
N LEU A 27 8.59 -1.13 1.05
CA LEU A 27 7.41 -1.31 1.89
C LEU A 27 7.82 -1.41 3.36
N TRP A 28 7.42 -0.40 4.15
CA TRP A 28 7.75 -0.34 5.58
C TRP A 28 6.63 0.32 6.38
N GLU A 29 6.60 0.07 7.71
CA GLU A 29 5.59 0.64 8.60
C GLU A 29 5.65 2.17 8.66
N GLY A 30 4.58 2.81 8.19
CA GLY A 30 4.49 4.26 8.17
C GLY A 30 4.90 4.83 6.81
N GLN A 31 4.69 4.03 5.76
CA GLN A 31 5.01 4.43 4.40
C GLN A 31 3.75 4.88 3.67
N ASP A 32 3.74 6.15 3.22
CA ASP A 32 2.59 6.68 2.48
C ASP A 32 2.56 6.04 1.11
N VAL A 33 1.56 5.19 0.90
CA VAL A 33 1.41 4.44 -0.33
C VAL A 33 0.18 4.83 -1.13
N LEU A 34 0.15 4.34 -2.36
CA LEU A 34 -0.96 4.56 -3.26
C LEU A 34 -1.52 3.21 -3.69
N ALA A 35 -2.63 2.86 -3.05
CA ALA A 35 -3.32 1.60 -3.30
C ALA A 35 -4.40 1.80 -4.35
N ARG A 36 -4.16 1.26 -5.54
CA ARG A 36 -5.09 1.39 -6.67
C ARG A 36 -6.32 0.53 -6.47
N TRP A 37 -7.50 1.14 -6.66
CA TRP A 37 -8.77 0.43 -6.52
C TRP A 37 -9.24 -0.13 -7.87
N THR A 38 -10.03 -1.21 -7.81
CA THR A 38 -10.53 -1.92 -9.01
C THR A 38 -11.50 -1.11 -9.87
N ASP A 39 -11.95 0.05 -9.38
CA ASP A 39 -12.89 0.91 -10.12
C ASP A 39 -12.15 1.93 -10.99
N GLY A 40 -10.83 2.01 -10.83
CA GLY A 40 -10.02 2.96 -11.60
C GLY A 40 -9.51 4.12 -10.77
N LEU A 41 -10.09 4.31 -9.57
CA LEU A 41 -9.71 5.39 -8.68
C LEU A 41 -8.60 4.94 -7.72
N LEU A 42 -7.66 5.87 -7.47
CA LEU A 42 -6.53 5.62 -6.57
C LEU A 42 -6.91 5.86 -5.10
N TYR A 43 -6.10 5.31 -4.19
CA TYR A 43 -6.32 5.43 -2.75
C TYR A 43 -4.99 5.77 -2.05
N LEU A 44 -5.00 6.77 -1.17
CA LEU A 44 -3.81 7.16 -0.43
C LEU A 44 -3.84 6.55 0.97
N GLY A 45 -2.72 5.96 1.37
CA GLY A 45 -2.64 5.33 2.68
C GLY A 45 -1.24 5.29 3.28
N THR A 46 -1.15 4.69 4.46
CA THR A 46 0.13 4.52 5.16
C THR A 46 0.23 3.07 5.63
N ILE A 47 1.40 2.48 5.41
CA ILE A 47 1.66 1.06 5.74
C ILE A 47 1.62 0.78 7.23
N LYS A 48 0.67 -0.09 7.60
CA LYS A 48 0.50 -0.52 8.99
C LYS A 48 1.16 -1.88 9.21
N LYS A 49 1.28 -2.67 8.11
CA LYS A 49 1.89 -4.00 8.15
C LYS A 49 2.58 -4.31 6.82
N VAL A 50 3.52 -5.26 6.85
CA VAL A 50 4.28 -5.64 5.65
C VAL A 50 4.41 -7.16 5.55
N ASP A 51 4.18 -7.66 4.32
CA ASP A 51 4.30 -9.08 4.01
C ASP A 51 5.29 -9.26 2.85
N SER A 52 6.58 -9.27 3.19
CA SER A 52 7.67 -9.41 2.20
C SER A 52 7.83 -10.87 1.69
N ALA A 53 7.01 -11.78 2.22
CA ALA A 53 7.06 -13.20 1.82
C ALA A 53 6.14 -13.47 0.63
N ARG A 54 4.94 -12.88 0.66
CA ARG A 54 3.95 -13.06 -0.41
C ARG A 54 3.79 -11.79 -1.27
N GLU A 55 4.71 -10.81 -1.07
CA GLU A 55 4.70 -9.52 -1.81
C GLU A 55 3.40 -8.74 -1.57
N VAL A 56 3.03 -8.62 -0.28
CA VAL A 56 1.82 -7.91 0.14
C VAL A 56 2.13 -7.00 1.34
N CYS A 57 1.21 -6.05 1.61
CA CYS A 57 1.35 -5.11 2.74
C CYS A 57 0.00 -4.55 3.15
N LEU A 58 -0.16 -4.31 4.44
CA LEU A 58 -1.39 -3.74 4.98
C LEU A 58 -1.19 -2.26 5.19
N VAL A 59 -2.18 -1.47 4.76
CA VAL A 59 -2.09 -0.03 4.86
C VAL A 59 -3.40 0.59 5.36
N GLN A 60 -3.25 1.66 6.16
CA GLN A 60 -4.38 2.41 6.69
C GLN A 60 -4.65 3.57 5.74
N PHE A 61 -5.92 3.85 5.48
CA PHE A 61 -6.30 4.89 4.53
C PHE A 61 -6.86 6.15 5.19
N GLU A 62 -7.02 7.20 4.35
CA GLU A 62 -7.54 8.52 4.77
C GLU A 62 -8.90 8.43 5.47
N ASP A 63 -9.83 7.67 4.89
CA ASP A 63 -11.17 7.52 5.45
C ASP A 63 -11.24 6.32 6.43
N ASP A 64 -10.14 6.10 7.18
CA ASP A 64 -10.02 5.03 8.21
C ASP A 64 -10.35 3.63 7.66
N SER A 65 -9.60 3.21 6.63
CA SER A 65 -9.80 1.91 6.01
C SER A 65 -8.56 1.03 6.12
N GLN A 66 -8.74 -0.19 6.62
CA GLN A 66 -7.66 -1.16 6.71
C GLN A 66 -7.83 -2.13 5.56
N PHE A 67 -7.15 -1.83 4.46
CA PHE A 67 -7.26 -2.62 3.24
C PHE A 67 -5.94 -3.26 2.85
N LEU A 68 -5.98 -4.58 2.64
CA LEU A 68 -4.82 -5.37 2.24
C LEU A 68 -4.50 -5.16 0.76
N VAL A 69 -3.36 -4.53 0.48
CA VAL A 69 -2.93 -4.24 -0.90
C VAL A 69 -1.68 -4.99 -1.30
N LEU A 70 -1.59 -5.28 -2.60
CA LEU A 70 -0.44 -5.98 -3.19
C LEU A 70 0.62 -4.98 -3.61
N TRP A 71 1.90 -5.40 -3.56
CA TRP A 71 3.03 -4.54 -3.93
C TRP A 71 2.96 -4.06 -5.40
N LYS A 72 2.10 -4.71 -6.20
CA LYS A 72 1.92 -4.34 -7.61
C LYS A 72 0.89 -3.21 -7.78
N ASP A 73 -0.13 -3.21 -6.93
CA ASP A 73 -1.19 -2.19 -6.95
C ASP A 73 -0.82 -0.98 -6.08
N ILE A 74 0.39 -1.01 -5.51
CA ILE A 74 0.87 0.06 -4.64
C ILE A 74 1.89 0.96 -5.36
N SER A 75 1.74 2.26 -5.12
CA SER A 75 2.62 3.28 -5.69
C SER A 75 3.10 4.23 -4.58
N PRO A 76 4.40 4.13 -4.13
CA PRO A 76 4.93 5.00 -3.05
C PRO A 76 4.69 6.50 -3.31
N ALA A 77 4.00 7.14 -2.36
CA ALA A 77 3.67 8.57 -2.44
C ALA A 77 4.90 9.47 -2.25
N ALA A 78 5.64 9.22 -1.16
CA ALA A 78 6.86 9.97 -0.78
C ALA A 78 6.57 11.42 -0.38
N LEU A 79 5.97 12.20 -1.31
CA LEU A 79 5.62 13.60 -1.05
C LEU A 79 4.20 13.90 -1.49
N ALA B 1 -7.98 17.76 12.13
CA ALA B 1 -9.22 18.36 11.58
C ALA B 1 -10.35 17.34 11.50
N THR B 2 -10.02 16.10 11.06
CA THR B 2 -10.99 14.99 10.91
C THR B 2 -12.09 15.32 9.90
N GLY B 3 -12.17 14.52 8.83
CA GLY B 3 -13.17 14.73 7.80
C GLY B 3 -12.62 15.47 6.60
N GLY B 4 -11.96 14.73 5.70
CA GLY B 4 -11.38 15.33 4.50
C GLY B 4 -11.21 14.33 3.37
N VAL B 5 -11.73 13.10 3.56
CA VAL B 5 -11.67 11.98 2.60
C VAL B 5 -10.25 11.77 1.97
N M3L B 6 -10.12 10.79 1.06
CA M3L B 6 -8.83 10.47 0.40
CB M3L B 6 -8.99 9.30 -0.60
CG M3L B 6 -9.92 8.18 -0.14
CD M3L B 6 -9.17 7.07 0.57
CE M3L B 6 -10.06 6.33 1.60
NZ M3L B 6 -10.59 4.97 1.16
C M3L B 6 -8.26 11.68 -0.35
O M3L B 6 -9.00 12.56 -0.80
CM1 M3L B 6 -9.49 3.98 0.93
CM2 M3L B 6 -11.43 5.11 -0.07
CM3 M3L B 6 -11.42 4.41 2.25
H M3L B 6 -10.90 10.24 0.86
HA M3L B 6 -8.13 10.19 1.16
HB2 M3L B 6 -8.01 8.87 -0.77
HB3 M3L B 6 -9.37 9.69 -1.53
HG2 M3L B 6 -10.42 7.77 -1.01
HG3 M3L B 6 -10.65 8.58 0.53
HD2 M3L B 6 -8.32 7.49 1.08
HD3 M3L B 6 -8.82 6.36 -0.17
HE2 M3L B 6 -10.90 6.97 1.83
HE3 M3L B 6 -9.48 6.20 2.50
HM11 M3L B 6 -9.35 3.31 1.77
HM12 M3L B 6 -8.52 4.45 0.79
HM13 M3L B 6 -9.65 3.37 0.07
HM21 M3L B 6 -12.08 5.97 -0.02
HM22 M3L B 6 -12.07 4.25 -0.22
HM23 M3L B 6 -10.83 5.21 -0.96
HM31 M3L B 6 -12.43 4.81 2.23
HM32 M3L B 6 -11.03 4.63 3.23
HM33 M3L B 6 -11.52 3.34 2.19
N LYS B 7 -6.92 11.72 -0.48
CA LYS B 7 -6.22 12.82 -1.17
C LYS B 7 -5.12 12.30 -2.15
N PRO B 8 -5.35 11.19 -2.93
CA PRO B 8 -4.36 10.63 -3.86
C PRO B 8 -4.35 11.30 -5.24
N HIS B 9 -3.66 10.63 -6.18
CA HIS B 9 -3.53 11.08 -7.56
C HIS B 9 -4.74 10.58 -8.38
N ARG B 10 -5.62 11.52 -8.77
CA ARG B 10 -6.83 11.20 -9.53
C ARG B 10 -6.61 11.39 -11.03
N TYR B 11 -5.63 10.65 -11.57
CA TYR B 11 -5.32 10.72 -13.01
C TYR B 11 -4.98 9.32 -13.55
N SER A 1 12.50 -36.76 -11.81
CA SER A 1 12.87 -38.14 -12.24
C SER A 1 12.41 -38.41 -13.68
N ARG A 2 11.19 -37.97 -14.01
CA ARG A 2 10.63 -38.16 -15.35
C ARG A 2 10.14 -36.82 -15.95
N LEU A 3 10.62 -35.70 -15.37
CA LEU A 3 10.27 -34.31 -15.78
C LEU A 3 8.81 -33.96 -15.47
N SER A 4 7.86 -34.74 -16.03
CA SER A 4 6.40 -34.54 -15.83
C SER A 4 5.95 -33.13 -16.23
N ARG A 5 5.22 -33.04 -17.35
CA ARG A 5 4.72 -31.76 -17.86
C ARG A 5 3.23 -31.85 -18.21
N SER A 6 2.48 -30.82 -17.83
CA SER A 6 1.05 -30.76 -18.09
C SER A 6 0.70 -29.58 -19.00
N GLY A 7 1.30 -28.42 -18.73
CA GLY A 7 1.06 -27.24 -19.53
C GLY A 7 0.40 -26.12 -18.74
N ALA A 8 1.19 -25.49 -17.86
CA ALA A 8 0.70 -24.39 -17.02
C ALA A 8 1.57 -23.14 -17.17
N SER A 9 0.95 -22.06 -17.66
CA SER A 9 1.64 -20.79 -17.87
C SER A 9 0.80 -19.61 -17.40
N SER A 10 -0.52 -19.68 -17.67
CA SER A 10 -1.46 -18.63 -17.29
C SER A 10 -2.17 -18.96 -15.98
N LEU A 11 -2.70 -17.92 -15.30
CA LEU A 11 -3.42 -18.03 -14.01
C LEU A 11 -2.50 -18.38 -12.82
N TRP A 12 -1.28 -18.84 -13.11
CA TRP A 12 -0.32 -19.21 -12.07
C TRP A 12 1.05 -18.59 -12.36
N ASP A 13 1.59 -17.89 -11.36
CA ASP A 13 2.91 -17.24 -11.48
C ASP A 13 3.69 -17.35 -10.16
N PRO A 14 5.02 -17.65 -10.21
CA PRO A 14 5.86 -17.77 -9.00
C PRO A 14 6.14 -16.42 -8.33
N ALA A 15 5.97 -16.38 -7.00
CA ALA A 15 6.19 -15.16 -6.23
C ALA A 15 7.48 -15.23 -5.39
N SER A 16 7.96 -16.46 -5.14
CA SER A 16 9.17 -16.67 -4.36
C SER A 16 10.28 -17.33 -5.21
N PRO A 17 11.16 -16.52 -5.87
CA PRO A 17 12.25 -17.06 -6.70
C PRO A 17 13.50 -17.45 -5.89
N ALA A 18 13.88 -16.60 -4.93
CA ALA A 18 15.04 -16.84 -4.07
C ALA A 18 14.71 -16.60 -2.59
N PRO A 19 15.41 -17.30 -1.64
CA PRO A 19 15.17 -17.12 -0.20
C PRO A 19 15.78 -15.83 0.39
N THR A 20 16.30 -14.97 -0.49
CA THR A 20 16.92 -13.70 -0.08
C THR A 20 15.91 -12.56 -0.07
N SER A 21 16.17 -11.56 0.79
CA SER A 21 15.29 -10.40 0.92
C SER A 21 15.90 -9.18 0.23
N GLY A 22 15.06 -8.18 -0.07
CA GLY A 22 15.51 -6.96 -0.73
C GLY A 22 15.98 -5.89 0.25
N PRO A 23 17.28 -5.46 0.20
CA PRO A 23 17.80 -4.42 1.12
C PRO A 23 17.39 -2.98 0.74
N ARG A 24 16.60 -2.86 -0.34
CA ARG A 24 16.13 -1.56 -0.83
C ARG A 24 14.76 -1.22 -0.24
N PRO A 25 14.54 0.08 0.20
CA PRO A 25 13.25 0.50 0.79
C PRO A 25 12.13 0.62 -0.24
N ARG A 26 11.00 -0.05 0.05
CA ARG A 26 9.82 -0.04 -0.83
C ARG A 26 8.53 -0.07 -0.02
N LEU A 27 8.54 -0.83 1.08
CA LEU A 27 7.38 -0.96 1.97
C LEU A 27 7.83 -1.03 3.43
N TRP A 28 7.39 -0.04 4.22
CA TRP A 28 7.73 0.04 5.65
C TRP A 28 6.59 0.67 6.45
N GLU A 29 6.60 0.46 7.79
CA GLU A 29 5.57 1.00 8.68
C GLU A 29 5.58 2.54 8.69
N GLY A 30 4.47 3.13 8.23
CA GLY A 30 4.34 4.58 8.17
C GLY A 30 4.71 5.13 6.81
N GLN A 31 4.48 4.33 5.77
CA GLN A 31 4.78 4.72 4.39
C GLN A 31 3.50 5.10 3.68
N ASP A 32 3.42 6.37 3.21
CA ASP A 32 2.25 6.84 2.47
C ASP A 32 2.24 6.18 1.11
N VAL A 33 1.26 5.29 0.93
CA VAL A 33 1.13 4.50 -0.29
C VAL A 33 -0.14 4.83 -1.07
N LEU A 34 -0.14 4.43 -2.32
CA LEU A 34 -1.28 4.60 -3.20
C LEU A 34 -1.78 3.22 -3.60
N ALA A 35 -2.85 2.81 -2.94
CA ALA A 35 -3.48 1.52 -3.17
C ALA A 35 -4.54 1.64 -4.26
N ARG A 36 -4.23 1.11 -5.43
CA ARG A 36 -5.13 1.14 -6.59
C ARG A 36 -6.39 0.31 -6.34
N TRP A 37 -7.55 0.92 -6.57
CA TRP A 37 -8.84 0.24 -6.37
C TRP A 37 -9.31 -0.45 -7.66
N THR A 38 -10.19 -1.44 -7.50
CA THR A 38 -10.72 -2.26 -8.62
C THR A 38 -11.63 -1.49 -9.59
N ASP A 39 -12.00 -0.26 -9.23
CA ASP A 39 -12.87 0.56 -10.08
C ASP A 39 -12.06 1.48 -11.01
N GLY A 40 -10.73 1.49 -10.82
CA GLY A 40 -9.86 2.33 -11.63
C GLY A 40 -9.34 3.54 -10.89
N LEU A 41 -9.92 3.82 -9.72
CA LEU A 41 -9.53 4.96 -8.90
C LEU A 41 -8.44 4.58 -7.89
N LEU A 42 -7.60 5.56 -7.54
CA LEU A 42 -6.50 5.36 -6.59
C LEU A 42 -6.97 5.65 -5.16
N TYR A 43 -6.22 5.11 -4.18
CA TYR A 43 -6.51 5.28 -2.76
C TYR A 43 -5.24 5.65 -2.01
N LEU A 44 -5.32 6.64 -1.11
CA LEU A 44 -4.16 7.04 -0.31
C LEU A 44 -4.19 6.37 1.05
N GLY A 45 -3.01 5.96 1.53
CA GLY A 45 -2.91 5.29 2.81
C GLY A 45 -1.51 5.29 3.38
N THR A 46 -1.37 4.73 4.58
CA THR A 46 -0.09 4.60 5.27
C THR A 46 0.09 3.16 5.72
N ILE A 47 1.29 2.63 5.51
CA ILE A 47 1.60 1.23 5.83
C ILE A 47 1.60 0.94 7.32
N LYS A 48 0.67 0.05 7.71
CA LYS A 48 0.53 -0.40 9.09
C LYS A 48 1.33 -1.68 9.32
N LYS A 49 1.43 -2.50 8.25
CA LYS A 49 2.17 -3.77 8.30
C LYS A 49 2.81 -4.06 6.95
N VAL A 50 3.74 -5.02 6.93
CA VAL A 50 4.46 -5.40 5.71
C VAL A 50 4.63 -6.92 5.62
N ASP A 51 4.40 -7.45 4.42
CA ASP A 51 4.53 -8.88 4.13
C ASP A 51 5.51 -9.07 2.97
N SER A 52 6.81 -9.09 3.31
CA SER A 52 7.88 -9.26 2.31
C SER A 52 8.04 -10.71 1.84
N ALA A 53 7.17 -11.60 2.32
CA ALA A 53 7.21 -13.02 1.94
C ALA A 53 6.35 -13.30 0.71
N ARG A 54 5.14 -12.73 0.70
CA ARG A 54 4.20 -12.91 -0.42
C ARG A 54 4.05 -11.62 -1.25
N GLU A 55 4.92 -10.62 -0.97
CA GLU A 55 4.91 -9.31 -1.66
C GLU A 55 3.59 -8.56 -1.43
N VAL A 56 3.21 -8.45 -0.15
CA VAL A 56 1.97 -7.76 0.26
C VAL A 56 2.26 -6.85 1.46
N CYS A 57 1.33 -5.91 1.72
CA CYS A 57 1.45 -4.96 2.84
C CYS A 57 0.08 -4.45 3.27
N LEU A 58 -0.07 -4.23 4.57
CA LEU A 58 -1.31 -3.70 5.12
C LEU A 58 -1.16 -2.21 5.32
N VAL A 59 -2.18 -1.46 4.90
CA VAL A 59 -2.14 -0.01 4.99
C VAL A 59 -3.47 0.54 5.50
N GLN A 60 -3.37 1.62 6.30
CA GLN A 60 -4.54 2.32 6.84
C GLN A 60 -4.85 3.47 5.89
N PHE A 61 -6.14 3.73 5.67
CA PHE A 61 -6.56 4.77 4.74
C PHE A 61 -7.16 5.99 5.44
N GLU A 62 -7.24 7.10 4.68
CA GLU A 62 -7.77 8.38 5.17
C GLU A 62 -9.17 8.26 5.80
N ASP A 63 -10.05 7.46 5.17
CA ASP A 63 -11.40 7.27 5.68
C ASP A 63 -11.46 6.11 6.72
N ASP A 64 -10.36 5.94 7.48
CA ASP A 64 -10.22 4.92 8.55
C ASP A 64 -10.56 3.48 8.06
N SER A 65 -9.83 3.02 7.04
CA SER A 65 -10.04 1.69 6.50
C SER A 65 -8.75 0.88 6.47
N GLN A 66 -8.82 -0.34 7.00
CA GLN A 66 -7.69 -1.26 6.99
C GLN A 66 -7.86 -2.20 5.81
N PHE A 67 -7.25 -1.83 4.69
CA PHE A 67 -7.37 -2.59 3.45
C PHE A 67 -6.01 -3.11 3.01
N LEU A 68 -5.96 -4.45 2.80
CA LEU A 68 -4.73 -5.13 2.36
C LEU A 68 -4.46 -4.87 0.89
N VAL A 69 -3.23 -4.51 0.59
CA VAL A 69 -2.82 -4.22 -0.78
C VAL A 69 -1.55 -4.95 -1.17
N LEU A 70 -1.44 -5.25 -2.47
CA LEU A 70 -0.28 -5.93 -3.04
C LEU A 70 0.77 -4.92 -3.48
N TRP A 71 2.05 -5.31 -3.41
CA TRP A 71 3.18 -4.45 -3.80
C TRP A 71 3.12 -4.04 -5.29
N LYS A 72 2.28 -4.75 -6.06
CA LYS A 72 2.10 -4.46 -7.49
C LYS A 72 0.99 -3.42 -7.71
N ASP A 73 0.04 -3.37 -6.77
CA ASP A 73 -1.09 -2.42 -6.83
C ASP A 73 -0.81 -1.18 -5.98
N ILE A 74 0.41 -1.10 -5.42
CA ILE A 74 0.80 0.03 -4.57
C ILE A 74 1.76 0.96 -5.29
N SER A 75 1.54 2.27 -5.07
CA SER A 75 2.37 3.33 -5.64
C SER A 75 2.79 4.31 -4.54
N PRO A 76 4.08 4.33 -4.09
CA PRO A 76 4.54 5.25 -3.03
C PRO A 76 4.22 6.73 -3.31
N ALA A 77 3.47 7.33 -2.39
CA ALA A 77 3.06 8.75 -2.49
C ALA A 77 4.19 9.70 -2.11
N ALA A 78 4.17 10.90 -2.70
CA ALA A 78 5.18 11.92 -2.44
C ALA A 78 4.58 13.14 -1.74
N LEU A 79 3.40 13.57 -2.21
CA LEU A 79 2.71 14.72 -1.64
C LEU A 79 1.37 14.31 -1.02
N ALA B 1 -23.73 7.89 2.38
CA ALA B 1 -22.95 9.01 2.97
C ALA B 1 -21.61 8.53 3.50
N THR B 2 -20.56 9.34 3.25
CA THR B 2 -19.17 9.05 3.68
C THR B 2 -18.62 7.77 3.04
N GLY B 3 -17.54 7.91 2.28
CA GLY B 3 -16.92 6.77 1.61
C GLY B 3 -15.94 7.19 0.53
N GLY B 4 -14.94 7.97 0.93
CA GLY B 4 -13.92 8.44 -0.01
C GLY B 4 -13.43 9.84 0.32
N VAL B 5 -12.68 9.97 1.42
CA VAL B 5 -12.14 11.25 1.85
C VAL B 5 -10.62 11.34 1.57
N M3L B 6 -10.06 10.27 0.98
CA M3L B 6 -8.62 10.18 0.65
CB M3L B 6 -8.29 8.81 0.04
CG M3L B 6 -8.64 7.64 0.94
CD M3L B 6 -9.98 7.04 0.57
CE M3L B 6 -10.55 6.19 1.72
NZ M3L B 6 -10.82 4.74 1.39
C M3L B 6 -8.18 11.28 -0.33
O M3L B 6 -9.02 11.87 -1.03
CM1 M3L B 6 -9.59 4.03 0.96
CM2 M3L B 6 -11.89 4.65 0.35
CM3 M3L B 6 -11.30 4.05 2.62
H M3L B 6 -10.63 9.49 0.79
HA M3L B 6 -8.07 10.30 1.57
HB2 M3L B 6 -7.24 8.78 -0.17
HB3 M3L B 6 -8.84 8.70 -0.88
HG2 M3L B 6 -8.69 7.99 1.96
HG3 M3L B 6 -7.87 6.88 0.86
HD2 M3L B 6 -9.85 6.40 -0.29
HD3 M3L B 6 -10.66 7.83 0.33
HE2 M3L B 6 -11.48 6.65 2.03
HE3 M3L B 6 -9.86 6.23 2.55
HM11 M3L B 6 -9.19 3.38 1.73
HM12 M3L B 6 -8.79 4.70 0.68
HM13 M3L B 6 -9.76 3.39 0.11
HM21 M3L B 6 -12.66 5.40 0.48
HM22 M3L B 6 -12.39 3.70 0.35
HM23 M3L B 6 -11.50 4.78 -0.65
HM31 M3L B 6 -12.34 4.25 2.82
HM32 M3L B 6 -10.76 4.34 3.49
HM33 M3L B 6 -11.21 2.97 2.54
N LYS B 7 -6.88 11.55 -0.36
CA LYS B 7 -6.30 12.57 -1.24
C LYS B 7 -5.07 12.02 -2.02
N PRO B 8 -5.27 10.98 -2.89
CA PRO B 8 -4.18 10.36 -3.70
C PRO B 8 -3.53 11.32 -4.72
N HIS B 9 -2.96 10.74 -5.80
CA HIS B 9 -2.28 11.50 -6.87
C HIS B 9 -3.19 12.57 -7.49
N ARG B 10 -4.46 12.22 -7.73
CA ARG B 10 -5.46 13.11 -8.31
C ARG B 10 -6.85 12.81 -7.76
N TYR B 11 -7.16 11.52 -7.62
CA TYR B 11 -8.46 11.08 -7.11
C TYR B 11 -8.29 9.97 -6.07
N SER A 1 -21.06 -16.87 -18.83
CA SER A 1 -20.25 -15.92 -18.01
C SER A 1 -20.14 -16.40 -16.57
N ARG A 2 -18.98 -16.15 -15.96
CA ARG A 2 -18.73 -16.54 -14.57
C ARG A 2 -18.70 -15.33 -13.65
N LEU A 3 -19.47 -15.40 -12.55
CA LEU A 3 -19.55 -14.31 -11.59
C LEU A 3 -19.37 -14.83 -10.15
N SER A 4 -20.03 -15.96 -9.84
CA SER A 4 -19.95 -16.57 -8.51
C SER A 4 -19.37 -17.98 -8.60
N ARG A 5 -18.58 -18.36 -7.60
CA ARG A 5 -17.97 -19.68 -7.53
C ARG A 5 -18.70 -20.58 -6.55
N SER A 6 -19.23 -21.70 -7.06
CA SER A 6 -19.96 -22.67 -6.24
C SER A 6 -19.51 -24.10 -6.57
N GLY A 7 -18.89 -24.75 -5.58
CA GLY A 7 -18.42 -26.12 -5.75
C GLY A 7 -16.96 -26.17 -6.19
N ALA A 8 -16.09 -25.47 -5.47
CA ALA A 8 -14.67 -25.43 -5.77
C ALA A 8 -13.86 -26.16 -4.70
N SER A 9 -12.76 -26.80 -5.13
CA SER A 9 -11.88 -27.54 -4.23
C SER A 9 -10.65 -26.73 -3.87
N SER A 10 -10.36 -26.65 -2.55
CA SER A 10 -9.20 -25.91 -2.01
C SER A 10 -9.29 -24.40 -2.30
N LEU A 11 -9.24 -23.60 -1.23
CA LEU A 11 -9.31 -22.13 -1.34
C LEU A 11 -7.91 -21.51 -1.36
N TRP A 12 -6.95 -22.19 -0.73
CA TRP A 12 -5.57 -21.71 -0.66
C TRP A 12 -4.60 -22.81 -1.05
N ASP A 13 -3.50 -22.43 -1.72
CA ASP A 13 -2.48 -23.37 -2.17
C ASP A 13 -1.33 -23.46 -1.16
N PRO A 14 -0.88 -24.70 -0.78
CA PRO A 14 0.23 -24.87 0.18
C PRO A 14 1.61 -24.52 -0.42
N ALA A 15 2.39 -23.74 0.35
CA ALA A 15 3.73 -23.33 -0.08
C ALA A 15 4.83 -24.05 0.69
N SER A 16 4.47 -24.59 1.88
CA SER A 16 5.39 -25.33 2.78
C SER A 16 6.55 -24.43 3.31
N PRO A 17 7.21 -24.79 4.46
CA PRO A 17 8.32 -23.98 5.02
C PRO A 17 9.55 -23.94 4.11
N ALA A 18 10.01 -22.72 3.82
CA ALA A 18 11.18 -22.50 2.97
C ALA A 18 12.18 -21.53 3.62
N PRO A 19 13.50 -21.53 3.21
CA PRO A 19 14.52 -20.62 3.78
C PRO A 19 14.20 -19.14 3.52
N THR A 20 14.84 -18.25 4.30
CA THR A 20 14.65 -16.82 4.16
C THR A 20 15.70 -16.19 3.24
N SER A 21 15.28 -15.15 2.52
CA SER A 21 16.16 -14.44 1.59
C SER A 21 16.23 -12.95 1.94
N GLY A 22 17.20 -12.24 1.32
CA GLY A 22 17.36 -10.81 1.57
C GLY A 22 16.37 -9.95 0.80
N PRO A 23 15.37 -9.32 1.47
CA PRO A 23 14.37 -8.47 0.79
C PRO A 23 14.89 -7.07 0.44
N ARG A 24 14.20 -6.41 -0.50
CA ARG A 24 14.57 -5.07 -0.96
C ARG A 24 13.65 -4.01 -0.32
N PRO A 25 14.18 -2.79 0.01
CA PRO A 25 13.39 -1.71 0.62
C PRO A 25 12.37 -1.08 -0.34
N ARG A 26 11.10 -1.04 0.08
CA ARG A 26 10.01 -0.47 -0.74
C ARG A 26 8.77 -0.20 0.12
N LEU A 27 8.49 -1.11 1.07
CA LEU A 27 7.33 -1.00 1.95
C LEU A 27 7.76 -1.07 3.42
N TRP A 28 7.35 -0.05 4.20
CA TRP A 28 7.68 0.01 5.64
C TRP A 28 6.54 0.69 6.41
N GLU A 29 6.54 0.52 7.75
CA GLU A 29 5.50 1.11 8.61
C GLU A 29 5.53 2.64 8.56
N GLY A 30 4.43 3.22 8.05
CA GLY A 30 4.32 4.67 7.92
C GLY A 30 4.73 5.15 6.54
N GLN A 31 4.46 4.32 5.52
CA GLN A 31 4.79 4.63 4.14
C GLN A 31 3.53 5.00 3.38
N ASP A 32 3.40 6.31 3.03
CA ASP A 32 2.24 6.79 2.27
C ASP A 32 2.21 6.11 0.90
N VAL A 33 1.25 5.22 0.73
CA VAL A 33 1.11 4.43 -0.49
C VAL A 33 -0.17 4.76 -1.25
N LEU A 34 -0.18 4.30 -2.50
CA LEU A 34 -1.32 4.46 -3.37
C LEU A 34 -1.83 3.09 -3.77
N ALA A 35 -2.90 2.69 -3.10
CA ALA A 35 -3.52 1.39 -3.30
C ALA A 35 -4.61 1.52 -4.36
N ARG A 36 -4.34 0.93 -5.54
CA ARG A 36 -5.27 0.98 -6.67
C ARG A 36 -6.51 0.12 -6.41
N TRP A 37 -7.69 0.76 -6.47
CA TRP A 37 -8.97 0.08 -6.25
C TRP A 37 -9.48 -0.56 -7.56
N THR A 38 -10.17 -1.70 -7.40
CA THR A 38 -10.69 -2.48 -8.55
C THR A 38 -11.81 -1.79 -9.34
N ASP A 39 -12.26 -0.63 -8.88
CA ASP A 39 -13.33 0.11 -9.57
C ASP A 39 -12.76 1.08 -10.61
N GLY A 40 -11.44 1.28 -10.58
CA GLY A 40 -10.78 2.17 -11.53
C GLY A 40 -10.16 3.39 -10.87
N LEU A 41 -10.57 3.68 -9.63
CA LEU A 41 -10.06 4.82 -8.89
C LEU A 41 -8.96 4.40 -7.92
N LEU A 42 -8.04 5.33 -7.66
CA LEU A 42 -6.92 5.10 -6.75
C LEU A 42 -7.31 5.42 -5.29
N TYR A 43 -6.47 4.97 -4.35
CA TYR A 43 -6.69 5.18 -2.91
C TYR A 43 -5.38 5.54 -2.22
N LEU A 44 -5.41 6.55 -1.35
CA LEU A 44 -4.23 6.97 -0.60
C LEU A 44 -4.21 6.30 0.76
N GLY A 45 -3.03 5.90 1.20
CA GLY A 45 -2.90 5.23 2.50
C GLY A 45 -1.51 5.30 3.09
N THR A 46 -1.38 4.70 4.29
CA THR A 46 -0.10 4.63 5.01
C THR A 46 0.09 3.21 5.53
N ILE A 47 1.25 2.64 5.25
CA ILE A 47 1.58 1.25 5.62
C ILE A 47 1.57 1.00 7.13
N LYS A 48 0.69 0.08 7.53
CA LYS A 48 0.55 -0.35 8.91
C LYS A 48 1.34 -1.64 9.13
N LYS A 49 1.41 -2.48 8.09
CA LYS A 49 2.12 -3.76 8.13
C LYS A 49 2.77 -4.05 6.78
N VAL A 50 3.77 -4.95 6.78
CA VAL A 50 4.49 -5.33 5.56
C VAL A 50 4.68 -6.84 5.50
N ASP A 51 4.41 -7.39 4.31
CA ASP A 51 4.56 -8.82 4.04
C ASP A 51 5.51 -9.02 2.85
N SER A 52 6.82 -9.01 3.14
CA SER A 52 7.87 -9.17 2.12
C SER A 52 8.03 -10.64 1.65
N ALA A 53 7.26 -11.55 2.25
CA ALA A 53 7.31 -12.97 1.91
C ALA A 53 6.34 -13.31 0.77
N ARG A 54 5.14 -12.71 0.82
CA ARG A 54 4.11 -12.93 -0.21
C ARG A 54 3.93 -11.70 -1.11
N GLU A 55 4.84 -10.71 -0.97
CA GLU A 55 4.80 -9.45 -1.75
C GLU A 55 3.50 -8.66 -1.50
N VAL A 56 3.14 -8.56 -0.21
CA VAL A 56 1.92 -7.85 0.21
C VAL A 56 2.23 -6.91 1.38
N CYS A 57 1.31 -5.99 1.67
CA CYS A 57 1.45 -5.02 2.77
C CYS A 57 0.10 -4.48 3.21
N LEU A 58 -0.02 -4.24 4.51
CA LEU A 58 -1.25 -3.69 5.08
C LEU A 58 -1.10 -2.20 5.22
N VAL A 59 -2.13 -1.47 4.80
CA VAL A 59 -2.09 -0.01 4.85
C VAL A 59 -3.41 0.56 5.37
N GLN A 60 -3.28 1.64 6.14
CA GLN A 60 -4.44 2.35 6.69
C GLN A 60 -4.77 3.49 5.74
N PHE A 61 -6.06 3.69 5.48
CA PHE A 61 -6.49 4.70 4.54
C PHE A 61 -7.10 5.93 5.21
N GLU A 62 -7.26 7.00 4.40
CA GLU A 62 -7.78 8.30 4.85
C GLU A 62 -9.15 8.20 5.54
N ASP A 63 -10.05 7.39 4.99
CA ASP A 63 -11.38 7.23 5.56
C ASP A 63 -11.42 6.07 6.60
N ASP A 64 -10.29 5.91 7.33
CA ASP A 64 -10.13 4.89 8.40
C ASP A 64 -10.46 3.46 7.94
N SER A 65 -9.75 3.00 6.91
CA SER A 65 -9.94 1.65 6.38
C SER A 65 -8.65 0.85 6.38
N GLN A 66 -8.70 -0.34 6.98
CA GLN A 66 -7.55 -1.25 7.00
C GLN A 66 -7.73 -2.24 5.87
N PHE A 67 -7.15 -1.90 4.72
CA PHE A 67 -7.28 -2.70 3.51
C PHE A 67 -5.93 -3.24 3.06
N LEU A 68 -5.86 -4.56 2.88
CA LEU A 68 -4.64 -5.26 2.44
C LEU A 68 -4.42 -5.03 0.95
N VAL A 69 -3.22 -4.61 0.62
CA VAL A 69 -2.87 -4.36 -0.78
C VAL A 69 -1.57 -5.06 -1.20
N LEU A 70 -1.51 -5.39 -2.48
CA LEU A 70 -0.36 -6.07 -3.08
C LEU A 70 0.66 -5.03 -3.56
N TRP A 71 1.95 -5.39 -3.49
CA TRP A 71 3.05 -4.49 -3.93
C TRP A 71 2.92 -4.12 -5.42
N LYS A 72 2.08 -4.87 -6.14
CA LYS A 72 1.82 -4.64 -7.58
C LYS A 72 0.78 -3.53 -7.77
N ASP A 73 -0.21 -3.50 -6.87
CA ASP A 73 -1.29 -2.50 -6.91
C ASP A 73 -0.97 -1.27 -6.04
N ILE A 74 0.26 -1.23 -5.52
CA ILE A 74 0.69 -0.11 -4.67
C ILE A 74 1.66 0.83 -5.40
N SER A 75 1.47 2.14 -5.18
CA SER A 75 2.30 3.18 -5.78
C SER A 75 2.75 4.18 -4.69
N PRO A 76 4.06 4.19 -4.28
CA PRO A 76 4.56 5.11 -3.25
C PRO A 76 4.24 6.58 -3.53
N ALA A 77 3.56 7.22 -2.56
CA ALA A 77 3.14 8.64 -2.66
C ALA A 77 4.32 9.60 -2.49
N ALA A 78 5.29 9.22 -1.65
CA ALA A 78 6.47 10.04 -1.39
C ALA A 78 7.65 9.63 -2.27
N LEU A 79 8.24 10.61 -2.94
CA LEU A 79 9.37 10.37 -3.83
C LEU A 79 10.69 10.78 -3.16
N ALA B 1 -12.35 24.93 6.41
CA ALA B 1 -12.79 23.63 5.84
C ALA B 1 -12.07 22.47 6.52
N THR B 2 -12.81 21.37 6.70
CA THR B 2 -12.27 20.16 7.35
C THR B 2 -12.14 19.02 6.36
N GLY B 3 -11.05 18.26 6.48
CA GLY B 3 -10.80 17.12 5.59
C GLY B 3 -10.88 15.79 6.32
N GLY B 4 -11.36 14.76 5.60
CA GLY B 4 -11.49 13.44 6.17
C GLY B 4 -11.62 12.34 5.12
N VAL B 5 -11.86 12.74 3.87
CA VAL B 5 -12.02 11.81 2.75
C VAL B 5 -10.68 11.62 1.99
N M3L B 6 -10.61 10.58 1.15
CA M3L B 6 -9.41 10.25 0.35
CB M3L B 6 -9.64 9.02 -0.56
CG M3L B 6 -10.48 7.91 0.06
CD M3L B 6 -9.61 6.79 0.61
CE M3L B 6 -10.33 6.00 1.73
NZ M3L B 6 -10.83 4.62 1.35
C M3L B 6 -8.98 11.43 -0.54
O M3L B 6 -9.81 12.04 -1.21
CM1 M3L B 6 -9.71 3.70 1.01
CM2 M3L B 6 -11.81 4.70 0.23
CM3 M3L B 6 -11.50 4.01 2.52
H M3L B 6 -11.40 9.99 1.08
HA M3L B 6 -8.60 10.03 1.03
HB2 M3L B 6 -8.68 8.61 -0.84
HB3 M3L B 6 -10.14 9.36 -1.45
HG2 M3L B 6 -11.12 7.49 -0.71
HG3 M3L B 6 -11.06 8.31 0.85
HD2 M3L B 6 -8.70 7.22 1.01
HD3 M3L B 6 -9.36 6.11 -0.19
HE2 M3L B 6 -11.19 6.59 2.05
HE3 M3L B 6 -9.66 5.91 2.56
HM11 M3L B 6 -8.85 4.21 0.60
HM12 M3L B 6 -9.98 2.96 0.27
HM13 M3L B 6 -9.34 3.14 1.86
HM21 M3L B 6 -11.33 4.87 -0.73
HM22 M3L B 6 -12.52 5.50 0.35
HM23 M3L B 6 -12.39 3.79 0.11
HM31 M3L B 6 -11.05 4.31 3.46
HM32 M3L B 6 -11.48 2.94 2.51
HM33 M3L B 6 -12.54 4.29 2.58
N LYS B 7 -7.67 11.72 -0.54
CA LYS B 7 -7.11 12.79 -1.37
C LYS B 7 -5.80 12.33 -2.08
N PRO B 8 -5.84 11.18 -2.84
CA PRO B 8 -4.65 10.64 -3.55
C PRO B 8 -4.27 11.40 -4.83
N HIS B 9 -3.54 10.70 -5.69
CA HIS B 9 -3.05 11.18 -6.99
C HIS B 9 -4.20 11.69 -7.87
N ARG B 10 -3.85 12.38 -8.97
CA ARG B 10 -4.84 12.91 -9.90
C ARG B 10 -5.04 11.97 -11.09
N TYR B 11 -5.48 10.73 -10.79
CA TYR B 11 -5.72 9.71 -11.81
C TYR B 11 -7.21 9.59 -12.10
N SER A 1 -17.66 11.04 -3.45
CA SER A 1 -18.05 9.61 -3.23
C SER A 1 -19.41 9.51 -2.54
N ARG A 2 -19.64 10.39 -1.55
CA ARG A 2 -20.89 10.41 -0.80
C ARG A 2 -21.79 11.57 -1.22
N LEU A 3 -21.17 12.74 -1.43
CA LEU A 3 -21.90 13.95 -1.86
C LEU A 3 -21.82 14.14 -3.38
N SER A 4 -20.65 13.85 -3.95
CA SER A 4 -20.43 13.98 -5.40
C SER A 4 -20.66 12.66 -6.12
N ARG A 5 -20.94 12.74 -7.43
CA ARG A 5 -21.18 11.56 -8.27
C ARG A 5 -19.87 10.96 -8.78
N SER A 6 -18.95 11.83 -9.22
CA SER A 6 -17.65 11.42 -9.73
C SER A 6 -16.51 11.96 -8.87
N GLY A 7 -16.68 13.20 -8.38
CA GLY A 7 -15.68 13.83 -7.54
C GLY A 7 -15.25 15.18 -8.10
N ALA A 8 -13.98 15.53 -7.87
CA ALA A 8 -13.43 16.80 -8.34
C ALA A 8 -12.56 16.59 -9.59
N SER A 9 -12.95 17.25 -10.68
CA SER A 9 -12.23 17.14 -11.94
C SER A 9 -11.84 18.52 -12.47
N SER A 10 -12.84 19.44 -12.54
CA SER A 10 -12.65 20.83 -13.02
C SER A 10 -12.07 20.89 -14.45
N LEU A 11 -11.91 22.10 -14.99
CA LEU A 11 -11.37 22.31 -16.33
C LEU A 11 -9.82 22.41 -16.31
N TRP A 12 -9.21 21.72 -15.33
CA TRP A 12 -7.76 21.71 -15.18
C TRP A 12 -7.25 20.28 -15.01
N ASP A 13 -6.08 20.00 -15.58
CA ASP A 13 -5.46 18.68 -15.50
C ASP A 13 -4.26 18.69 -14.55
N PRO A 14 -4.10 17.64 -13.68
CA PRO A 14 -2.98 17.56 -12.72
C PRO A 14 -1.63 17.24 -13.40
N ALA A 15 -1.11 18.23 -14.14
CA ALA A 15 0.17 18.08 -14.85
C ALA A 15 1.28 18.91 -14.19
N SER A 16 0.88 19.92 -13.40
CA SER A 16 1.83 20.80 -12.72
C SER A 16 1.98 20.44 -11.23
N PRO A 17 0.87 20.23 -10.43
CA PRO A 17 0.98 19.88 -8.99
C PRO A 17 1.54 18.48 -8.74
N ALA A 18 1.62 17.66 -9.80
CA ALA A 18 2.13 16.30 -9.69
C ALA A 18 3.58 16.22 -10.22
N PRO A 19 4.61 16.30 -9.31
CA PRO A 19 6.02 16.23 -9.72
C PRO A 19 6.54 14.79 -9.84
N THR A 20 6.21 13.94 -8.86
CA THR A 20 6.64 12.55 -8.84
C THR A 20 5.54 11.62 -8.32
N SER A 21 5.61 10.35 -8.70
CA SER A 21 4.63 9.34 -8.27
C SER A 21 5.29 8.18 -7.54
N GLY A 22 6.61 7.99 -7.75
CA GLY A 22 7.35 6.92 -7.12
C GLY A 22 8.78 6.81 -7.62
N PRO A 23 9.78 7.48 -6.95
CA PRO A 23 11.19 7.43 -7.38
C PRO A 23 11.85 6.07 -7.11
N ARG A 24 11.61 5.51 -5.91
CA ARG A 24 12.16 4.22 -5.53
C ARG A 24 11.10 3.35 -4.83
N PRO A 25 10.89 2.08 -5.28
CA PRO A 25 9.89 1.18 -4.67
C PRO A 25 10.35 0.59 -3.32
N ARG A 26 9.50 0.76 -2.29
CA ARG A 26 9.78 0.24 -0.95
C ARG A 26 8.48 -0.04 -0.19
N LEU A 27 8.61 -0.71 0.96
CA LEU A 27 7.49 -1.05 1.83
C LEU A 27 7.96 -1.16 3.29
N TRP A 28 7.50 -0.22 4.13
CA TRP A 28 7.86 -0.17 5.55
C TRP A 28 6.73 0.45 6.38
N GLU A 29 6.76 0.21 7.70
CA GLU A 29 5.74 0.74 8.63
C GLU A 29 5.76 2.27 8.68
N GLY A 30 4.65 2.88 8.24
CA GLY A 30 4.54 4.33 8.21
C GLY A 30 4.91 4.91 6.85
N GLN A 31 4.67 4.12 5.81
CA GLN A 31 4.98 4.52 4.45
C GLN A 31 3.69 4.94 3.73
N ASP A 32 3.65 6.22 3.30
CA ASP A 32 2.49 6.74 2.57
C ASP A 32 2.45 6.09 1.19
N VAL A 33 1.46 5.22 1.00
CA VAL A 33 1.31 4.47 -0.23
C VAL A 33 0.05 4.84 -1.01
N LEU A 34 0.05 4.40 -2.26
CA LEU A 34 -1.07 4.62 -3.15
C LEU A 34 -1.61 3.27 -3.58
N ALA A 35 -2.70 2.88 -2.94
CA ALA A 35 -3.36 1.62 -3.19
C ALA A 35 -4.45 1.81 -4.23
N ARG A 36 -4.19 1.31 -5.44
CA ARG A 36 -5.11 1.42 -6.56
C ARG A 36 -6.35 0.55 -6.35
N TRP A 37 -7.53 1.16 -6.52
CA TRP A 37 -8.80 0.44 -6.34
C TRP A 37 -9.32 -0.09 -7.68
N THR A 38 -10.19 -1.11 -7.60
CA THR A 38 -10.77 -1.78 -8.79
C THR A 38 -11.81 -0.93 -9.55
N ASP A 39 -12.18 0.21 -8.98
CA ASP A 39 -13.17 1.11 -9.62
C ASP A 39 -12.48 2.17 -10.49
N GLY A 40 -11.14 2.11 -10.56
CA GLY A 40 -10.38 3.05 -11.35
C GLY A 40 -9.79 4.19 -10.53
N LEU A 41 -10.26 4.34 -9.29
CA LEU A 41 -9.79 5.40 -8.40
C LEU A 41 -8.64 4.92 -7.52
N LEU A 42 -7.75 5.88 -7.18
CA LEU A 42 -6.60 5.62 -6.33
C LEU A 42 -6.97 5.83 -4.86
N TYR A 43 -6.15 5.28 -3.95
CA TYR A 43 -6.37 5.38 -2.51
C TYR A 43 -5.07 5.72 -1.81
N LEU A 44 -5.11 6.74 -0.95
CA LEU A 44 -3.93 7.17 -0.20
C LEU A 44 -3.94 6.52 1.19
N GLY A 45 -2.80 5.96 1.58
CA GLY A 45 -2.69 5.30 2.88
C GLY A 45 -1.28 5.28 3.43
N THR A 46 -1.16 4.66 4.61
CA THR A 46 0.14 4.50 5.30
C THR A 46 0.28 3.05 5.72
N ILE A 47 1.48 2.50 5.54
CA ILE A 47 1.75 1.09 5.83
C ILE A 47 1.75 0.77 7.33
N LYS A 48 0.79 -0.08 7.71
CA LYS A 48 0.64 -0.54 9.09
C LYS A 48 1.35 -1.88 9.27
N LYS A 49 1.38 -2.69 8.20
CA LYS A 49 2.04 -3.99 8.20
C LYS A 49 2.72 -4.27 6.86
N VAL A 50 3.63 -5.24 6.85
CA VAL A 50 4.37 -5.61 5.64
C VAL A 50 4.50 -7.13 5.50
N ASP A 51 4.20 -7.62 4.29
CA ASP A 51 4.30 -9.03 3.96
C ASP A 51 5.24 -9.23 2.78
N SER A 52 6.55 -9.27 3.07
CA SER A 52 7.60 -9.44 2.05
C SER A 52 7.71 -10.87 1.53
N ALA A 53 6.89 -11.77 2.08
CA ALA A 53 6.90 -13.19 1.67
C ALA A 53 5.94 -13.44 0.51
N ARG A 54 4.77 -12.81 0.57
CA ARG A 54 3.74 -12.95 -0.48
C ARG A 54 3.61 -11.68 -1.33
N GLU A 55 4.55 -10.72 -1.14
CA GLU A 55 4.56 -9.43 -1.86
C GLU A 55 3.28 -8.61 -1.59
N VAL A 56 2.93 -8.54 -0.30
CA VAL A 56 1.73 -7.81 0.16
C VAL A 56 2.08 -6.91 1.35
N CYS A 57 1.20 -5.94 1.65
CA CYS A 57 1.39 -5.02 2.79
C CYS A 57 0.04 -4.46 3.24
N LEU A 58 -0.10 -4.29 4.56
CA LEU A 58 -1.32 -3.73 5.13
C LEU A 58 -1.11 -2.25 5.33
N VAL A 59 -2.12 -1.47 4.94
CA VAL A 59 -2.03 -0.02 5.04
C VAL A 59 -3.34 0.59 5.57
N GLN A 60 -3.19 1.64 6.37
CA GLN A 60 -4.32 2.38 6.91
C GLN A 60 -4.63 3.52 5.94
N PHE A 61 -5.91 3.75 5.67
CA PHE A 61 -6.31 4.75 4.70
C PHE A 61 -6.86 6.04 5.31
N GLU A 62 -7.03 7.05 4.44
CA GLU A 62 -7.52 8.39 4.82
C GLU A 62 -8.88 8.36 5.52
N ASP A 63 -9.80 7.53 5.01
CA ASP A 63 -11.14 7.42 5.61
C ASP A 63 -11.18 6.29 6.67
N ASP A 64 -10.04 6.11 7.38
CA ASP A 64 -9.89 5.11 8.47
C ASP A 64 -10.27 3.68 8.04
N SER A 65 -9.58 3.18 7.01
CA SER A 65 -9.82 1.83 6.50
C SER A 65 -8.55 0.99 6.49
N GLN A 66 -8.65 -0.21 7.05
CA GLN A 66 -7.53 -1.16 7.06
C GLN A 66 -7.74 -2.12 5.89
N PHE A 67 -7.12 -1.77 4.77
CA PHE A 67 -7.27 -2.54 3.54
C PHE A 67 -5.94 -3.12 3.08
N LEU A 68 -5.92 -4.45 2.88
CA LEU A 68 -4.73 -5.18 2.45
C LEU A 68 -4.45 -4.94 0.95
N VAL A 69 -3.26 -4.44 0.64
CA VAL A 69 -2.88 -4.15 -0.75
C VAL A 69 -1.62 -4.89 -1.18
N LEU A 70 -1.57 -5.19 -2.48
CA LEU A 70 -0.45 -5.88 -3.11
C LEU A 70 0.61 -4.87 -3.55
N TRP A 71 1.89 -5.28 -3.46
CA TRP A 71 3.03 -4.42 -3.85
C TRP A 71 2.94 -3.97 -5.32
N LYS A 72 2.07 -4.64 -6.09
CA LYS A 72 1.86 -4.33 -7.51
C LYS A 72 0.86 -3.17 -7.66
N ASP A 73 -0.20 -3.21 -6.84
CA ASP A 73 -1.25 -2.18 -6.85
C ASP A 73 -0.88 -0.97 -5.96
N ILE A 74 0.34 -0.99 -5.41
CA ILE A 74 0.81 0.08 -4.53
C ILE A 74 1.80 1.00 -5.25
N SER A 75 1.65 2.30 -4.99
CA SER A 75 2.52 3.34 -5.56
C SER A 75 2.99 4.28 -4.43
N PRO A 76 4.29 4.21 -3.99
CA PRO A 76 4.81 5.08 -2.91
C PRO A 76 4.57 6.57 -3.17
N ALA A 77 3.87 7.22 -2.22
CA ALA A 77 3.54 8.65 -2.31
C ALA A 77 4.77 9.54 -2.11
N ALA A 78 4.95 10.48 -3.04
CA ALA A 78 6.07 11.41 -2.99
C ALA A 78 5.60 12.86 -3.02
N LEU A 79 6.43 13.76 -2.47
CA LEU A 79 6.11 15.20 -2.41
C LEU A 79 6.70 15.94 -3.61
N ALA B 1 -8.19 22.43 6.56
CA ALA B 1 -6.82 21.94 6.26
C ALA B 1 -6.79 20.41 6.18
N THR B 2 -7.49 19.74 7.11
CA THR B 2 -7.55 18.28 7.16
C THR B 2 -8.96 17.79 6.86
N GLY B 3 -9.05 16.63 6.19
CA GLY B 3 -10.32 16.05 5.83
C GLY B 3 -10.41 14.58 6.18
N GLY B 4 -11.63 14.03 6.15
CA GLY B 4 -11.85 12.63 6.47
C GLY B 4 -11.92 11.74 5.23
N VAL B 5 -12.00 12.36 4.05
CA VAL B 5 -12.07 11.64 2.79
C VAL B 5 -10.67 11.51 2.15
N M3L B 6 -10.55 10.56 1.20
CA M3L B 6 -9.28 10.29 0.48
CB M3L B 6 -9.44 9.12 -0.50
CG M3L B 6 -10.27 7.95 0.04
CD M3L B 6 -9.39 6.84 0.60
CE M3L B 6 -10.10 6.09 1.74
NZ M3L B 6 -10.60 4.69 1.40
C M3L B 6 -8.77 11.53 -0.27
O M3L B 6 -9.56 12.33 -0.76
CM1 M3L B 6 -9.47 3.76 1.10
CM2 M3L B 6 -11.55 4.74 0.25
CM3 M3L B 6 -11.29 4.13 2.58
H M3L B 6 -11.33 10.01 0.99
HA M3L B 6 -8.55 10.02 1.23
HB2 M3L B 6 -8.45 8.75 -0.76
HB3 M3L B 6 -9.92 9.49 -1.40
HG2 M3L B 6 -10.86 7.55 -0.77
HG3 M3L B 6 -10.91 8.31 0.81
HD2 M3L B 6 -8.47 7.28 0.98
HD3 M3L B 6 -9.15 6.15 -0.19
HE2 M3L B 6 -10.96 6.68 2.06
HE3 M3L B 6 -9.42 6.02 2.57
HM11 M3L B 6 -9.15 3.20 1.97
HM12 M3L B 6 -8.60 4.27 0.74
HM13 M3L B 6 -9.73 3.03 0.35
HM21 M3L B 6 -11.06 4.83 -0.70
HM22 M3L B 6 -12.23 5.57 0.32
HM23 M3L B 6 -12.17 3.86 0.19
HM31 M3L B 6 -11.31 3.05 2.57
HM32 M3L B 6 -12.32 4.45 2.64
HM33 M3L B 6 -10.83 4.42 3.50
N LYS B 7 -7.43 11.65 -0.36
CA LYS B 7 -6.78 12.78 -1.03
C LYS B 7 -5.61 12.33 -1.95
N PRO B 8 -5.73 11.19 -2.72
CA PRO B 8 -4.65 10.69 -3.60
C PRO B 8 -4.61 11.36 -4.98
N HIS B 9 -3.90 10.69 -5.90
CA HIS B 9 -3.72 11.11 -7.29
C HIS B 9 -4.81 10.47 -8.17
N ARG B 10 -5.05 11.07 -9.34
CA ARG B 10 -6.08 10.58 -10.28
C ARG B 10 -5.50 9.54 -11.24
N TYR B 11 -5.91 8.26 -11.04
CA TYR B 11 -5.47 7.11 -11.85
C TYR B 11 -3.95 6.98 -11.92
N SER A 1 29.18 -38.76 22.25
CA SER A 1 28.63 -37.39 22.13
C SER A 1 29.65 -36.35 22.59
N ARG A 2 29.85 -35.32 21.77
CA ARG A 2 30.78 -34.25 22.06
C ARG A 2 30.09 -32.89 22.04
N LEU A 3 29.35 -32.62 20.96
CA LEU A 3 28.62 -31.36 20.80
C LEU A 3 27.22 -31.61 20.26
N SER A 4 26.28 -30.74 20.64
CA SER A 4 24.89 -30.85 20.20
C SER A 4 24.57 -29.83 19.10
N ARG A 5 25.09 -28.61 19.25
CA ARG A 5 24.87 -27.54 18.26
C ARG A 5 26.16 -27.21 17.52
N SER A 6 26.02 -26.85 16.24
CA SER A 6 27.16 -26.50 15.40
C SER A 6 26.96 -25.14 14.72
N GLY A 7 25.72 -24.88 14.28
CA GLY A 7 25.39 -23.63 13.61
C GLY A 7 25.25 -23.78 12.11
N ALA A 8 24.62 -24.88 11.67
CA ALA A 8 24.42 -25.17 10.26
C ALA A 8 22.98 -25.60 9.96
N SER A 9 22.25 -25.98 11.02
CA SER A 9 20.86 -26.42 10.89
C SER A 9 19.88 -25.24 10.98
N SER A 10 18.76 -25.36 10.28
CA SER A 10 17.72 -24.32 10.26
C SER A 10 16.37 -24.87 10.72
N LEU A 11 16.35 -26.13 11.17
CA LEU A 11 15.13 -26.80 11.64
C LEU A 11 14.87 -26.52 13.14
N TRP A 12 15.64 -25.59 13.71
CA TRP A 12 15.51 -25.23 15.12
C TRP A 12 15.44 -23.71 15.29
N ASP A 13 14.44 -23.25 16.04
CA ASP A 13 14.24 -21.82 16.30
C ASP A 13 14.29 -21.51 17.80
N PRO A 14 14.56 -20.23 18.22
CA PRO A 14 14.62 -19.85 19.65
C PRO A 14 13.25 -19.89 20.33
N ALA A 15 13.26 -19.88 21.67
CA ALA A 15 12.03 -19.91 22.48
C ALA A 15 11.44 -18.52 22.68
N SER A 16 12.28 -17.48 22.49
CA SER A 16 11.86 -16.09 22.64
C SER A 16 12.05 -15.33 21.33
N PRO A 17 11.03 -14.54 20.87
CA PRO A 17 11.13 -13.78 19.60
C PRO A 17 12.06 -12.56 19.71
N ALA A 18 13.22 -12.66 19.04
CA ALA A 18 14.21 -11.58 19.03
C ALA A 18 14.76 -11.35 17.61
N PRO A 19 14.42 -10.19 16.96
CA PRO A 19 14.90 -9.90 15.60
C PRO A 19 16.34 -9.36 15.57
N THR A 20 17.01 -9.54 14.42
CA THR A 20 18.38 -9.08 14.24
C THR A 20 18.51 -8.18 13.01
N SER A 21 17.94 -8.63 11.89
CA SER A 21 17.97 -7.87 10.63
C SER A 21 16.58 -7.81 10.00
N GLY A 22 16.14 -6.59 9.70
CA GLY A 22 14.83 -6.39 9.09
C GLY A 22 14.58 -4.94 8.70
N PRO A 23 15.23 -4.43 7.61
CA PRO A 23 15.05 -3.04 7.14
C PRO A 23 13.72 -2.81 6.41
N ARG A 24 13.26 -3.85 5.68
CA ARG A 24 11.99 -3.82 4.91
C ARG A 24 11.97 -2.66 3.89
N PRO A 25 12.63 -2.83 2.71
CA PRO A 25 12.68 -1.79 1.66
C PRO A 25 11.38 -1.69 0.86
N ARG A 26 11.12 -0.49 0.29
CA ARG A 26 9.92 -0.18 -0.54
C ARG A 26 8.61 -0.13 0.27
N LEU A 27 8.56 -0.91 1.37
CA LEU A 27 7.38 -0.97 2.23
C LEU A 27 7.78 -1.05 3.71
N TRP A 28 7.35 -0.05 4.49
CA TRP A 28 7.65 0.03 5.92
C TRP A 28 6.51 0.70 6.69
N GLU A 29 6.47 0.51 8.01
CA GLU A 29 5.41 1.07 8.87
C GLU A 29 5.44 2.61 8.86
N GLY A 30 4.36 3.21 8.35
CA GLY A 30 4.24 4.65 8.27
C GLY A 30 4.65 5.18 6.90
N GLN A 31 4.40 4.37 5.85
CA GLN A 31 4.74 4.74 4.49
C GLN A 31 3.48 5.13 3.73
N ASP A 32 3.42 6.39 3.27
CA ASP A 32 2.29 6.87 2.48
C ASP A 32 2.30 6.17 1.13
N VAL A 33 1.35 5.28 0.94
CA VAL A 33 1.26 4.48 -0.27
C VAL A 33 0.02 4.79 -1.09
N LEU A 34 0.07 4.34 -2.35
CA LEU A 34 -1.03 4.50 -3.26
C LEU A 34 -1.56 3.14 -3.65
N ALA A 35 -2.66 2.78 -3.00
CA ALA A 35 -3.32 1.51 -3.22
C ALA A 35 -4.40 1.67 -4.29
N ARG A 36 -4.13 1.10 -5.47
CA ARG A 36 -5.06 1.18 -6.60
C ARG A 36 -6.32 0.35 -6.34
N TRP A 37 -7.49 0.98 -6.48
CA TRP A 37 -8.77 0.32 -6.27
C TRP A 37 -9.25 -0.37 -7.56
N THR A 38 -10.04 -1.45 -7.38
CA THR A 38 -10.56 -2.26 -8.50
C THR A 38 -11.59 -1.54 -9.40
N ASP A 39 -12.01 -0.33 -9.01
CA ASP A 39 -12.98 0.43 -9.79
C ASP A 39 -12.29 1.35 -10.80
N GLY A 40 -10.96 1.47 -10.70
CA GLY A 40 -10.20 2.31 -11.61
C GLY A 40 -9.60 3.54 -10.93
N LEU A 41 -10.10 3.85 -9.73
CA LEU A 41 -9.63 5.00 -8.96
C LEU A 41 -8.54 4.60 -7.97
N LEU A 42 -7.68 5.57 -7.63
CA LEU A 42 -6.57 5.37 -6.70
C LEU A 42 -7.03 5.62 -5.25
N TYR A 43 -6.22 5.13 -4.29
CA TYR A 43 -6.50 5.27 -2.86
C TYR A 43 -5.20 5.59 -2.12
N LEU A 44 -5.23 6.62 -1.27
CA LEU A 44 -4.04 7.02 -0.50
C LEU A 44 -4.10 6.39 0.89
N GLY A 45 -2.93 5.94 1.37
CA GLY A 45 -2.85 5.31 2.68
C GLY A 45 -1.46 5.35 3.29
N THR A 46 -1.36 4.79 4.50
CA THR A 46 -0.10 4.69 5.23
C THR A 46 0.06 3.27 5.75
N ILE A 47 1.23 2.69 5.49
CA ILE A 47 1.53 1.29 5.86
C ILE A 47 1.48 1.04 7.37
N LYS A 48 0.58 0.13 7.74
CA LYS A 48 0.41 -0.28 9.13
C LYS A 48 1.14 -1.61 9.39
N LYS A 49 1.27 -2.42 8.32
CA LYS A 49 1.96 -3.72 8.39
C LYS A 49 2.64 -4.03 7.06
N VAL A 50 3.61 -4.95 7.08
CA VAL A 50 4.35 -5.33 5.87
C VAL A 50 4.55 -6.85 5.79
N ASP A 51 4.32 -7.37 4.59
CA ASP A 51 4.46 -8.80 4.30
C ASP A 51 5.47 -8.99 3.14
N SER A 52 6.77 -8.91 3.49
CA SER A 52 7.87 -9.06 2.52
C SER A 52 8.06 -10.50 2.04
N ALA A 53 7.38 -11.45 2.71
CA ALA A 53 7.45 -12.87 2.36
C ALA A 53 6.42 -13.24 1.29
N ARG A 54 5.26 -12.59 1.34
CA ARG A 54 4.17 -12.84 0.39
C ARG A 54 4.01 -11.68 -0.59
N GLU A 55 4.92 -10.68 -0.53
CA GLU A 55 4.90 -9.47 -1.40
C GLU A 55 3.61 -8.66 -1.21
N VAL A 56 3.20 -8.55 0.06
CA VAL A 56 1.98 -7.82 0.43
C VAL A 56 2.27 -6.86 1.60
N CYS A 57 1.33 -5.93 1.87
CA CYS A 57 1.45 -4.96 2.97
C CYS A 57 0.09 -4.42 3.37
N LEU A 58 -0.09 -4.20 4.67
CA LEU A 58 -1.33 -3.66 5.20
C LEU A 58 -1.18 -2.16 5.36
N VAL A 59 -2.18 -1.42 4.92
CA VAL A 59 -2.14 0.03 4.99
C VAL A 59 -3.47 0.62 5.48
N GLN A 60 -3.35 1.71 6.25
CA GLN A 60 -4.50 2.44 6.78
C GLN A 60 -4.81 3.57 5.79
N PHE A 61 -6.10 3.80 5.53
CA PHE A 61 -6.51 4.79 4.55
C PHE A 61 -7.08 6.07 5.16
N GLU A 62 -7.27 7.09 4.30
CA GLU A 62 -7.79 8.42 4.68
C GLU A 62 -9.12 8.36 5.43
N ASP A 63 -10.05 7.54 4.93
CA ASP A 63 -11.37 7.40 5.55
C ASP A 63 -11.38 6.27 6.62
N ASP A 64 -10.23 6.12 7.32
CA ASP A 64 -10.04 5.12 8.39
C ASP A 64 -10.41 3.68 7.95
N SER A 65 -9.76 3.21 6.90
CA SER A 65 -10.00 1.87 6.37
C SER A 65 -8.73 1.04 6.38
N GLN A 66 -8.83 -0.17 6.95
CA GLN A 66 -7.71 -1.11 6.98
C GLN A 66 -7.90 -2.08 5.82
N PHE A 67 -7.27 -1.75 4.70
CA PHE A 67 -7.39 -2.53 3.48
C PHE A 67 -6.04 -3.10 3.07
N LEU A 68 -6.00 -4.43 2.90
CA LEU A 68 -4.79 -5.16 2.50
C LEU A 68 -4.47 -4.94 1.02
N VAL A 69 -3.25 -4.48 0.74
CA VAL A 69 -2.82 -4.22 -0.64
C VAL A 69 -1.50 -4.92 -0.95
N LEU A 70 -1.33 -5.28 -2.24
CA LEU A 70 -0.12 -5.94 -2.71
C LEU A 70 0.85 -4.93 -3.28
N TRP A 71 2.13 -5.30 -3.26
CA TRP A 71 3.22 -4.44 -3.75
C TRP A 71 3.08 -4.12 -5.25
N LYS A 72 2.21 -4.86 -5.96
CA LYS A 72 1.97 -4.62 -7.39
C LYS A 72 0.93 -3.51 -7.62
N ASP A 73 -0.01 -3.38 -6.67
CA ASP A 73 -1.07 -2.38 -6.73
C ASP A 73 -0.73 -1.15 -5.88
N ILE A 74 0.47 -1.13 -5.30
CA ILE A 74 0.92 -0.03 -4.44
C ILE A 74 1.93 0.87 -5.17
N SER A 75 1.76 2.19 -4.96
CA SER A 75 2.64 3.20 -5.53
C SER A 75 3.05 4.20 -4.43
N PRO A 76 4.33 4.19 -3.96
CA PRO A 76 4.79 5.13 -2.89
C PRO A 76 4.47 6.60 -3.21
N ALA A 77 3.71 7.24 -2.31
CA ALA A 77 3.30 8.64 -2.45
C ALA A 77 4.41 9.60 -2.00
N ALA A 78 4.96 9.34 -0.80
CA ALA A 78 6.03 10.19 -0.24
C ALA A 78 7.20 9.34 0.24
N LEU A 79 8.40 9.93 0.20
CA LEU A 79 9.61 9.24 0.64
C LEU A 79 10.00 9.65 2.05
N ALA B 1 -18.24 21.79 0.68
CA ALA B 1 -18.27 20.45 1.33
C ALA B 1 -17.53 20.46 2.67
N THR B 2 -18.05 19.68 3.62
CA THR B 2 -17.46 19.59 4.96
C THR B 2 -16.71 18.26 5.14
N GLY B 3 -15.43 18.35 5.51
CA GLY B 3 -14.61 17.17 5.72
C GLY B 3 -13.71 16.88 4.54
N GLY B 4 -13.69 15.60 4.12
CA GLY B 4 -12.86 15.19 3.00
C GLY B 4 -12.43 13.74 3.09
N VAL B 5 -12.69 12.97 2.03
CA VAL B 5 -12.34 11.55 1.97
C VAL B 5 -11.34 11.28 0.85
N M3L B 6 -10.24 10.59 1.21
CA M3L B 6 -9.14 10.23 0.26
CB M3L B 6 -9.59 9.18 -0.78
CG M3L B 6 -10.45 8.06 -0.21
CD M3L B 6 -9.60 6.90 0.29
CE M3L B 6 -10.25 6.20 1.50
NZ M3L B 6 -10.75 4.78 1.24
C M3L B 6 -8.53 11.44 -0.46
O M3L B 6 -9.26 12.29 -0.99
CM1 M3L B 6 -9.63 3.85 0.92
CM2 M3L B 6 -11.77 4.78 0.16
CM3 M3L B 6 -11.37 4.25 2.48
H M3L B 6 -10.16 10.29 2.14
HA M3L B 6 -8.35 9.79 0.85
HB2 M3L B 6 -8.72 8.75 -1.24
HB3 M3L B 6 -10.17 9.69 -1.55
HG2 M3L B 6 -11.12 7.70 -0.98
HG3 M3L B 6 -11.02 8.46 0.61
HD2 M3L B 6 -8.64 7.28 0.57
HD3 M3L B 6 -9.49 6.18 -0.52
HE2 M3L B 6 -11.10 6.79 1.83
HE3 M3L B 6 -9.53 6.16 2.29
HM11 M3L B 6 -9.92 3.07 0.23
HM12 M3L B 6 -9.24 3.35 1.79
HM13 M3L B 6 -8.78 4.35 0.47
HM21 M3L B 6 -12.48 3.97 0.25
HM22 M3L B 6 -11.33 4.69 -0.83
HM23 M3L B 6 -12.35 5.69 0.13
HM31 M3L B 6 -11.35 3.17 2.53
HM32 M3L B 6 -12.40 4.54 2.57
HM33 M3L B 6 -10.87 4.60 3.37
N LYS B 7 -7.19 11.52 -0.49
CA LYS B 7 -6.48 12.62 -1.16
C LYS B 7 -5.28 12.09 -2.01
N PRO B 8 -5.47 11.03 -2.86
CA PRO B 8 -4.39 10.46 -3.70
C PRO B 8 -4.11 11.23 -4.98
N HIS B 9 -3.35 10.57 -5.87
CA HIS B 9 -2.96 11.09 -7.17
C HIS B 9 -4.11 10.90 -8.18
N ARG B 10 -4.11 11.74 -9.24
CA ARG B 10 -5.15 11.68 -10.27
C ARG B 10 -4.78 10.74 -11.42
N TYR B 11 -5.39 9.54 -11.41
CA TYR B 11 -5.18 8.47 -12.43
C TYR B 11 -3.71 8.31 -12.85
N SER A 1 42.80 2.18 -19.84
CA SER A 1 41.51 2.67 -19.30
C SER A 1 41.27 4.12 -19.70
N ARG A 2 40.00 4.48 -19.89
CA ARG A 2 39.61 5.84 -20.28
C ARG A 2 39.17 6.66 -19.06
N LEU A 3 38.37 6.03 -18.19
CA LEU A 3 37.88 6.70 -16.98
C LEU A 3 38.40 5.99 -15.72
N SER A 4 38.66 6.79 -14.68
CA SER A 4 39.16 6.27 -13.41
C SER A 4 38.02 6.10 -12.40
N ARG A 5 38.05 4.98 -11.67
CA ARG A 5 37.01 4.70 -10.67
C ARG A 5 37.51 5.05 -9.25
N SER A 6 37.05 6.20 -8.74
CA SER A 6 37.42 6.67 -7.41
C SER A 6 36.24 7.38 -6.75
N GLY A 7 35.86 6.91 -5.56
CA GLY A 7 34.74 7.49 -4.83
C GLY A 7 33.45 6.74 -5.03
N ALA A 8 32.35 7.31 -4.50
CA ALA A 8 31.02 6.72 -4.62
C ALA A 8 29.99 7.71 -5.16
N SER A 9 30.16 9.00 -4.80
CA SER A 9 29.26 10.05 -5.24
C SER A 9 29.80 10.77 -6.48
N SER A 10 29.01 10.74 -7.56
CA SER A 10 29.38 11.39 -8.82
C SER A 10 28.19 12.12 -9.46
N LEU A 11 27.07 12.20 -8.69
CA LEU A 11 25.82 12.85 -9.13
C LEU A 11 25.19 12.14 -10.35
N TRP A 12 25.29 10.81 -10.36
CA TRP A 12 24.75 9.98 -11.44
C TRP A 12 23.93 8.80 -10.88
N ASP A 13 23.12 8.18 -11.74
CA ASP A 13 22.28 7.04 -11.34
C ASP A 13 23.05 5.71 -11.37
N PRO A 14 22.95 4.86 -10.30
CA PRO A 14 23.66 3.57 -10.23
C PRO A 14 23.09 2.51 -11.19
N ALA A 15 23.92 1.51 -11.52
CA ALA A 15 23.53 0.43 -12.43
C ALA A 15 23.36 -0.90 -11.69
N SER A 16 23.99 -1.03 -10.51
CA SER A 16 23.91 -2.25 -9.70
C SER A 16 23.95 -1.96 -8.19
N PRO A 17 24.97 -1.19 -7.65
CA PRO A 17 25.06 -0.89 -6.21
C PRO A 17 24.09 0.22 -5.78
N ALA A 18 23.34 -0.05 -4.69
CA ALA A 18 22.38 0.90 -4.15
C ALA A 18 22.57 1.08 -2.63
N PRO A 19 23.43 2.06 -2.20
CA PRO A 19 23.70 2.32 -0.77
C PRO A 19 22.55 3.05 -0.07
N THR A 20 21.91 3.99 -0.79
CA THR A 20 20.80 4.77 -0.24
C THR A 20 19.57 4.72 -1.16
N SER A 21 18.40 4.91 -0.56
CA SER A 21 17.13 4.90 -1.31
C SER A 21 16.67 6.33 -1.60
N GLY A 22 16.21 6.56 -2.83
CA GLY A 22 15.75 7.89 -3.22
C GLY A 22 14.74 7.83 -4.37
N PRO A 23 15.17 7.42 -5.61
CA PRO A 23 14.27 7.35 -6.78
C PRO A 23 13.15 6.29 -6.64
N ARG A 24 13.47 5.17 -5.97
CA ARG A 24 12.50 4.09 -5.78
C ARG A 24 12.44 3.68 -4.29
N PRO A 25 11.32 4.01 -3.57
CA PRO A 25 11.16 3.65 -2.16
C PRO A 25 10.68 2.19 -1.96
N ARG A 26 10.73 1.73 -0.71
CA ARG A 26 10.32 0.36 -0.38
C ARG A 26 9.12 0.35 0.57
N LEU A 27 8.49 -0.83 0.73
CA LEU A 27 7.32 -1.02 1.59
C LEU A 27 7.75 -1.09 3.06
N TRP A 28 7.35 -0.08 3.85
CA TRP A 28 7.70 0.00 5.26
C TRP A 28 6.57 0.67 6.08
N GLU A 29 6.59 0.48 7.40
CA GLU A 29 5.56 1.05 8.30
C GLU A 29 5.63 2.58 8.31
N GLY A 30 4.54 3.21 7.83
CA GLY A 30 4.44 4.66 7.76
C GLY A 30 4.79 5.20 6.39
N GLN A 31 4.52 4.39 5.35
CA GLN A 31 4.80 4.76 3.97
C GLN A 31 3.49 5.15 3.29
N ASP A 32 3.39 6.41 2.86
CA ASP A 32 2.19 6.90 2.17
C ASP A 32 2.12 6.24 0.79
N VAL A 33 1.16 5.35 0.63
CA VAL A 33 0.99 4.58 -0.59
C VAL A 33 -0.30 4.89 -1.32
N LEU A 34 -0.35 4.42 -2.56
CA LEU A 34 -1.51 4.57 -3.41
C LEU A 34 -2.00 3.18 -3.79
N ALA A 35 -3.06 2.77 -3.09
CA ALA A 35 -3.68 1.48 -3.28
C ALA A 35 -4.76 1.56 -4.34
N ARG A 36 -4.46 0.97 -5.51
CA ARG A 36 -5.38 0.98 -6.65
C ARG A 36 -6.61 0.10 -6.38
N TRP A 37 -7.80 0.70 -6.54
CA TRP A 37 -9.06 -0.02 -6.32
C TRP A 37 -9.54 -0.70 -7.61
N THR A 38 -10.34 -1.77 -7.44
CA THR A 38 -10.85 -2.58 -8.56
C THR A 38 -11.90 -1.87 -9.44
N ASP A 39 -12.33 -0.68 -9.02
CA ASP A 39 -13.34 0.09 -9.77
C ASP A 39 -12.69 1.06 -10.75
N GLY A 40 -11.35 1.12 -10.73
CA GLY A 40 -10.61 2.00 -11.62
C GLY A 40 -10.07 3.23 -10.92
N LEU A 41 -10.58 3.52 -9.72
CA LEU A 41 -10.16 4.66 -8.92
C LEU A 41 -9.04 4.29 -7.95
N LEU A 42 -8.18 5.27 -7.67
CA LEU A 42 -7.06 5.09 -6.76
C LEU A 42 -7.45 5.44 -5.31
N TYR A 43 -6.62 5.00 -4.35
CA TYR A 43 -6.85 5.23 -2.92
C TYR A 43 -5.53 5.61 -2.24
N LEU A 44 -5.58 6.59 -1.33
CA LEU A 44 -4.37 7.01 -0.60
C LEU A 44 -4.33 6.35 0.77
N GLY A 45 -3.13 5.97 1.19
CA GLY A 45 -2.97 5.32 2.49
C GLY A 45 -1.56 5.38 3.04
N THR A 46 -1.39 4.78 4.22
CA THR A 46 -0.09 4.69 4.90
C THR A 46 0.10 3.28 5.42
N ILE A 47 1.26 2.71 5.12
CA ILE A 47 1.59 1.32 5.49
C ILE A 47 1.59 1.07 7.00
N LYS A 48 0.68 0.19 7.42
CA LYS A 48 0.55 -0.21 8.81
C LYS A 48 1.25 -1.54 9.06
N LYS A 49 1.37 -2.34 7.99
CA LYS A 49 2.04 -3.66 8.06
C LYS A 49 2.72 -3.98 6.72
N VAL A 50 3.68 -4.90 6.75
CA VAL A 50 4.43 -5.29 5.55
C VAL A 50 4.62 -6.81 5.48
N ASP A 51 4.38 -7.35 4.28
CA ASP A 51 4.54 -8.77 4.00
C ASP A 51 5.50 -8.95 2.81
N SER A 52 6.81 -8.89 3.12
CA SER A 52 7.87 -9.02 2.11
C SER A 52 8.08 -10.47 1.63
N ALA A 53 7.29 -11.40 2.19
CA ALA A 53 7.38 -12.81 1.83
C ALA A 53 6.45 -13.16 0.67
N ARG A 54 5.24 -12.58 0.68
CA ARG A 54 4.25 -12.82 -0.36
C ARG A 54 4.05 -11.58 -1.26
N GLU A 55 4.92 -10.55 -1.08
CA GLU A 55 4.87 -9.28 -1.84
C GLU A 55 3.54 -8.54 -1.61
N VAL A 56 3.18 -8.44 -0.32
CA VAL A 56 1.94 -7.77 0.11
C VAL A 56 2.23 -6.83 1.29
N CYS A 57 1.31 -5.89 1.54
CA CYS A 57 1.44 -4.92 2.64
C CYS A 57 0.08 -4.42 3.07
N LEU A 58 -0.06 -4.16 4.37
CA LEU A 58 -1.31 -3.64 4.92
C LEU A 58 -1.16 -2.14 5.11
N VAL A 59 -2.17 -1.40 4.68
CA VAL A 59 -2.13 0.05 4.77
C VAL A 59 -3.43 0.62 5.34
N GLN A 60 -3.27 1.69 6.11
CA GLN A 60 -4.40 2.40 6.72
C GLN A 60 -4.75 3.57 5.82
N PHE A 61 -6.04 3.73 5.53
CA PHE A 61 -6.49 4.78 4.63
C PHE A 61 -7.07 5.99 5.37
N GLU A 62 -7.20 7.10 4.63
CA GLU A 62 -7.71 8.39 5.16
C GLU A 62 -9.06 8.25 5.86
N ASP A 63 -9.98 7.46 5.26
CA ASP A 63 -11.31 7.27 5.84
C ASP A 63 -11.31 6.08 6.85
N ASP A 64 -10.16 5.91 7.55
CA ASP A 64 -9.97 4.87 8.59
C ASP A 64 -10.33 3.44 8.11
N SER A 65 -9.65 2.99 7.05
CA SER A 65 -9.87 1.66 6.50
C SER A 65 -8.59 0.86 6.46
N GLN A 66 -8.65 -0.36 7.04
CA GLN A 66 -7.52 -1.27 7.02
C GLN A 66 -7.74 -2.25 5.89
N PHE A 67 -7.15 -1.92 4.74
CA PHE A 67 -7.32 -2.70 3.52
C PHE A 67 -5.99 -3.29 3.05
N LEU A 68 -6.02 -4.61 2.81
CA LEU A 68 -4.85 -5.37 2.35
C LEU A 68 -4.57 -5.10 0.85
N VAL A 69 -3.38 -4.59 0.56
CA VAL A 69 -2.99 -4.28 -0.84
C VAL A 69 -1.71 -4.99 -1.24
N LEU A 70 -1.61 -5.28 -2.55
CA LEU A 70 -0.45 -5.94 -3.14
C LEU A 70 0.56 -4.91 -3.61
N TRP A 71 1.86 -5.27 -3.57
CA TRP A 71 2.95 -4.38 -3.99
C TRP A 71 2.83 -3.98 -5.48
N LYS A 72 2.00 -4.72 -6.23
CA LYS A 72 1.78 -4.44 -7.66
C LYS A 72 0.65 -3.41 -7.85
N ASP A 73 -0.29 -3.38 -6.90
CA ASP A 73 -1.42 -2.44 -6.93
C ASP A 73 -1.11 -1.18 -6.12
N ILE A 74 0.11 -1.11 -5.58
CA ILE A 74 0.53 0.01 -4.75
C ILE A 74 1.45 0.96 -5.52
N SER A 75 1.22 2.26 -5.32
CA SER A 75 2.02 3.32 -5.95
C SER A 75 2.50 4.30 -4.86
N PRO A 76 3.80 4.29 -4.46
CA PRO A 76 4.33 5.20 -3.42
C PRO A 76 4.02 6.68 -3.69
N ALA A 77 3.35 7.31 -2.73
CA ALA A 77 2.95 8.72 -2.82
C ALA A 77 4.14 9.67 -2.62
N ALA A 78 5.05 9.30 -1.72
CA ALA A 78 6.24 10.09 -1.42
C ALA A 78 7.44 9.62 -2.23
N LEU A 79 8.12 10.56 -2.87
CA LEU A 79 9.31 10.25 -3.69
C LEU A 79 10.48 11.13 -3.29
N ALA B 1 -20.42 3.67 -2.49
CA ALA B 1 -20.35 3.55 -3.96
C ALA B 1 -18.93 3.80 -4.48
N THR B 2 -18.25 4.79 -3.89
CA THR B 2 -16.88 5.14 -4.28
C THR B 2 -15.89 4.92 -3.12
N GLY B 3 -16.23 5.46 -1.95
CA GLY B 3 -15.37 5.32 -0.78
C GLY B 3 -15.76 6.28 0.33
N GLY B 4 -14.79 7.08 0.79
CA GLY B 4 -15.03 8.04 1.85
C GLY B 4 -14.64 9.44 1.45
N VAL B 5 -13.33 9.67 1.31
CA VAL B 5 -12.80 10.98 0.92
C VAL B 5 -11.37 10.84 0.33
N M3L B 6 -10.38 10.53 1.19
CA M3L B 6 -8.95 10.38 0.80
CB M3L B 6 -8.72 9.06 0.02
CG M3L B 6 -8.90 7.82 0.87
CD M3L B 6 -10.24 7.15 0.60
CE M3L B 6 -10.69 6.29 1.79
NZ M3L B 6 -10.92 4.81 1.49
C M3L B 6 -8.38 11.57 0.02
O M3L B 6 -9.13 12.37 -0.55
CM1 M3L B 6 -9.70 4.14 0.96
CM2 M3L B 6 -12.05 4.67 0.52
CM3 M3L B 6 -11.28 4.12 2.74
H M3L B 6 -10.61 10.38 2.13
HA M3L B 6 -8.39 10.31 1.72
HB2 M3L B 6 -7.71 9.06 -0.37
HB3 M3L B 6 -9.41 9.02 -0.81
HG2 M3L B 6 -8.86 8.10 1.91
HG3 M3L B 6 -8.12 7.11 0.66
HD2 M3L B 6 -10.15 6.53 -0.28
HD3 M3L B 6 -10.99 7.92 0.43
HE2 M3L B 6 -11.61 6.70 2.17
HE3 M3L B 6 -9.93 6.35 2.56
HM11 M3L B 6 -9.21 3.54 1.71
HM12 M3L B 6 -8.95 4.84 0.61
HM13 M3L B 6 -9.91 3.49 0.13
HM21 M3L B 6 -12.87 5.35 0.75
HM22 M3L B 6 -12.47 3.68 0.52
HM23 M3L B 6 -11.76 4.88 -0.50
HM31 M3L B 6 -11.14 3.04 2.66
HM32 M3L B 6 -12.31 4.27 3.01
HM33 M3L B 6 -10.69 4.44 3.57
N LYS B 7 -7.05 11.68 0.00
CA LYS B 7 -6.34 12.76 -0.71
C LYS B 7 -5.19 12.19 -1.58
N PRO B 8 -5.49 11.24 -2.54
CA PRO B 8 -4.47 10.63 -3.40
C PRO B 8 -4.05 11.46 -4.62
N HIS B 9 -3.58 10.73 -5.64
CA HIS B 9 -3.10 11.28 -6.91
C HIS B 9 -4.23 11.97 -7.71
N ARG B 10 -4.02 12.18 -9.01
CA ARG B 10 -5.02 12.83 -9.88
C ARG B 10 -6.05 11.83 -10.45
N TYR B 11 -6.07 10.61 -9.85
CA TYR B 11 -6.99 9.49 -10.26
C TYR B 11 -7.11 9.34 -11.78
N SER A 1 -7.15 17.74 6.55
CA SER A 1 -6.43 19.04 6.47
C SER A 1 -5.61 19.29 7.73
N ARG A 2 -4.51 20.04 7.58
CA ARG A 2 -3.58 20.40 8.69
C ARG A 2 -2.93 19.16 9.30
N LEU A 3 -1.59 19.11 9.23
CA LEU A 3 -0.81 17.99 9.77
C LEU A 3 0.35 18.50 10.63
N SER A 4 1.00 17.59 11.37
CA SER A 4 2.14 17.93 12.23
C SER A 4 3.43 18.06 11.43
N ARG A 5 4.17 19.13 11.70
CA ARG A 5 5.44 19.39 11.01
C ARG A 5 6.63 18.99 11.88
N SER A 6 7.73 18.63 11.22
CA SER A 6 8.96 18.22 11.91
C SER A 6 10.01 19.33 11.88
N GLY A 7 10.83 19.39 12.93
CA GLY A 7 11.87 20.41 13.03
C GLY A 7 13.22 19.90 12.55
N ALA A 8 14.17 20.83 12.38
CA ALA A 8 15.52 20.48 11.93
C ALA A 8 16.50 20.43 13.11
N SER A 9 16.78 19.20 13.56
CA SER A 9 17.71 18.96 14.67
C SER A 9 18.54 17.70 14.44
N SER A 10 17.84 16.60 14.08
CA SER A 10 18.49 15.31 13.82
C SER A 10 17.88 14.63 12.59
N LEU A 11 16.67 15.05 12.21
CA LEU A 11 15.97 14.49 11.04
C LEU A 11 16.30 15.27 9.77
N TRP A 12 17.24 14.74 8.98
CA TRP A 12 17.67 15.37 7.73
C TRP A 12 17.77 14.32 6.61
N ASP A 13 17.66 14.80 5.36
CA ASP A 13 17.75 13.92 4.19
C ASP A 13 19.20 13.77 3.71
N PRO A 14 19.69 12.52 3.43
CA PRO A 14 21.08 12.28 2.94
C PRO A 14 21.42 13.05 1.66
N ALA A 15 22.72 13.27 1.44
CA ALA A 15 23.20 14.00 0.26
C ALA A 15 23.78 13.04 -0.80
N SER A 16 23.58 11.73 -0.59
CA SER A 16 24.08 10.71 -1.52
C SER A 16 23.06 10.40 -2.64
N PRO A 17 21.76 10.08 -2.33
CA PRO A 17 20.75 9.78 -3.36
C PRO A 17 20.22 11.05 -4.05
N ALA A 18 20.74 11.30 -5.26
CA ALA A 18 20.34 12.46 -6.06
C ALA A 18 20.18 12.11 -7.56
N PRO A 19 21.20 11.43 -8.22
CA PRO A 19 21.10 11.06 -9.65
C PRO A 19 20.14 9.89 -9.90
N THR A 20 19.97 9.03 -8.89
CA THR A 20 19.09 7.86 -8.98
C THR A 20 17.65 8.21 -8.56
N SER A 21 17.51 9.02 -7.49
CA SER A 21 16.21 9.46 -6.94
C SER A 21 15.38 8.29 -6.40
N GLY A 22 14.89 8.43 -5.17
CA GLY A 22 14.08 7.40 -4.55
C GLY A 22 14.77 6.75 -3.36
N PRO A 23 14.02 6.41 -2.26
CA PRO A 23 14.62 5.77 -1.07
C PRO A 23 15.00 4.29 -1.31
N ARG A 24 15.61 3.66 -0.29
CA ARG A 24 16.05 2.26 -0.39
C ARG A 24 14.88 1.26 -0.15
N PRO A 25 14.10 1.37 0.98
CA PRO A 25 12.97 0.45 1.25
C PRO A 25 11.76 0.73 0.37
N ARG A 26 11.05 -0.33 -0.02
CA ARG A 26 9.86 -0.22 -0.88
C ARG A 26 8.57 -0.20 -0.05
N LEU A 27 8.57 -0.96 1.05
CA LEU A 27 7.41 -1.05 1.95
C LEU A 27 7.87 -1.14 3.40
N TRP A 28 7.44 -0.15 4.21
CA TRP A 28 7.80 -0.08 5.63
C TRP A 28 6.66 0.54 6.45
N GLU A 29 6.66 0.33 7.77
CA GLU A 29 5.63 0.87 8.67
C GLU A 29 5.65 2.40 8.70
N GLY A 30 4.56 3.00 8.24
CA GLY A 30 4.44 4.45 8.19
C GLY A 30 4.83 5.01 6.83
N GLN A 31 4.61 4.22 5.78
CA GLN A 31 4.93 4.61 4.41
C GLN A 31 3.66 5.03 3.69
N ASP A 32 3.62 6.27 3.20
CA ASP A 32 2.47 6.78 2.45
C ASP A 32 2.43 6.10 1.09
N VAL A 33 1.44 5.24 0.92
CA VAL A 33 1.29 4.45 -0.30
C VAL A 33 0.03 4.81 -1.08
N LEU A 34 0.03 4.39 -2.34
CA LEU A 34 -1.10 4.58 -3.22
C LEU A 34 -1.64 3.23 -3.63
N ALA A 35 -2.73 2.85 -2.97
CA ALA A 35 -3.40 1.59 -3.20
C ALA A 35 -4.49 1.77 -4.24
N ARG A 36 -4.23 1.25 -5.45
CA ARG A 36 -5.17 1.35 -6.57
C ARG A 36 -6.42 0.48 -6.34
N TRP A 37 -7.59 1.09 -6.50
CA TRP A 37 -8.87 0.38 -6.31
C TRP A 37 -9.36 -0.25 -7.63
N THR A 38 -10.20 -1.28 -7.50
CA THR A 38 -10.73 -2.04 -8.65
C THR A 38 -11.72 -1.26 -9.52
N ASP A 39 -12.13 -0.07 -9.06
CA ASP A 39 -13.07 0.77 -9.83
C ASP A 39 -12.35 1.76 -10.74
N GLY A 40 -11.02 1.86 -10.58
CA GLY A 40 -10.23 2.78 -11.39
C GLY A 40 -9.68 3.95 -10.60
N LEU A 41 -10.23 4.18 -9.40
CA LEU A 41 -9.80 5.28 -8.54
C LEU A 41 -8.67 4.84 -7.60
N LEU A 42 -7.80 5.79 -7.27
CA LEU A 42 -6.66 5.55 -6.38
C LEU A 42 -7.05 5.75 -4.91
N TYR A 43 -6.19 5.24 -4.00
CA TYR A 43 -6.40 5.33 -2.57
C TYR A 43 -5.08 5.72 -1.87
N LEU A 44 -5.13 6.77 -1.04
CA LEU A 44 -3.94 7.21 -0.31
C LEU A 44 -3.93 6.60 1.08
N GLY A 45 -2.82 5.97 1.44
CA GLY A 45 -2.71 5.33 2.75
C GLY A 45 -1.31 5.35 3.33
N THR A 46 -1.20 4.76 4.52
CA THR A 46 0.08 4.63 5.23
C THR A 46 0.22 3.19 5.72
N ILE A 47 1.39 2.61 5.45
CA ILE A 47 1.67 1.21 5.79
C ILE A 47 1.65 0.92 7.29
N LYS A 48 0.78 -0.02 7.66
CA LYS A 48 0.63 -0.47 9.04
C LYS A 48 1.41 -1.77 9.25
N LYS A 49 1.45 -2.61 8.19
CA LYS A 49 2.16 -3.88 8.22
C LYS A 49 2.83 -4.15 6.87
N VAL A 50 3.79 -5.09 6.85
CA VAL A 50 4.52 -5.43 5.64
C VAL A 50 4.73 -6.96 5.53
N ASP A 51 4.48 -7.47 4.33
CA ASP A 51 4.64 -8.88 4.01
C ASP A 51 5.59 -9.04 2.82
N SER A 52 6.90 -9.01 3.12
CA SER A 52 7.97 -9.13 2.10
C SER A 52 8.15 -10.58 1.61
N ALA A 53 7.36 -11.51 2.16
CA ALA A 53 7.43 -12.93 1.79
C ALA A 53 6.52 -13.24 0.59
N ARG A 54 5.30 -12.68 0.62
CA ARG A 54 4.33 -12.88 -0.45
C ARG A 54 4.14 -11.61 -1.29
N GLU A 55 5.00 -10.60 -1.07
CA GLU A 55 4.95 -9.29 -1.79
C GLU A 55 3.62 -8.57 -1.52
N VAL A 56 3.27 -8.47 -0.24
CA VAL A 56 2.03 -7.81 0.21
C VAL A 56 2.32 -6.89 1.40
N CYS A 57 1.37 -5.99 1.71
CA CYS A 57 1.49 -5.04 2.84
C CYS A 57 0.13 -4.52 3.28
N LEU A 58 -0.01 -4.31 4.59
CA LEU A 58 -1.25 -3.76 5.16
C LEU A 58 -1.08 -2.26 5.31
N VAL A 59 -2.09 -1.51 4.92
CA VAL A 59 -2.03 -0.05 4.98
C VAL A 59 -3.35 0.54 5.48
N GLN A 60 -3.22 1.64 6.26
CA GLN A 60 -4.36 2.37 6.79
C GLN A 60 -4.67 3.50 5.80
N PHE A 61 -5.93 3.89 5.70
CA PHE A 61 -6.32 4.90 4.72
C PHE A 61 -6.86 6.19 5.35
N GLU A 62 -7.09 7.20 4.48
CA GLU A 62 -7.57 8.53 4.88
C GLU A 62 -8.93 8.49 5.57
N ASP A 63 -9.86 7.68 5.05
CA ASP A 63 -11.20 7.57 5.63
C ASP A 63 -11.26 6.46 6.71
N ASP A 64 -10.12 6.25 7.43
CA ASP A 64 -9.99 5.25 8.51
C ASP A 64 -10.37 3.83 8.07
N SER A 65 -9.66 3.32 7.05
CA SER A 65 -9.91 1.98 6.54
C SER A 65 -8.64 1.14 6.53
N GLN A 66 -8.77 -0.09 7.01
CA GLN A 66 -7.65 -1.04 7.02
C GLN A 66 -7.86 -2.00 5.85
N PHE A 67 -7.23 -1.67 4.73
CA PHE A 67 -7.37 -2.45 3.51
C PHE A 67 -6.03 -3.05 3.07
N LEU A 68 -6.03 -4.39 2.93
CA LEU A 68 -4.86 -5.16 2.52
C LEU A 68 -4.57 -4.94 1.03
N VAL A 69 -3.35 -4.48 0.72
CA VAL A 69 -2.93 -4.22 -0.66
C VAL A 69 -1.62 -4.92 -1.00
N LEU A 70 -1.48 -5.26 -2.29
CA LEU A 70 -0.28 -5.92 -2.81
C LEU A 70 0.69 -4.90 -3.39
N TRP A 71 1.97 -5.28 -3.41
CA TRP A 71 3.04 -4.41 -3.93
C TRP A 71 2.85 -4.07 -5.41
N LYS A 72 1.94 -4.81 -6.10
CA LYS A 72 1.67 -4.56 -7.53
C LYS A 72 0.64 -3.42 -7.71
N ASP A 73 -0.29 -3.31 -6.76
CA ASP A 73 -1.33 -2.28 -6.78
C ASP A 73 -0.95 -1.06 -5.93
N ILE A 74 0.27 -1.08 -5.38
CA ILE A 74 0.76 0.01 -4.52
C ILE A 74 1.75 0.91 -5.27
N SER A 75 1.61 2.21 -5.03
CA SER A 75 2.49 3.23 -5.61
C SER A 75 2.95 4.20 -4.51
N PRO A 76 4.25 4.16 -4.08
CA PRO A 76 4.77 5.05 -3.02
C PRO A 76 4.50 6.53 -3.31
N ALA A 77 3.79 7.18 -2.37
CA ALA A 77 3.41 8.59 -2.49
C ALA A 77 4.56 9.52 -2.11
N ALA A 78 4.95 10.38 -3.04
CA ALA A 78 6.04 11.34 -2.83
C ALA A 78 5.64 12.75 -3.28
N LEU A 79 4.96 12.84 -4.43
CA LEU A 79 4.52 14.11 -4.98
C LEU A 79 3.01 14.10 -5.23
N ALA B 1 -20.41 11.42 0.55
CA ALA B 1 -21.71 11.20 -0.14
C ALA B 1 -21.97 9.71 -0.37
N THR B 2 -20.92 9.00 -0.80
CA THR B 2 -21.01 7.56 -1.08
C THR B 2 -20.31 6.74 0.00
N GLY B 3 -19.09 7.16 0.37
CA GLY B 3 -18.32 6.46 1.40
C GLY B 3 -16.83 6.60 1.19
N GLY B 4 -16.23 7.60 1.87
CA GLY B 4 -14.80 7.82 1.76
C GLY B 4 -14.47 9.13 1.05
N VAL B 5 -13.46 9.83 1.57
CA VAL B 5 -13.01 11.10 1.00
C VAL B 5 -11.71 10.92 0.22
N M3L B 6 -10.64 10.57 0.94
CA M3L B 6 -9.27 10.34 0.37
CB M3L B 6 -9.25 9.12 -0.58
CG M3L B 6 -10.11 7.95 -0.12
CD M3L B 6 -9.28 6.90 0.62
CE M3L B 6 -10.10 6.23 1.75
NZ M3L B 6 -10.64 4.83 1.44
C M3L B 6 -8.70 11.57 -0.34
O M3L B 6 -9.45 12.41 -0.82
CM1 M3L B 6 -9.54 3.85 1.19
CM2 M3L B 6 -11.57 4.87 0.27
CM3 M3L B 6 -11.38 4.32 2.61
H M3L B 6 -10.76 10.45 1.91
HA M3L B 6 -8.63 10.12 1.21
HB2 M3L B 6 -8.23 8.78 -0.69
HB3 M3L B 6 -9.61 9.44 -1.55
HG2 M3L B 6 -10.58 7.49 -0.98
HG3 M3L B 6 -10.86 8.32 0.55
HD2 M3L B 6 -8.42 7.37 1.06
HD3 M3L B 6 -8.97 6.14 -0.08
HE2 M3L B 6 -10.95 6.86 1.99
HE3 M3L B 6 -9.48 6.16 2.63
HM11 M3L B 6 -9.34 3.21 2.04
HM12 M3L B 6 -8.60 4.33 0.95
HM13 M3L B 6 -9.75 3.20 0.35
HM21 M3L B 6 -12.17 5.78 0.26
HM22 M3L B 6 -12.28 4.06 0.28
HM23 M3L B 6 -11.06 4.84 -0.68
HM31 M3L B 6 -11.45 3.24 2.64
HM32 M3L B 6 -12.39 4.69 2.65
HM33 M3L B 6 -10.91 4.61 3.55
N LYS B 7 -7.36 11.66 -0.37
CA LYS B 7 -6.67 12.79 -1.02
C LYS B 7 -5.48 12.33 -1.92
N PRO B 8 -5.63 11.23 -2.74
CA PRO B 8 -4.56 10.73 -3.63
C PRO B 8 -4.48 11.47 -4.98
N HIS B 9 -3.93 10.77 -5.98
CA HIS B 9 -3.76 11.29 -7.34
C HIS B 9 -5.01 10.95 -8.19
N ARG B 10 -5.14 11.63 -9.34
CA ARG B 10 -6.28 11.47 -10.26
C ARG B 10 -6.60 10.00 -10.63
N TYR B 11 -5.55 9.18 -10.74
CA TYR B 11 -5.70 7.76 -11.09
C TYR B 11 -4.94 6.87 -10.11
N SER A 1 -29.99 -3.35 -8.94
CA SER A 1 -28.77 -3.75 -9.69
C SER A 1 -27.60 -2.82 -9.37
N ARG A 2 -26.39 -3.39 -9.39
CA ARG A 2 -25.17 -2.63 -9.10
C ARG A 2 -24.49 -2.14 -10.39
N LEU A 3 -24.84 -2.77 -11.53
CA LEU A 3 -24.29 -2.43 -12.87
C LEU A 3 -22.78 -2.70 -12.94
N SER A 4 -22.38 -3.50 -13.96
CA SER A 4 -20.96 -3.88 -14.21
C SER A 4 -20.35 -4.68 -13.06
N ARG A 5 -19.47 -5.63 -13.41
CA ARG A 5 -18.79 -6.48 -12.44
C ARG A 5 -17.38 -5.97 -12.16
N SER A 6 -16.83 -6.35 -10.99
CA SER A 6 -15.48 -5.94 -10.59
C SER A 6 -14.42 -6.92 -11.09
N GLY A 7 -14.71 -8.23 -10.95
CA GLY A 7 -13.78 -9.26 -11.40
C GLY A 7 -12.84 -9.74 -10.29
N ALA A 8 -13.13 -9.35 -9.05
CA ALA A 8 -12.31 -9.73 -7.89
C ALA A 8 -12.98 -10.85 -7.09
N SER A 9 -12.16 -11.76 -6.55
CA SER A 9 -12.67 -12.88 -5.76
C SER A 9 -12.47 -12.62 -4.27
N SER A 10 -13.58 -12.61 -3.52
CA SER A 10 -13.55 -12.39 -2.09
C SER A 10 -14.43 -13.41 -1.35
N LEU A 11 -13.81 -14.15 -0.42
CA LEU A 11 -14.51 -15.17 0.36
C LEU A 11 -14.16 -15.08 1.84
N TRP A 12 -12.86 -14.94 2.14
CA TRP A 12 -12.37 -14.83 3.52
C TRP A 12 -11.35 -13.71 3.66
N ASP A 13 -11.29 -13.10 4.86
CA ASP A 13 -10.35 -12.02 5.14
C ASP A 13 -9.47 -12.37 6.33
N PRO A 14 -8.11 -12.15 6.23
CA PRO A 14 -7.18 -12.46 7.33
C PRO A 14 -7.27 -11.47 8.50
N ALA A 15 -7.44 -12.00 9.71
CA ALA A 15 -7.55 -11.18 10.92
C ALA A 15 -6.31 -11.31 11.82
N SER A 16 -5.55 -12.39 11.64
CA SER A 16 -4.33 -12.64 12.42
C SER A 16 -3.08 -12.18 11.66
N PRO A 17 -2.24 -11.28 12.27
CA PRO A 17 -1.01 -10.78 11.62
C PRO A 17 0.15 -11.80 11.67
N ALA A 18 1.19 -11.54 10.87
CA ALA A 18 2.36 -12.41 10.80
C ALA A 18 3.48 -11.90 11.73
N PRO A 19 4.13 -12.81 12.52
CA PRO A 19 5.22 -12.42 13.44
C PRO A 19 6.53 -12.07 12.73
N THR A 20 7.45 -11.40 13.47
CA THR A 20 8.77 -10.97 12.96
C THR A 20 8.64 -9.95 11.82
N SER A 21 9.33 -8.82 11.98
CA SER A 21 9.31 -7.74 10.99
C SER A 21 10.73 -7.28 10.67
N GLY A 22 10.98 -7.05 9.37
CA GLY A 22 12.30 -6.62 8.92
C GLY A 22 12.23 -5.34 8.08
N PRO A 23 12.52 -4.13 8.66
CA PRO A 23 12.47 -2.87 7.91
C PRO A 23 13.73 -2.63 7.04
N ARG A 24 13.61 -2.99 5.76
CA ARG A 24 14.69 -2.83 4.77
C ARG A 24 14.16 -2.43 3.39
N PRO A 25 13.11 -3.13 2.82
CA PRO A 25 12.54 -2.78 1.50
C PRO A 25 11.69 -1.50 1.53
N ARG A 26 11.24 -1.06 0.35
CA ARG A 26 10.41 0.16 0.21
C ARG A 26 9.16 0.12 1.09
N LEU A 27 8.55 -1.07 1.21
CA LEU A 27 7.35 -1.26 2.02
C LEU A 27 7.72 -1.37 3.51
N TRP A 28 7.32 -0.34 4.28
CA TRP A 28 7.63 -0.27 5.72
C TRP A 28 6.48 0.40 6.49
N GLU A 29 6.45 0.20 7.81
CA GLU A 29 5.40 0.78 8.69
C GLU A 29 5.50 2.31 8.72
N GLY A 30 4.43 2.96 8.23
CA GLY A 30 4.37 4.41 8.19
C GLY A 30 4.79 4.97 6.84
N GLN A 31 4.56 4.18 5.78
CA GLN A 31 4.90 4.58 4.42
C GLN A 31 3.63 5.00 3.67
N ASP A 32 3.61 6.26 3.22
CA ASP A 32 2.47 6.79 2.46
C ASP A 32 2.45 6.13 1.08
N VAL A 33 1.46 5.26 0.89
CA VAL A 33 1.32 4.50 -0.35
C VAL A 33 0.08 4.86 -1.14
N LEU A 34 0.08 4.42 -2.39
CA LEU A 34 -1.03 4.61 -3.29
C LEU A 34 -1.56 3.26 -3.70
N ALA A 35 -2.67 2.88 -3.06
CA ALA A 35 -3.32 1.61 -3.30
C ALA A 35 -4.41 1.77 -4.35
N ARG A 36 -4.18 1.19 -5.52
CA ARG A 36 -5.12 1.26 -6.63
C ARG A 36 -6.37 0.39 -6.36
N TRP A 37 -7.55 1.04 -6.40
CA TRP A 37 -8.81 0.35 -6.15
C TRP A 37 -9.36 -0.28 -7.44
N THR A 38 -10.16 -1.35 -7.27
CA THR A 38 -10.74 -2.11 -8.41
C THR A 38 -11.80 -1.34 -9.22
N ASP A 39 -12.16 -0.13 -8.76
CA ASP A 39 -13.16 0.69 -9.46
C ASP A 39 -12.49 1.66 -10.46
N GLY A 40 -11.15 1.69 -10.45
CA GLY A 40 -10.41 2.56 -11.35
C GLY A 40 -9.79 3.75 -10.63
N LEU A 41 -10.25 4.02 -9.39
CA LEU A 41 -9.76 5.13 -8.59
C LEU A 41 -8.62 4.71 -7.68
N LEU A 42 -7.74 5.66 -7.36
CA LEU A 42 -6.58 5.43 -6.50
C LEU A 42 -6.94 5.68 -5.02
N TYR A 43 -6.07 5.22 -4.12
CA TYR A 43 -6.28 5.36 -2.68
C TYR A 43 -4.98 5.78 -2.01
N LEU A 44 -5.04 6.84 -1.18
CA LEU A 44 -3.86 7.31 -0.45
C LEU A 44 -3.88 6.74 0.96
N GLY A 45 -2.82 6.01 1.30
CA GLY A 45 -2.74 5.39 2.61
C GLY A 45 -1.36 5.37 3.21
N THR A 46 -1.26 4.76 4.40
CA THR A 46 0.00 4.61 5.13
C THR A 46 0.11 3.16 5.60
N ILE A 47 1.30 2.58 5.41
CA ILE A 47 1.55 1.18 5.75
C ILE A 47 1.49 0.89 7.26
N LYS A 48 0.52 0.04 7.62
CA LYS A 48 0.32 -0.39 9.00
C LYS A 48 0.99 -1.75 9.24
N LYS A 49 1.14 -2.54 8.15
CA LYS A 49 1.77 -3.87 8.22
C LYS A 49 2.49 -4.18 6.90
N VAL A 50 3.45 -5.10 6.96
CA VAL A 50 4.25 -5.48 5.79
C VAL A 50 4.39 -7.00 5.68
N ASP A 51 4.17 -7.51 4.46
CA ASP A 51 4.30 -8.93 4.15
C ASP A 51 5.28 -9.12 2.99
N SER A 52 6.59 -9.13 3.33
CA SER A 52 7.67 -9.29 2.35
C SER A 52 7.82 -10.73 1.85
N ALA A 53 7.01 -11.65 2.40
CA ALA A 53 7.06 -13.07 2.02
C ALA A 53 6.16 -13.36 0.81
N ARG A 54 4.96 -12.73 0.81
CA ARG A 54 3.99 -12.91 -0.27
C ARG A 54 3.88 -11.65 -1.13
N GLU A 55 4.81 -10.68 -0.93
CA GLU A 55 4.84 -9.39 -1.67
C GLU A 55 3.53 -8.60 -1.47
N VAL A 56 3.12 -8.52 -0.20
CA VAL A 56 1.89 -7.81 0.19
C VAL A 56 2.17 -6.90 1.40
N CYS A 57 1.24 -5.96 1.65
CA CYS A 57 1.35 -5.02 2.79
C CYS A 57 -0.01 -4.48 3.17
N LEU A 58 -0.20 -4.24 4.47
CA LEU A 58 -1.45 -3.68 4.98
C LEU A 58 -1.27 -2.19 5.19
N VAL A 59 -2.26 -1.43 4.74
CA VAL A 59 -2.20 0.03 4.83
C VAL A 59 -3.52 0.62 5.32
N GLN A 60 -3.39 1.70 6.10
CA GLN A 60 -4.54 2.44 6.62
C GLN A 60 -4.81 3.61 5.66
N PHE A 61 -6.05 4.09 5.62
CA PHE A 61 -6.40 5.16 4.68
C PHE A 61 -6.96 6.41 5.37
N GLU A 62 -7.22 7.44 4.54
CA GLU A 62 -7.74 8.74 5.00
C GLU A 62 -9.08 8.61 5.73
N ASP A 63 -10.00 7.78 5.19
CA ASP A 63 -11.31 7.60 5.81
C ASP A 63 -11.28 6.36 6.74
N ASP A 64 -10.16 6.19 7.46
CA ASP A 64 -9.91 5.09 8.43
C ASP A 64 -10.30 3.70 7.90
N SER A 65 -9.68 3.32 6.77
CA SER A 65 -9.93 2.03 6.15
C SER A 65 -8.71 1.13 6.26
N GLN A 66 -8.96 -0.16 6.43
CA GLN A 66 -7.90 -1.16 6.51
C GLN A 66 -8.06 -2.13 5.34
N PHE A 67 -7.28 -1.87 4.29
CA PHE A 67 -7.35 -2.66 3.07
C PHE A 67 -6.00 -3.28 2.71
N LEU A 68 -6.01 -4.60 2.52
CA LEU A 68 -4.83 -5.38 2.16
C LEU A 68 -4.47 -5.15 0.68
N VAL A 69 -3.33 -4.51 0.44
CA VAL A 69 -2.88 -4.21 -0.93
C VAL A 69 -1.60 -4.96 -1.29
N LEU A 70 -1.47 -5.24 -2.59
CA LEU A 70 -0.31 -5.93 -3.15
C LEU A 70 0.75 -4.93 -3.56
N TRP A 71 2.03 -5.33 -3.46
CA TRP A 71 3.17 -4.46 -3.82
C TRP A 71 3.12 -4.02 -5.30
N LYS A 72 2.30 -4.71 -6.11
CA LYS A 72 2.14 -4.38 -7.53
C LYS A 72 1.08 -3.30 -7.75
N ASP A 73 0.06 -3.29 -6.87
CA ASP A 73 -1.03 -2.31 -6.94
C ASP A 73 -0.72 -1.08 -6.07
N ILE A 74 0.49 -1.04 -5.51
CA ILE A 74 0.92 0.06 -4.65
C ILE A 74 1.91 0.98 -5.35
N SER A 75 1.75 2.28 -5.10
CA SER A 75 2.63 3.32 -5.66
C SER A 75 3.06 4.27 -4.53
N PRO A 76 4.36 4.24 -4.07
CA PRO A 76 4.84 5.14 -3.00
C PRO A 76 4.56 6.62 -3.28
N ALA A 77 3.82 7.25 -2.35
CA ALA A 77 3.43 8.65 -2.46
C ALA A 77 4.60 9.60 -2.08
N ALA A 78 4.27 10.84 -1.65
CA ALA A 78 5.25 11.89 -1.24
C ALA A 78 5.99 12.50 -2.44
N LEU A 79 5.80 11.90 -3.65
CA LEU A 79 6.43 12.37 -4.90
C LEU A 79 7.96 12.48 -4.77
N ALA B 1 -16.92 20.85 9.69
CA ALA B 1 -15.91 20.63 8.63
C ALA B 1 -16.51 19.92 7.44
N THR B 2 -15.99 20.24 6.24
CA THR B 2 -16.47 19.63 5.00
C THR B 2 -15.34 18.93 4.26
N GLY B 3 -15.53 17.65 3.97
CA GLY B 3 -14.52 16.87 3.26
C GLY B 3 -13.92 15.78 4.12
N GLY B 4 -14.37 14.54 3.91
CA GLY B 4 -13.87 13.40 4.68
C GLY B 4 -13.53 12.22 3.79
N VAL B 5 -12.72 12.48 2.76
CA VAL B 5 -12.31 11.44 1.81
C VAL B 5 -10.81 11.58 1.48
N M3L B 6 -10.22 10.49 0.93
CA M3L B 6 -8.80 10.46 0.54
CB M3L B 6 -8.44 9.10 -0.07
CG M3L B 6 -8.66 7.92 0.87
CD M3L B 6 -8.77 6.61 0.11
CE M3L B 6 -10.22 6.12 0.01
NZ M3L B 6 -10.64 5.12 1.07
C M3L B 6 -8.44 11.57 -0.47
O M3L B 6 -9.33 12.13 -1.12
CM1 M3L B 6 -9.73 3.95 1.16
CM2 M3L B 6 -12.00 4.63 0.70
CM3 M3L B 6 -10.71 5.73 2.42
H M3L B 6 -10.77 9.69 0.79
HA M3L B 6 -8.21 10.61 1.42
HB2 M3L B 6 -7.41 9.11 -0.36
HB3 M3L B 6 -9.05 8.94 -0.95
HG2 M3L B 6 -9.56 8.08 1.44
HG3 M3L B 6 -7.83 7.86 1.55
HD2 M3L B 6 -8.18 5.86 0.62
HD3 M3L B 6 -8.37 6.75 -0.89
HE2 M3L B 6 -10.35 5.67 -0.96
HE3 M3L B 6 -10.87 6.99 0.08
HM11 M3L B 6 -9.01 4.05 1.96
HM12 M3L B 6 -9.14 3.82 0.26
HM13 M3L B 6 -10.25 3.03 1.32
HM21 M3L B 6 -11.97 3.88 -0.07
HM22 M3L B 6 -12.63 5.43 0.32
HM23 M3L B 6 -12.53 4.21 1.54
HM31 M3L B 6 -11.08 5.05 3.16
HM32 M3L B 6 -11.35 6.59 2.44
HM33 M3L B 6 -9.75 6.06 2.77
N LYS B 7 -7.14 11.86 -0.59
CA LYS B 7 -6.64 12.89 -1.50
C LYS B 7 -5.45 12.39 -2.36
N PRO B 8 -5.58 11.22 -3.08
CA PRO B 8 -4.50 10.67 -3.91
C PRO B 8 -4.39 11.31 -5.30
N HIS B 9 -3.68 10.61 -6.20
CA HIS B 9 -3.46 11.04 -7.57
C HIS B 9 -4.65 10.63 -8.46
N ARG B 10 -4.87 11.38 -9.54
CA ARG B 10 -5.98 11.10 -10.46
C ARG B 10 -5.50 10.39 -11.72
N TYR B 11 -5.66 9.06 -11.74
CA TYR B 11 -5.27 8.24 -12.88
C TYR B 11 -6.49 7.89 -13.72
N SER A 1 -12.68 -23.87 -1.39
CA SER A 1 -13.18 -23.65 -0.01
C SER A 1 -12.04 -23.67 1.01
N ARG A 2 -11.10 -24.61 0.84
CA ARG A 2 -9.95 -24.75 1.73
C ARG A 2 -8.65 -24.82 0.95
N LEU A 3 -7.63 -24.11 1.43
CA LEU A 3 -6.31 -24.09 0.79
C LEU A 3 -5.21 -24.56 1.76
N SER A 4 -4.69 -25.76 1.49
CA SER A 4 -3.62 -26.35 2.32
C SER A 4 -2.56 -27.01 1.46
N ARG A 5 -1.31 -27.00 1.93
CA ARG A 5 -0.20 -27.60 1.22
C ARG A 5 0.53 -28.62 2.10
N SER A 6 0.58 -29.87 1.62
CA SER A 6 1.23 -30.97 2.34
C SER A 6 2.11 -31.81 1.41
N GLY A 7 1.94 -31.63 0.09
CA GLY A 7 2.72 -32.38 -0.89
C GLY A 7 4.01 -31.69 -1.28
N ALA A 8 3.96 -30.36 -1.43
CA ALA A 8 5.14 -29.58 -1.80
C ALA A 8 5.87 -29.03 -0.57
N SER A 9 7.20 -29.10 -0.61
CA SER A 9 8.04 -28.62 0.49
C SER A 9 8.56 -27.21 0.24
N SER A 10 8.91 -26.94 -1.03
CA SER A 10 9.45 -25.63 -1.43
C SER A 10 8.33 -24.73 -1.97
N LEU A 11 8.35 -23.47 -1.54
CA LEU A 11 7.35 -22.49 -1.95
C LEU A 11 7.99 -21.32 -2.75
N TRP A 12 9.27 -21.47 -3.07
CA TRP A 12 10.01 -20.44 -3.82
C TRP A 12 10.77 -21.05 -5.00
N ASP A 13 10.66 -20.39 -6.15
CA ASP A 13 11.34 -20.84 -7.37
C ASP A 13 12.22 -19.72 -7.95
N PRO A 14 13.57 -19.76 -7.71
CA PRO A 14 14.51 -18.72 -8.22
C PRO A 14 14.59 -18.69 -9.75
N ALA A 15 14.17 -17.55 -10.33
CA ALA A 15 14.19 -17.37 -11.78
C ALA A 15 15.27 -16.35 -12.20
N SER A 16 15.70 -15.53 -11.24
CA SER A 16 16.73 -14.52 -11.49
C SER A 16 17.94 -14.71 -10.55
N PRO A 17 19.15 -14.15 -10.89
CA PRO A 17 20.36 -14.29 -10.04
C PRO A 17 20.25 -13.53 -8.71
N ALA A 18 19.63 -12.35 -8.75
CA ALA A 18 19.45 -11.51 -7.56
C ALA A 18 17.98 -11.10 -7.40
N PRO A 19 17.36 -11.30 -6.20
CA PRO A 19 15.96 -10.93 -5.96
C PRO A 19 15.75 -9.42 -5.81
N THR A 20 16.47 -8.79 -4.85
CA THR A 20 16.38 -7.34 -4.57
C THR A 20 14.95 -6.88 -4.29
N SER A 21 14.65 -6.65 -3.01
CA SER A 21 13.32 -6.20 -2.59
C SER A 21 13.40 -4.98 -1.68
N GLY A 22 14.28 -5.04 -0.67
CA GLY A 22 14.45 -3.93 0.26
C GLY A 22 13.63 -4.13 1.54
N PRO A 23 14.27 -4.58 2.68
CA PRO A 23 13.55 -4.79 3.96
C PRO A 23 12.95 -3.50 4.54
N ARG A 24 13.67 -2.38 4.37
CA ARG A 24 13.21 -1.08 4.86
C ARG A 24 12.57 -0.23 3.73
N PRO A 25 13.21 -0.09 2.53
CA PRO A 25 12.65 0.71 1.42
C PRO A 25 11.50 -0.01 0.70
N ARG A 26 10.80 0.73 -0.19
CA ARG A 26 9.65 0.22 -0.99
C ARG A 26 8.39 0.01 -0.14
N LEU A 27 8.54 -0.66 1.02
CA LEU A 27 7.43 -0.92 1.93
C LEU A 27 7.91 -0.97 3.39
N TRP A 28 7.43 0.00 4.19
CA TRP A 28 7.79 0.11 5.61
C TRP A 28 6.65 0.75 6.41
N GLU A 29 6.67 0.56 7.74
CA GLU A 29 5.62 1.12 8.63
C GLU A 29 5.64 2.65 8.63
N GLY A 30 4.54 3.25 8.15
CA GLY A 30 4.42 4.69 8.07
C GLY A 30 4.80 5.23 6.70
N GLN A 31 4.59 4.41 5.67
CA GLN A 31 4.92 4.76 4.30
C GLN A 31 3.64 5.16 3.56
N ASP A 32 3.61 6.41 3.06
CA ASP A 32 2.46 6.89 2.29
C ASP A 32 2.44 6.17 0.95
N VAL A 33 1.43 5.31 0.78
CA VAL A 33 1.31 4.50 -0.41
C VAL A 33 0.07 4.83 -1.24
N LEU A 34 0.05 4.28 -2.44
CA LEU A 34 -1.05 4.44 -3.35
C LEU A 34 -1.61 3.07 -3.69
N ALA A 35 -2.72 2.77 -3.03
CA ALA A 35 -3.41 1.50 -3.19
C ALA A 35 -4.49 1.63 -4.27
N ARG A 36 -4.22 1.03 -5.43
CA ARG A 36 -5.14 1.09 -6.57
C ARG A 36 -6.38 0.23 -6.31
N TRP A 37 -7.55 0.83 -6.55
CA TRP A 37 -8.84 0.15 -6.35
C TRP A 37 -9.30 -0.54 -7.65
N THR A 38 -10.20 -1.52 -7.51
CA THR A 38 -10.72 -2.31 -8.64
C THR A 38 -11.70 -1.53 -9.54
N ASP A 39 -12.07 -0.31 -9.13
CA ASP A 39 -13.00 0.52 -9.91
C ASP A 39 -12.25 1.50 -10.82
N GLY A 40 -10.90 1.44 -10.78
CA GLY A 40 -10.08 2.31 -11.60
C GLY A 40 -9.56 3.52 -10.85
N LEU A 41 -10.10 3.77 -9.65
CA LEU A 41 -9.69 4.91 -8.83
C LEU A 41 -8.57 4.53 -7.86
N LEU A 42 -7.69 5.49 -7.60
CA LEU A 42 -6.55 5.30 -6.69
C LEU A 42 -6.94 5.64 -5.25
N TYR A 43 -6.15 5.13 -4.30
CA TYR A 43 -6.40 5.35 -2.87
C TYR A 43 -5.07 5.70 -2.18
N LEU A 44 -5.10 6.74 -1.34
CA LEU A 44 -3.90 7.16 -0.61
C LEU A 44 -3.95 6.61 0.82
N GLY A 45 -2.81 6.05 1.25
CA GLY A 45 -2.73 5.47 2.58
C GLY A 45 -1.35 5.48 3.19
N THR A 46 -1.24 4.94 4.40
CA THR A 46 0.03 4.83 5.11
C THR A 46 0.17 3.42 5.65
N ILE A 47 1.33 2.82 5.39
CA ILE A 47 1.62 1.43 5.77
C ILE A 47 1.60 1.19 7.28
N LYS A 48 0.68 0.33 7.69
CA LYS A 48 0.51 -0.07 9.09
C LYS A 48 1.26 -1.38 9.35
N LYS A 49 1.28 -2.26 8.33
CA LYS A 49 1.96 -3.56 8.42
C LYS A 49 2.66 -3.88 7.09
N VAL A 50 3.61 -4.83 7.14
CA VAL A 50 4.37 -5.22 5.95
C VAL A 50 4.53 -6.74 5.89
N ASP A 51 4.29 -7.29 4.69
CA ASP A 51 4.42 -8.72 4.42
C ASP A 51 5.40 -8.95 3.26
N SER A 52 6.70 -8.97 3.60
CA SER A 52 7.78 -9.16 2.61
C SER A 52 7.92 -10.61 2.14
N ALA A 53 7.07 -11.50 2.69
CA ALA A 53 7.10 -12.93 2.35
C ALA A 53 6.17 -13.25 1.17
N ARG A 54 4.97 -12.65 1.18
CA ARG A 54 3.98 -12.86 0.12
C ARG A 54 3.82 -11.62 -0.76
N GLU A 55 4.75 -10.63 -0.61
CA GLU A 55 4.73 -9.36 -1.38
C GLU A 55 3.42 -8.59 -1.14
N VAL A 56 3.07 -8.45 0.14
CA VAL A 56 1.86 -7.75 0.57
C VAL A 56 2.18 -6.77 1.71
N CYS A 57 1.27 -5.82 1.96
CA CYS A 57 1.43 -4.83 3.03
C CYS A 57 0.07 -4.27 3.43
N LEU A 58 -0.11 -4.06 4.74
CA LEU A 58 -1.35 -3.50 5.25
C LEU A 58 -1.17 -2.00 5.40
N VAL A 59 -2.17 -1.25 4.94
CA VAL A 59 -2.11 0.20 4.97
C VAL A 59 -3.41 0.82 5.48
N GLN A 60 -3.27 1.92 6.21
CA GLN A 60 -4.40 2.67 6.75
C GLN A 60 -4.73 3.79 5.76
N PHE A 61 -6.01 4.03 5.53
CA PHE A 61 -6.43 5.03 4.56
C PHE A 61 -7.01 6.28 5.21
N GLU A 62 -7.09 7.37 4.41
CA GLU A 62 -7.59 8.68 4.84
C GLU A 62 -8.98 8.61 5.51
N ASP A 63 -9.88 7.79 4.94
CA ASP A 63 -11.23 7.63 5.50
C ASP A 63 -11.27 6.52 6.58
N ASP A 64 -10.13 6.36 7.31
CA ASP A 64 -9.98 5.38 8.41
C ASP A 64 -10.35 3.94 8.00
N SER A 65 -9.65 3.44 6.97
CA SER A 65 -9.91 2.08 6.48
C SER A 65 -8.63 1.25 6.49
N GLN A 66 -8.71 0.06 7.09
CA GLN A 66 -7.59 -0.87 7.12
C GLN A 66 -7.81 -1.88 6.00
N PHE A 67 -7.22 -1.58 4.86
CA PHE A 67 -7.37 -2.39 3.65
C PHE A 67 -6.04 -2.98 3.20
N LEU A 68 -6.02 -4.31 3.06
CA LEU A 68 -4.83 -5.06 2.63
C LEU A 68 -4.55 -4.86 1.14
N VAL A 69 -3.35 -4.43 0.81
CA VAL A 69 -2.95 -4.18 -0.59
C VAL A 69 -1.68 -4.94 -0.96
N LEU A 70 -1.60 -5.28 -2.25
CA LEU A 70 -0.46 -6.00 -2.81
C LEU A 70 0.61 -5.03 -3.29
N TRP A 71 1.88 -5.44 -3.21
CA TRP A 71 3.02 -4.59 -3.64
C TRP A 71 2.94 -4.22 -5.12
N LYS A 72 2.07 -4.93 -5.88
CA LYS A 72 1.88 -4.66 -7.31
C LYS A 72 0.83 -3.56 -7.54
N ASP A 73 -0.15 -3.48 -6.63
CA ASP A 73 -1.21 -2.47 -6.71
C ASP A 73 -0.86 -1.22 -5.88
N ILE A 74 0.36 -1.21 -5.32
CA ILE A 74 0.82 -0.10 -4.51
C ILE A 74 1.85 0.76 -5.25
N SER A 75 1.72 2.08 -5.06
CA SER A 75 2.62 3.06 -5.67
C SER A 75 3.06 4.09 -4.60
N PRO A 76 4.35 4.07 -4.14
CA PRO A 76 4.84 5.02 -3.11
C PRO A 76 4.55 6.48 -3.47
N ALA A 77 3.82 7.16 -2.56
CA ALA A 77 3.43 8.56 -2.74
C ALA A 77 4.56 9.55 -2.40
N ALA A 78 5.77 9.02 -2.20
CA ALA A 78 6.94 9.84 -1.85
C ALA A 78 7.60 10.43 -3.11
N LEU A 79 7.75 9.61 -4.16
CA LEU A 79 8.36 10.04 -5.41
C LEU A 79 7.50 9.62 -6.60
N ALA B 1 -7.43 18.68 2.15
CA ALA B 1 -7.15 19.22 3.50
C ALA B 1 -8.38 19.14 4.40
N THR B 2 -9.55 19.47 3.83
CA THR B 2 -10.82 19.44 4.58
C THR B 2 -11.88 18.63 3.83
N GLY B 3 -12.73 17.94 4.59
CA GLY B 3 -13.78 17.12 4.00
C GLY B 3 -13.95 15.79 4.71
N GLY B 4 -13.03 14.86 4.42
CA GLY B 4 -13.07 13.54 5.03
C GLY B 4 -12.95 12.42 4.02
N VAL B 5 -12.09 12.62 3.01
CA VAL B 5 -11.86 11.64 1.95
C VAL B 5 -10.38 11.64 1.52
N M3L B 6 -9.94 10.56 0.86
CA M3L B 6 -8.55 10.41 0.38
CB M3L B 6 -8.33 9.04 -0.26
CG M3L B 6 -8.62 7.87 0.67
CD M3L B 6 -9.96 7.24 0.36
CE M3L B 6 -10.48 6.41 1.56
NZ M3L B 6 -10.76 4.95 1.26
C M3L B 6 -8.18 11.51 -0.62
O M3L B 6 -9.06 12.09 -1.28
CM1 M3L B 6 -9.53 4.22 0.82
CM2 M3L B 6 -11.83 4.84 0.24
CM3 M3L B 6 -11.20 4.29 2.51
H M3L B 6 -10.58 9.82 0.71
HA M3L B 6 -7.90 10.50 1.23
HB2 M3L B 6 -7.30 8.97 -0.59
HB3 M3L B 6 -8.98 8.95 -1.13
HG2 M3L B 6 -8.62 8.22 1.68
HG3 M3L B 6 -7.85 7.12 0.55
HD2 M3L B 6 -9.88 6.60 -0.50
HD3 M3L B 6 -10.68 8.03 0.15
HE2 M3L B 6 -11.39 6.87 1.90
HE3 M3L B 6 -9.74 6.46 2.34
HM11 M3L B 6 -9.73 3.52 0.03
HM12 M3L B 6 -9.07 3.65 1.62
HM13 M3L B 6 -8.76 4.88 0.46
HM21 M3L B 6 -11.46 4.89 -0.76
HM22 M3L B 6 -12.57 5.62 0.33
HM23 M3L B 6 -12.38 3.91 0.32
HM31 M3L B 6 -11.10 3.22 2.48
HM32 M3L B 6 -12.25 4.49 2.72
HM33 M3L B 6 -10.65 4.63 3.37
N LYS B 7 -6.87 11.77 -0.74
CA LYS B 7 -6.35 12.79 -1.67
C LYS B 7 -5.18 12.23 -2.53
N PRO B 8 -5.39 11.08 -3.27
CA PRO B 8 -4.34 10.46 -4.10
C PRO B 8 -4.21 11.09 -5.50
N HIS B 9 -3.49 10.36 -6.36
CA HIS B 9 -3.24 10.72 -7.75
C HIS B 9 -4.38 10.19 -8.63
N ARG B 10 -5.14 11.11 -9.24
CA ARG B 10 -6.28 10.75 -10.09
C ARG B 10 -5.86 10.37 -11.50
N TYR B 11 -5.85 9.06 -11.76
CA TYR B 11 -5.50 8.52 -13.08
C TYR B 11 -6.54 7.50 -13.54
N SER A 1 -4.63 -17.35 -20.49
CA SER A 1 -4.08 -16.06 -19.99
C SER A 1 -4.52 -15.79 -18.56
N ARG A 2 -3.61 -15.21 -17.77
CA ARG A 2 -3.88 -14.88 -16.37
C ARG A 2 -3.53 -13.43 -16.06
N LEU A 3 -4.15 -12.88 -15.01
CA LEU A 3 -3.91 -11.50 -14.59
C LEU A 3 -2.73 -11.40 -13.61
N SER A 4 -2.66 -12.37 -12.69
CA SER A 4 -1.57 -12.41 -11.70
C SER A 4 -0.51 -13.43 -12.11
N ARG A 5 0.76 -13.02 -12.01
CA ARG A 5 1.88 -13.89 -12.37
C ARG A 5 2.42 -14.65 -11.15
N SER A 6 2.02 -15.92 -11.04
CA SER A 6 2.43 -16.79 -9.93
C SER A 6 2.75 -18.20 -10.43
N GLY A 7 3.77 -18.81 -9.83
CA GLY A 7 4.18 -20.16 -10.21
C GLY A 7 4.71 -20.95 -9.02
N ALA A 8 5.94 -20.63 -8.61
CA ALA A 8 6.58 -21.30 -7.48
C ALA A 8 7.12 -20.28 -6.48
N SER A 9 6.72 -20.43 -5.22
CA SER A 9 7.14 -19.52 -4.16
C SER A 9 8.05 -20.23 -3.14
N SER A 10 7.66 -21.44 -2.75
CA SER A 10 8.43 -22.24 -1.79
C SER A 10 9.27 -23.30 -2.49
N LEU A 11 10.59 -23.18 -2.37
CA LEU A 11 11.54 -24.12 -2.98
C LEU A 11 12.67 -24.44 -2.02
N TRP A 12 13.31 -23.38 -1.47
CA TRP A 12 14.42 -23.54 -0.54
C TRP A 12 14.27 -22.58 0.64
N ASP A 13 14.88 -22.94 1.78
CA ASP A 13 14.82 -22.13 3.00
C ASP A 13 16.01 -21.14 3.08
N PRO A 14 15.75 -19.82 3.22
CA PRO A 14 16.83 -18.80 3.31
C PRO A 14 17.49 -18.75 4.70
N ALA A 15 17.84 -19.91 5.24
CA ALA A 15 18.48 -20.03 6.55
C ALA A 15 20.00 -20.08 6.44
N SER A 16 20.51 -20.21 5.21
CA SER A 16 21.96 -20.27 4.96
C SER A 16 22.58 -18.87 4.78
N PRO A 17 22.02 -17.96 3.91
CA PRO A 17 22.59 -16.60 3.73
C PRO A 17 22.40 -15.69 4.94
N ALA A 18 23.20 -14.62 5.01
CA ALA A 18 23.14 -13.66 6.11
C ALA A 18 22.16 -12.50 5.82
N PRO A 19 22.22 -11.82 4.62
CA PRO A 19 21.32 -10.71 4.29
C PRO A 19 19.91 -11.18 3.90
N THR A 20 18.90 -10.50 4.45
CA THR A 20 17.50 -10.83 4.17
C THR A 20 16.76 -9.66 3.50
N SER A 21 17.34 -8.46 3.59
CA SER A 21 16.76 -7.25 3.00
C SER A 21 17.29 -7.02 1.58
N GLY A 22 16.58 -6.17 0.82
CA GLY A 22 16.98 -5.86 -0.55
C GLY A 22 17.98 -4.71 -0.64
N PRO A 23 18.21 -4.13 -1.86
CA PRO A 23 19.16 -3.00 -2.04
C PRO A 23 18.63 -1.67 -1.50
N ARG A 24 17.33 -1.40 -1.74
CA ARG A 24 16.70 -0.16 -1.27
C ARG A 24 15.35 -0.47 -0.59
N PRO A 25 14.96 0.28 0.49
CA PRO A 25 13.67 0.05 1.19
C PRO A 25 12.47 0.62 0.42
N ARG A 26 11.41 -0.18 0.31
CA ARG A 26 10.20 0.23 -0.40
C ARG A 26 8.99 0.23 0.54
N LEU A 27 8.56 -0.97 0.97
CA LEU A 27 7.41 -1.13 1.87
C LEU A 27 7.87 -1.16 3.33
N TRP A 28 7.44 -0.13 4.09
CA TRP A 28 7.80 -0.02 5.52
C TRP A 28 6.65 0.61 6.30
N GLU A 29 6.63 0.37 7.63
CA GLU A 29 5.56 0.90 8.51
C GLU A 29 5.61 2.43 8.57
N GLY A 30 4.52 3.04 8.09
CA GLY A 30 4.41 4.50 8.07
C GLY A 30 4.78 5.08 6.72
N GLN A 31 4.61 4.27 5.66
CA GLN A 31 4.92 4.68 4.30
C GLN A 31 3.63 5.08 3.58
N ASP A 32 3.57 6.32 3.10
CA ASP A 32 2.39 6.80 2.36
C ASP A 32 2.37 6.13 0.99
N VAL A 33 1.37 5.26 0.81
CA VAL A 33 1.24 4.49 -0.41
C VAL A 33 -0.02 4.84 -1.20
N LEU A 34 -0.01 4.40 -2.46
CA LEU A 34 -1.12 4.59 -3.36
C LEU A 34 -1.64 3.23 -3.76
N ALA A 35 -2.75 2.87 -3.12
CA ALA A 35 -3.40 1.59 -3.34
C ALA A 35 -4.49 1.74 -4.41
N ARG A 36 -4.21 1.20 -5.59
CA ARG A 36 -5.13 1.25 -6.73
C ARG A 36 -6.32 0.31 -6.52
N TRP A 37 -7.53 0.85 -6.58
CA TRP A 37 -8.75 0.06 -6.40
C TRP A 37 -9.36 -0.33 -7.74
N THR A 38 -10.25 -1.35 -7.70
CA THR A 38 -10.91 -1.89 -8.89
C THR A 38 -12.05 -0.99 -9.44
N ASP A 39 -12.26 0.18 -8.80
CA ASP A 39 -13.31 1.11 -9.23
C ASP A 39 -12.75 2.14 -10.24
N GLY A 40 -11.45 2.02 -10.53
CA GLY A 40 -10.79 2.92 -11.46
C GLY A 40 -10.10 4.09 -10.76
N LEU A 41 -10.46 4.30 -9.48
CA LEU A 41 -9.90 5.39 -8.68
C LEU A 41 -8.79 4.87 -7.77
N LEU A 42 -7.84 5.76 -7.49
CA LEU A 42 -6.69 5.47 -6.62
C LEU A 42 -7.05 5.72 -5.15
N TYR A 43 -6.22 5.19 -4.24
CA TYR A 43 -6.43 5.34 -2.79
C TYR A 43 -5.12 5.73 -2.11
N LEU A 44 -5.17 6.73 -1.24
CA LEU A 44 -3.98 7.18 -0.50
C LEU A 44 -4.01 6.59 0.90
N GLY A 45 -2.89 5.98 1.29
CA GLY A 45 -2.80 5.35 2.60
C GLY A 45 -1.40 5.34 3.19
N THR A 46 -1.28 4.73 4.36
CA THR A 46 -0.01 4.60 5.07
C THR A 46 0.14 3.15 5.53
N ILE A 47 1.36 2.62 5.40
CA ILE A 47 1.65 1.22 5.74
C ILE A 47 1.60 0.94 7.24
N LYS A 48 0.66 0.08 7.62
CA LYS A 48 0.48 -0.34 9.01
C LYS A 48 1.16 -1.70 9.25
N LYS A 49 1.31 -2.48 8.17
CA LYS A 49 1.95 -3.80 8.22
C LYS A 49 2.63 -4.12 6.89
N VAL A 50 3.59 -5.05 6.91
CA VAL A 50 4.34 -5.43 5.72
C VAL A 50 4.48 -6.95 5.62
N ASP A 51 4.27 -7.46 4.40
CA ASP A 51 4.40 -8.88 4.09
C ASP A 51 5.42 -9.06 2.95
N SER A 52 6.70 -8.98 3.32
CA SER A 52 7.82 -9.12 2.36
C SER A 52 8.01 -10.56 1.86
N ALA A 53 7.28 -11.51 2.45
CA ALA A 53 7.36 -12.93 2.07
C ALA A 53 6.36 -13.26 0.95
N ARG A 54 5.18 -12.62 1.00
CA ARG A 54 4.13 -12.85 0.01
C ARG A 54 3.96 -11.65 -0.94
N GLU A 55 4.86 -10.64 -0.81
CA GLU A 55 4.83 -9.41 -1.64
C GLU A 55 3.52 -8.62 -1.44
N VAL A 56 3.12 -8.50 -0.17
CA VAL A 56 1.91 -7.78 0.22
C VAL A 56 2.19 -6.85 1.41
N CYS A 57 1.27 -5.92 1.70
CA CYS A 57 1.40 -4.97 2.81
C CYS A 57 0.05 -4.43 3.22
N LEU A 58 -0.10 -4.18 4.52
CA LEU A 58 -1.34 -3.62 5.05
C LEU A 58 -1.17 -2.13 5.24
N VAL A 59 -2.17 -1.38 4.81
CA VAL A 59 -2.13 0.08 4.89
C VAL A 59 -3.46 0.65 5.36
N GLN A 60 -3.36 1.73 6.16
CA GLN A 60 -4.52 2.44 6.67
C GLN A 60 -4.80 3.59 5.71
N PHE A 61 -6.07 3.91 5.49
CA PHE A 61 -6.44 4.95 4.53
C PHE A 61 -7.03 6.21 5.17
N GLU A 62 -7.33 7.20 4.30
CA GLU A 62 -7.87 8.51 4.71
C GLU A 62 -9.22 8.40 5.41
N ASP A 63 -10.11 7.54 4.88
CA ASP A 63 -11.44 7.36 5.47
C ASP A 63 -11.43 6.24 6.54
N ASP A 64 -10.28 6.09 7.24
CA ASP A 64 -10.09 5.10 8.32
C ASP A 64 -10.44 3.67 7.89
N SER A 65 -9.77 3.19 6.84
CA SER A 65 -9.99 1.85 6.31
C SER A 65 -8.71 1.03 6.30
N GLN A 66 -8.80 -0.20 6.80
CA GLN A 66 -7.67 -1.13 6.79
C GLN A 66 -7.84 -2.08 5.61
N PHE A 67 -7.22 -1.70 4.50
CA PHE A 67 -7.33 -2.46 3.25
C PHE A 67 -5.97 -3.00 2.82
N LEU A 68 -5.91 -4.33 2.66
CA LEU A 68 -4.67 -5.02 2.25
C LEU A 68 -4.41 -4.79 0.77
N VAL A 69 -3.18 -4.43 0.46
CA VAL A 69 -2.79 -4.16 -0.94
C VAL A 69 -1.54 -4.92 -1.34
N LEU A 70 -1.47 -5.23 -2.63
CA LEU A 70 -0.33 -5.93 -3.23
C LEU A 70 0.73 -4.92 -3.66
N TRP A 71 2.00 -5.30 -3.55
CA TRP A 71 3.13 -4.43 -3.93
C TRP A 71 3.08 -3.99 -5.40
N LYS A 72 2.23 -4.67 -6.19
CA LYS A 72 2.05 -4.36 -7.62
C LYS A 72 1.01 -3.26 -7.83
N ASP A 73 -0.02 -3.23 -6.97
CA ASP A 73 -1.09 -2.23 -7.03
C ASP A 73 -0.76 -1.01 -6.17
N ILE A 74 0.46 -0.97 -5.63
CA ILE A 74 0.89 0.12 -4.76
C ILE A 74 1.89 1.05 -5.48
N SER A 75 1.72 2.36 -5.24
CA SER A 75 2.57 3.39 -5.80
C SER A 75 2.99 4.37 -4.69
N PRO A 76 4.27 4.34 -4.20
CA PRO A 76 4.74 5.23 -3.12
C PRO A 76 4.42 6.72 -3.38
N ALA A 77 3.68 7.31 -2.43
CA ALA A 77 3.26 8.71 -2.52
C ALA A 77 4.39 9.69 -2.12
N ALA A 78 4.04 10.99 -2.00
CA ALA A 78 5.00 12.07 -1.62
C ALA A 78 6.04 12.31 -2.72
N LEU A 79 6.25 13.59 -3.04
CA LEU A 79 7.21 14.00 -4.07
C LEU A 79 8.58 14.31 -3.46
N ALA B 1 -20.52 7.26 -1.17
CA ALA B 1 -21.63 8.24 -1.13
C ALA B 1 -21.61 9.05 0.18
N THR B 2 -21.36 8.36 1.30
CA THR B 2 -21.29 8.99 2.61
C THR B 2 -19.89 8.89 3.21
N GLY B 3 -19.32 7.67 3.18
CA GLY B 3 -18.00 7.43 3.72
C GLY B 3 -17.00 7.05 2.65
N GLY B 4 -15.92 7.84 2.54
CA GLY B 4 -14.90 7.58 1.54
C GLY B 4 -14.64 8.77 0.63
N VAL B 5 -13.60 9.54 0.95
CA VAL B 5 -13.25 10.73 0.16
C VAL B 5 -11.83 10.61 -0.41
N M3L B 6 -10.84 10.30 0.47
CA M3L B 6 -9.40 10.15 0.10
CB M3L B 6 -9.18 8.92 -0.80
CG M3L B 6 -10.00 7.68 -0.41
CD M3L B 6 -9.26 6.78 0.55
CE M3L B 6 -10.21 6.11 1.58
NZ M3L B 6 -10.73 4.71 1.20
C M3L B 6 -8.84 11.41 -0.60
O M3L B 6 -9.58 12.24 -1.10
CM1 M3L B 6 -9.63 3.76 0.89
CM2 M3L B 6 -11.69 4.81 0.05
CM3 M3L B 6 -11.45 4.15 2.36
H M3L B 6 -11.09 10.13 1.41
HA M3L B 6 -8.86 10.00 1.02
HB2 M3L B 6 -8.13 8.63 -0.77
HB3 M3L B 6 -9.43 9.17 -1.82
HG2 M3L B 6 -10.24 7.12 -1.30
HG3 M3L B 6 -10.91 8.03 0.05
HD2 M3L B 6 -8.53 7.37 1.10
HD3 M3L B 6 -8.75 6.02 0.00
HE2 M3L B 6 -11.06 6.76 1.72
HE3 M3L B 6 -9.70 6.03 2.52
HM11 M3L B 6 -9.13 3.99 -0.05
HM12 M3L B 6 -9.97 2.74 0.80
HM13 M3L B 6 -8.86 3.75 1.65
HM21 M3L B 6 -11.18 5.02 -0.88
HM22 M3L B 6 -12.42 5.59 0.19
HM23 M3L B 6 -12.24 3.89 -0.10
HM31 M3L B 6 -12.48 4.46 2.41
HM32 M3L B 6 -11.01 4.43 3.31
HM33 M3L B 6 -11.47 3.07 2.36
N LYS B 7 -7.49 11.53 -0.60
CA LYS B 7 -6.81 12.67 -1.23
C LYS B 7 -5.54 12.23 -2.03
N PRO B 8 -5.62 11.14 -2.87
CA PRO B 8 -4.47 10.64 -3.65
C PRO B 8 -4.18 11.44 -4.93
N HIS B 9 -3.49 10.78 -5.86
CA HIS B 9 -3.09 11.33 -7.15
C HIS B 9 -4.27 11.34 -8.14
N ARG B 10 -5.01 10.21 -8.18
CA ARG B 10 -6.20 10.00 -9.06
C ARG B 10 -6.01 10.55 -10.49
N TYR B 11 -5.77 9.61 -11.44
CA TYR B 11 -5.57 9.97 -12.85
C TYR B 11 -6.90 10.00 -13.62
N SER A 1 -21.55 36.30 -17.47
CA SER A 1 -21.23 34.85 -17.33
C SER A 1 -19.71 34.62 -17.24
N ARG A 2 -18.94 35.35 -18.09
CA ARG A 2 -17.46 35.28 -18.15
C ARG A 2 -16.96 33.95 -18.75
N LEU A 3 -17.52 32.82 -18.28
CA LEU A 3 -17.16 31.46 -18.74
C LEU A 3 -15.70 31.10 -18.41
N SER A 4 -15.38 29.80 -18.48
CA SER A 4 -14.03 29.30 -18.19
C SER A 4 -13.14 29.36 -19.44
N ARG A 5 -11.83 29.48 -19.21
CA ARG A 5 -10.85 29.55 -20.31
C ARG A 5 -10.24 28.18 -20.60
N SER A 6 -9.98 27.40 -19.54
CA SER A 6 -9.39 26.07 -19.68
C SER A 6 -10.46 24.99 -19.70
N GLY A 7 -10.32 24.05 -20.64
CA GLY A 7 -11.27 22.95 -20.77
C GLY A 7 -10.76 21.67 -20.17
N ALA A 8 -9.81 21.02 -20.85
CA ALA A 8 -9.22 19.77 -20.39
C ALA A 8 -7.86 20.02 -19.74
N SER A 9 -7.69 19.52 -18.51
CA SER A 9 -6.46 19.69 -17.76
C SER A 9 -5.93 18.35 -17.22
N SER A 10 -6.86 17.49 -16.77
CA SER A 10 -6.50 16.17 -16.22
C SER A 10 -6.53 15.09 -17.29
N LEU A 11 -5.35 14.64 -17.70
CA LEU A 11 -5.20 13.60 -18.72
C LEU A 11 -4.05 12.65 -18.36
N TRP A 12 -2.85 13.21 -18.16
CA TRP A 12 -1.66 12.44 -17.80
C TRP A 12 -0.74 13.26 -16.89
N ASP A 13 -0.31 12.64 -15.79
CA ASP A 13 0.58 13.30 -14.82
C ASP A 13 1.84 12.45 -14.55
N PRO A 14 3.05 12.89 -15.03
CA PRO A 14 4.31 12.14 -14.81
C PRO A 14 4.72 12.10 -13.33
N ALA A 15 5.15 10.91 -12.89
CA ALA A 15 5.58 10.72 -11.49
C ALA A 15 7.10 10.54 -11.39
N SER A 16 7.76 10.26 -12.54
CA SER A 16 9.22 10.05 -12.63
C SER A 16 9.68 8.83 -11.82
N PRO A 17 10.28 7.78 -12.49
CA PRO A 17 10.75 6.57 -11.79
C PRO A 17 12.10 6.76 -11.06
N ALA A 18 12.66 7.98 -11.15
CA ALA A 18 13.96 8.35 -10.52
C ALA A 18 15.13 7.57 -11.13
N PRO A 19 16.29 8.24 -11.40
CA PRO A 19 17.49 7.58 -11.98
C PRO A 19 18.25 6.69 -10.99
N THR A 20 17.75 6.60 -9.75
CA THR A 20 18.37 5.78 -8.70
C THR A 20 17.77 4.38 -8.65
N SER A 21 18.62 3.37 -8.89
CA SER A 21 18.20 1.97 -8.88
C SER A 21 19.21 1.12 -8.10
N GLY A 22 18.68 0.20 -7.28
CA GLY A 22 19.53 -0.67 -6.49
C GLY A 22 18.88 -1.08 -5.17
N PRO A 23 19.65 -1.20 -4.05
CA PRO A 23 19.08 -1.59 -2.74
C PRO A 23 18.40 -0.42 -2.01
N ARG A 24 17.09 -0.30 -2.22
CA ARG A 24 16.28 0.76 -1.60
C ARG A 24 14.92 0.20 -1.14
N PRO A 25 14.41 0.63 0.05
CA PRO A 25 13.11 0.15 0.58
C PRO A 25 11.91 0.72 -0.20
N ARG A 26 10.97 -0.17 -0.55
CA ARG A 26 9.77 0.21 -1.29
C ARG A 26 8.50 0.05 -0.45
N LEU A 27 8.61 -0.68 0.67
CA LEU A 27 7.50 -0.90 1.59
C LEU A 27 8.00 -0.97 3.04
N TRP A 28 7.56 0.02 3.84
CA TRP A 28 7.96 0.12 5.26
C TRP A 28 6.83 0.73 6.10
N GLU A 29 6.89 0.52 7.43
CA GLU A 29 5.87 1.02 8.36
C GLU A 29 5.85 2.56 8.40
N GLY A 30 4.73 3.14 7.95
CA GLY A 30 4.57 4.58 7.92
C GLY A 30 4.89 5.16 6.54
N GLN A 31 4.66 4.34 5.51
CA GLN A 31 4.92 4.74 4.14
C GLN A 31 3.62 5.12 3.45
N ASP A 32 3.53 6.38 2.97
CA ASP A 32 2.34 6.84 2.26
C ASP A 32 2.30 6.16 0.89
N VAL A 33 1.33 5.28 0.74
CA VAL A 33 1.19 4.49 -0.48
C VAL A 33 -0.08 4.81 -1.25
N LEU A 34 -0.08 4.35 -2.50
CA LEU A 34 -1.21 4.52 -3.38
C LEU A 34 -1.73 3.16 -3.77
N ALA A 35 -2.82 2.78 -3.11
CA ALA A 35 -3.46 1.50 -3.33
C ALA A 35 -4.58 1.63 -4.36
N ARG A 36 -4.32 1.13 -5.56
CA ARG A 36 -5.29 1.18 -6.66
C ARG A 36 -6.44 0.20 -6.42
N TRP A 37 -7.68 0.68 -6.55
CA TRP A 37 -8.85 -0.17 -6.33
C TRP A 37 -9.60 -0.47 -7.64
N THR A 38 -10.49 -1.48 -7.56
CA THR A 38 -11.30 -1.96 -8.70
C THR A 38 -12.38 -0.98 -9.18
N ASP A 39 -12.57 0.13 -8.45
CA ASP A 39 -13.59 1.14 -8.80
C ASP A 39 -13.05 2.14 -9.83
N GLY A 40 -11.78 1.95 -10.21
CA GLY A 40 -11.14 2.83 -11.18
C GLY A 40 -10.42 4.00 -10.52
N LEU A 41 -10.74 4.24 -9.25
CA LEU A 41 -10.13 5.33 -8.47
C LEU A 41 -9.02 4.81 -7.58
N LEU A 42 -8.06 5.69 -7.31
CA LEU A 42 -6.90 5.40 -6.46
C LEU A 42 -7.25 5.58 -4.97
N TYR A 43 -6.39 5.05 -4.09
CA TYR A 43 -6.60 5.13 -2.65
C TYR A 43 -5.28 5.52 -1.97
N LEU A 44 -5.32 6.58 -1.15
CA LEU A 44 -4.13 7.03 -0.43
C LEU A 44 -4.11 6.41 0.96
N GLY A 45 -2.93 5.91 1.35
CA GLY A 45 -2.79 5.27 2.65
C GLY A 45 -1.38 5.30 3.20
N THR A 46 -1.21 4.70 4.38
CA THR A 46 0.08 4.58 5.06
C THR A 46 0.28 3.15 5.51
N ILE A 47 1.48 2.63 5.32
CA ILE A 47 1.80 1.23 5.65
C ILE A 47 1.83 0.95 7.14
N LYS A 48 0.91 0.08 7.56
CA LYS A 48 0.81 -0.35 8.96
C LYS A 48 1.53 -1.68 9.16
N LYS A 49 1.64 -2.48 8.08
CA LYS A 49 2.32 -3.78 8.10
C LYS A 49 2.94 -4.09 6.74
N VAL A 50 3.92 -5.00 6.73
CA VAL A 50 4.61 -5.39 5.50
C VAL A 50 4.77 -6.91 5.42
N ASP A 51 4.50 -7.44 4.22
CA ASP A 51 4.62 -8.86 3.92
C ASP A 51 5.56 -9.06 2.73
N SER A 52 6.88 -8.99 3.01
CA SER A 52 7.92 -9.14 1.99
C SER A 52 8.08 -10.60 1.51
N ALA A 53 7.39 -11.53 2.19
CA ALA A 53 7.46 -12.95 1.85
C ALA A 53 6.45 -13.31 0.75
N ARG A 54 5.25 -12.70 0.83
CA ARG A 54 4.19 -12.94 -0.15
C ARG A 54 3.98 -11.71 -1.07
N GLU A 55 4.90 -10.72 -0.97
CA GLU A 55 4.86 -9.47 -1.77
C GLU A 55 3.55 -8.68 -1.54
N VAL A 56 3.19 -8.53 -0.27
CA VAL A 56 1.98 -7.80 0.14
C VAL A 56 2.30 -6.87 1.31
N CYS A 57 1.39 -5.92 1.60
CA CYS A 57 1.56 -4.96 2.70
C CYS A 57 0.22 -4.43 3.17
N LEU A 58 0.10 -4.21 4.48
CA LEU A 58 -1.11 -3.66 5.08
C LEU A 58 -0.96 -2.17 5.24
N VAL A 59 -2.00 -1.43 4.86
CA VAL A 59 -1.97 0.02 4.93
C VAL A 59 -3.29 0.59 5.45
N GLN A 60 -3.17 1.68 6.23
CA GLN A 60 -4.32 2.39 6.77
C GLN A 60 -4.69 3.49 5.77
N PHE A 61 -5.99 3.76 5.63
CA PHE A 61 -6.44 4.74 4.64
C PHE A 61 -7.06 6.01 5.24
N GLU A 62 -7.33 6.98 4.35
CA GLU A 62 -7.90 8.29 4.71
C GLU A 62 -9.20 8.19 5.51
N ASP A 63 -10.11 7.32 5.06
CA ASP A 63 -11.40 7.15 5.73
C ASP A 63 -11.31 6.06 6.83
N ASP A 64 -10.14 5.99 7.50
CA ASP A 64 -9.85 5.04 8.60
C ASP A 64 -10.22 3.59 8.23
N SER A 65 -9.60 3.11 7.15
CA SER A 65 -9.84 1.76 6.66
C SER A 65 -8.55 0.96 6.60
N GLN A 66 -8.59 -0.26 7.17
CA GLN A 66 -7.44 -1.16 7.13
C GLN A 66 -7.65 -2.14 5.98
N PHE A 67 -7.09 -1.77 4.82
CA PHE A 67 -7.25 -2.55 3.61
C PHE A 67 -5.92 -3.08 3.11
N LEU A 68 -5.83 -4.41 2.95
CA LEU A 68 -4.61 -5.07 2.49
C LEU A 68 -4.41 -4.85 1.00
N VAL A 69 -3.18 -4.49 0.65
CA VAL A 69 -2.83 -4.22 -0.75
C VAL A 69 -1.53 -4.93 -1.15
N LEU A 70 -1.45 -5.27 -2.43
CA LEU A 70 -0.28 -5.94 -2.99
C LEU A 70 0.68 -4.92 -3.56
N TRP A 71 1.97 -5.27 -3.55
CA TRP A 71 3.05 -4.41 -4.07
C TRP A 71 2.85 -4.06 -5.56
N LYS A 72 1.94 -4.79 -6.24
CA LYS A 72 1.64 -4.55 -7.66
C LYS A 72 0.64 -3.38 -7.83
N ASP A 73 -0.33 -3.31 -6.92
CA ASP A 73 -1.37 -2.26 -6.94
C ASP A 73 -0.97 -1.05 -6.09
N ILE A 74 0.24 -1.09 -5.52
CA ILE A 74 0.74 0.00 -4.68
C ILE A 74 1.71 0.91 -5.43
N SER A 75 1.55 2.22 -5.21
CA SER A 75 2.40 3.24 -5.80
C SER A 75 2.86 4.23 -4.71
N PRO A 76 4.17 4.21 -4.28
CA PRO A 76 4.67 5.13 -3.23
C PRO A 76 4.36 6.60 -3.53
N ALA A 77 3.65 7.25 -2.59
CA ALA A 77 3.26 8.65 -2.70
C ALA A 77 4.43 9.60 -2.43
N ALA A 78 4.72 10.45 -3.41
CA ALA A 78 5.81 11.42 -3.32
C ALA A 78 5.35 12.82 -3.71
N LEU A 79 5.61 13.79 -2.84
CA LEU A 79 5.22 15.18 -3.08
C LEU A 79 6.45 16.09 -3.06
N ALA B 1 -20.69 9.51 -4.00
CA ALA B 1 -19.73 9.13 -2.93
C ALA B 1 -20.13 9.73 -1.59
N THR B 2 -20.64 10.98 -1.61
CA THR B 2 -21.07 11.72 -0.40
C THR B 2 -19.92 11.94 0.59
N GLY B 3 -19.55 13.22 0.78
CA GLY B 3 -18.47 13.57 1.69
C GLY B 3 -17.14 13.75 0.99
N GLY B 4 -16.11 14.10 1.76
CA GLY B 4 -14.78 14.31 1.21
C GLY B 4 -13.77 13.30 1.74
N VAL B 5 -13.87 12.07 1.24
CA VAL B 5 -12.98 10.98 1.66
C VAL B 5 -11.84 10.77 0.65
N M3L B 6 -10.69 10.25 1.14
CA M3L B 6 -9.48 9.98 0.32
CB M3L B 6 -9.71 8.83 -0.69
CG M3L B 6 -10.52 7.66 -0.14
CD M3L B 6 -9.62 6.61 0.51
CE M3L B 6 -10.32 5.89 1.69
NZ M3L B 6 -10.76 4.46 1.40
C M3L B 6 -8.97 11.22 -0.43
O M3L B 6 -9.74 11.98 -1.01
CM1 M3L B 6 -9.60 3.57 1.09
CM2 M3L B 6 -11.76 4.43 0.29
CM3 M3L B 6 -11.40 3.89 2.62
H M3L B 6 -10.66 10.03 2.10
HA M3L B 6 -8.71 9.68 1.00
HB2 M3L B 6 -8.75 8.46 -1.02
HB3 M3L B 6 -10.24 9.23 -1.54
HG2 M3L B 6 -11.07 7.19 -0.94
HG3 M3L B 6 -11.20 8.02 0.59
HD2 M3L B 6 -8.73 7.10 0.89
HD3 M3L B 6 -9.34 5.89 -0.23
HE2 M3L B 6 -11.20 6.46 1.95
HE3 M3L B 6 -9.65 5.88 2.53
HM11 M3L B 6 -9.77 2.96 0.22
HM12 M3L B 6 -9.37 2.90 1.90
HM13 M3L B 6 -8.70 4.13 0.90
HM21 M3L B 6 -11.30 4.54 -0.68
HM22 M3L B 6 -12.49 5.22 0.37
HM23 M3L B 6 -12.32 3.51 0.25
HM31 M3L B 6 -12.42 4.23 2.75
HM32 M3L B 6 -10.88 4.18 3.52
HM33 M3L B 6 -11.43 2.82 2.61
N LYS B 7 -7.63 11.41 -0.41
CA LYS B 7 -6.98 12.53 -1.10
C LYS B 7 -5.72 12.07 -1.88
N PRO B 8 -5.81 10.99 -2.73
CA PRO B 8 -4.66 10.46 -3.50
C PRO B 8 -4.28 11.29 -4.73
N HIS B 9 -3.50 10.65 -5.60
CA HIS B 9 -3.00 11.22 -6.84
C HIS B 9 -4.10 11.30 -7.92
N ARG B 10 -4.66 12.51 -8.10
CA ARG B 10 -5.72 12.81 -9.09
C ARG B 10 -6.98 11.94 -8.91
N TYR B 11 -6.86 10.64 -9.21
CA TYR B 11 -7.98 9.70 -9.09
C TYR B 11 -7.97 9.01 -7.73
N SER A 1 -21.40 3.95 1.91
CA SER A 1 -21.28 3.14 3.14
C SER A 1 -21.19 1.65 2.81
N ARG A 2 -22.02 1.20 1.86
CA ARG A 2 -22.04 -0.20 1.43
C ARG A 2 -21.59 -0.34 -0.02
N LEU A 3 -21.09 -1.53 -0.37
CA LEU A 3 -20.62 -1.83 -1.73
C LEU A 3 -21.72 -2.47 -2.58
N SER A 4 -22.51 -3.37 -1.95
CA SER A 4 -23.63 -4.09 -2.63
C SER A 4 -23.13 -5.02 -3.74
N ARG A 5 -23.95 -6.02 -4.08
CA ARG A 5 -23.61 -6.99 -5.14
C ARG A 5 -24.12 -6.52 -6.50
N SER A 6 -23.18 -6.26 -7.42
CA SER A 6 -23.51 -5.81 -8.77
C SER A 6 -22.65 -6.52 -9.82
N GLY A 7 -21.36 -6.68 -9.52
CA GLY A 7 -20.44 -7.34 -10.44
C GLY A 7 -20.17 -8.79 -10.06
N ALA A 8 -19.41 -9.48 -10.90
CA ALA A 8 -19.05 -10.88 -10.67
C ALA A 8 -17.65 -11.02 -10.08
N SER A 9 -17.52 -11.89 -9.06
CA SER A 9 -16.25 -12.16 -8.35
C SER A 9 -15.63 -10.88 -7.78
N SER A 10 -15.75 -10.71 -6.45
CA SER A 10 -15.21 -9.54 -5.75
C SER A 10 -14.64 -9.92 -4.38
N LEU A 11 -14.88 -11.17 -3.95
CA LEU A 11 -14.39 -11.65 -2.65
C LEU A 11 -13.00 -12.29 -2.76
N TRP A 12 -12.81 -13.15 -3.77
CA TRP A 12 -11.53 -13.82 -3.99
C TRP A 12 -11.15 -13.80 -5.47
N ASP A 13 -9.90 -13.36 -5.73
CA ASP A 13 -9.39 -13.29 -7.10
C ASP A 13 -8.00 -13.95 -7.20
N PRO A 14 -7.62 -14.49 -8.40
CA PRO A 14 -6.32 -15.17 -8.60
C PRO A 14 -5.13 -14.19 -8.56
N ALA A 15 -4.12 -14.53 -7.74
CA ALA A 15 -2.92 -13.71 -7.60
C ALA A 15 -1.69 -14.37 -8.24
N SER A 16 -1.86 -15.63 -8.70
CA SER A 16 -0.79 -16.43 -9.36
C SER A 16 0.39 -16.68 -8.38
N PRO A 17 0.50 -17.92 -7.79
CA PRO A 17 1.60 -18.27 -6.86
C PRO A 17 2.96 -18.31 -7.54
N ALA A 18 3.95 -17.64 -6.92
CA ALA A 18 5.32 -17.58 -7.44
C ALA A 18 6.34 -17.89 -6.33
N PRO A 19 7.57 -18.38 -6.68
CA PRO A 19 8.62 -18.70 -5.69
C PRO A 19 9.08 -17.47 -4.89
N THR A 20 9.92 -17.71 -3.87
CA THR A 20 10.44 -16.64 -3.00
C THR A 20 11.66 -15.94 -3.64
N SER A 21 11.53 -14.63 -3.82
CA SER A 21 12.60 -13.81 -4.40
C SER A 21 13.14 -12.80 -3.39
N GLY A 22 14.28 -12.18 -3.72
CA GLY A 22 14.89 -11.19 -2.85
C GLY A 22 14.80 -9.77 -3.39
N PRO A 23 13.63 -9.07 -3.21
CA PRO A 23 13.46 -7.69 -3.71
C PRO A 23 14.11 -6.63 -2.80
N ARG A 24 14.08 -5.36 -3.25
CA ARG A 24 14.67 -4.25 -2.48
C ARG A 24 13.64 -3.67 -1.48
N PRO A 25 14.09 -2.95 -0.40
CA PRO A 25 13.17 -2.36 0.60
C PRO A 25 12.43 -1.13 0.07
N ARG A 26 11.09 -1.17 0.20
CA ARG A 26 10.22 -0.08 -0.25
C ARG A 26 9.00 0.06 0.68
N LEU A 27 8.41 -1.10 1.02
CA LEU A 27 7.23 -1.16 1.89
C LEU A 27 7.64 -1.18 3.36
N TRP A 28 7.26 -0.13 4.10
CA TRP A 28 7.59 0.01 5.52
C TRP A 28 6.46 0.71 6.28
N GLU A 29 6.41 0.50 7.60
CA GLU A 29 5.38 1.12 8.46
C GLU A 29 5.47 2.65 8.46
N GLY A 30 4.42 3.29 7.93
CA GLY A 30 4.37 4.74 7.84
C GLY A 30 4.78 5.24 6.47
N GLN A 31 4.58 4.39 5.45
CA GLN A 31 4.91 4.74 4.08
C GLN A 31 3.64 5.13 3.33
N ASP A 32 3.61 6.36 2.79
CA ASP A 32 2.45 6.84 2.02
C ASP A 32 2.43 6.14 0.68
N VAL A 33 1.43 5.28 0.52
CA VAL A 33 1.27 4.46 -0.67
C VAL A 33 0.01 4.81 -1.46
N LEU A 34 -0.04 4.28 -2.68
CA LEU A 34 -1.17 4.46 -3.55
C LEU A 34 -1.72 3.09 -3.91
N ALA A 35 -2.80 2.76 -3.23
CA ALA A 35 -3.47 1.48 -3.41
C ALA A 35 -4.53 1.58 -4.51
N ARG A 36 -4.21 1.00 -5.66
CA ARG A 36 -5.09 1.01 -6.83
C ARG A 36 -6.31 0.11 -6.59
N TRP A 37 -7.50 0.69 -6.70
CA TRP A 37 -8.75 -0.05 -6.50
C TRP A 37 -9.30 -0.59 -7.84
N THR A 38 -10.14 -1.62 -7.75
CA THR A 38 -10.73 -2.29 -8.94
C THR A 38 -11.86 -1.46 -9.61
N ASP A 39 -12.13 -0.26 -9.09
CA ASP A 39 -13.18 0.60 -9.65
C ASP A 39 -12.58 1.57 -10.69
N GLY A 40 -11.27 1.51 -10.87
CA GLY A 40 -10.58 2.38 -11.81
C GLY A 40 -9.93 3.57 -11.13
N LEU A 41 -10.32 3.83 -9.87
CA LEU A 41 -9.79 4.94 -9.10
C LEU A 41 -8.70 4.48 -8.14
N LEU A 42 -7.78 5.41 -7.85
CA LEU A 42 -6.66 5.19 -6.95
C LEU A 42 -7.07 5.54 -5.49
N TYR A 43 -6.28 5.05 -4.53
CA TYR A 43 -6.54 5.29 -3.10
C TYR A 43 -5.23 5.63 -2.39
N LEU A 44 -5.28 6.64 -1.51
CA LEU A 44 -4.10 7.04 -0.74
C LEU A 44 -4.16 6.44 0.67
N GLY A 45 -3.01 5.96 1.13
CA GLY A 45 -2.95 5.35 2.46
C GLY A 45 -1.53 5.18 2.96
N THR A 46 -1.39 5.02 4.29
CA THR A 46 -0.07 4.80 4.91
C THR A 46 0.05 3.36 5.37
N ILE A 47 1.26 2.80 5.28
CA ILE A 47 1.52 1.41 5.63
C ILE A 47 1.50 1.15 7.14
N LYS A 48 0.55 0.31 7.55
CA LYS A 48 0.39 -0.08 8.95
C LYS A 48 1.06 -1.43 9.21
N LYS A 49 1.18 -2.26 8.14
CA LYS A 49 1.80 -3.58 8.23
C LYS A 49 2.47 -3.94 6.90
N VAL A 50 3.41 -4.89 6.95
CA VAL A 50 4.14 -5.33 5.75
C VAL A 50 4.25 -6.85 5.70
N ASP A 51 4.02 -7.39 4.49
CA ASP A 51 4.11 -8.83 4.22
C ASP A 51 5.11 -9.07 3.08
N SER A 52 6.40 -9.13 3.45
CA SER A 52 7.49 -9.34 2.49
C SER A 52 7.60 -10.81 2.02
N ALA A 53 6.84 -11.69 2.65
CA ALA A 53 6.83 -13.12 2.30
C ALA A 53 5.82 -13.44 1.20
N ARG A 54 4.69 -12.74 1.22
CA ARG A 54 3.62 -12.94 0.23
C ARG A 54 3.52 -11.75 -0.75
N GLU A 55 4.44 -10.76 -0.60
CA GLU A 55 4.49 -9.54 -1.44
C GLU A 55 3.21 -8.70 -1.27
N VAL A 56 2.80 -8.54 0.00
CA VAL A 56 1.61 -7.77 0.35
C VAL A 56 1.93 -6.81 1.51
N CYS A 57 1.03 -5.85 1.76
CA CYS A 57 1.19 -4.87 2.85
C CYS A 57 -0.15 -4.29 3.26
N LEU A 58 -0.28 -4.02 4.55
CA LEU A 58 -1.50 -3.44 5.09
C LEU A 58 -1.31 -1.94 5.22
N VAL A 59 -2.30 -1.18 4.77
CA VAL A 59 -2.24 0.26 4.80
C VAL A 59 -3.54 0.87 5.29
N GLN A 60 -3.41 1.94 6.09
CA GLN A 60 -4.56 2.67 6.61
C GLN A 60 -4.86 3.83 5.65
N PHE A 61 -6.12 4.02 5.34
CA PHE A 61 -6.54 5.04 4.38
C PHE A 61 -7.14 6.27 5.05
N GLU A 62 -7.19 7.37 4.28
CA GLU A 62 -7.71 8.68 4.73
C GLU A 62 -9.10 8.58 5.36
N ASP A 63 -9.99 7.77 4.76
CA ASP A 63 -11.34 7.61 5.28
C ASP A 63 -11.41 6.46 6.33
N ASP A 64 -10.31 6.30 7.11
CA ASP A 64 -10.18 5.30 8.19
C ASP A 64 -10.54 3.87 7.73
N SER A 65 -9.81 3.38 6.73
CA SER A 65 -10.04 2.05 6.20
C SER A 65 -8.76 1.22 6.21
N GLN A 66 -8.85 0.01 6.79
CA GLN A 66 -7.72 -0.91 6.83
C GLN A 66 -7.90 -1.90 5.68
N PHE A 67 -7.28 -1.57 4.55
CA PHE A 67 -7.40 -2.35 3.34
C PHE A 67 -6.05 -2.92 2.92
N LEU A 68 -6.00 -4.25 2.77
CA LEU A 68 -4.77 -4.95 2.36
C LEU A 68 -4.52 -4.77 0.87
N VAL A 69 -3.29 -4.40 0.56
CA VAL A 69 -2.90 -4.16 -0.84
C VAL A 69 -1.63 -4.91 -1.21
N LEU A 70 -1.57 -5.27 -2.50
CA LEU A 70 -0.44 -5.98 -3.08
C LEU A 70 0.63 -5.00 -3.55
N TRP A 71 1.90 -5.37 -3.40
CA TRP A 71 3.04 -4.52 -3.81
C TRP A 71 2.98 -4.17 -5.31
N LYS A 72 2.14 -4.90 -6.04
CA LYS A 72 1.93 -4.68 -7.49
C LYS A 72 0.90 -3.57 -7.73
N ASP A 73 -0.15 -3.56 -6.90
CA ASP A 73 -1.22 -2.56 -6.98
C ASP A 73 -0.89 -1.30 -6.16
N ILE A 74 0.32 -1.25 -5.61
CA ILE A 74 0.76 -0.13 -4.78
C ILE A 74 1.74 0.78 -5.53
N SER A 75 1.58 2.09 -5.33
CA SER A 75 2.43 3.11 -5.94
C SER A 75 2.88 4.12 -4.87
N PRO A 76 4.18 4.11 -4.42
CA PRO A 76 4.67 5.04 -3.39
C PRO A 76 4.39 6.52 -3.72
N ALA A 77 3.69 7.18 -2.80
CA ALA A 77 3.30 8.59 -2.96
C ALA A 77 4.47 9.54 -2.68
N ALA A 78 4.75 10.41 -3.65
CA ALA A 78 5.85 11.38 -3.53
C ALA A 78 5.37 12.79 -3.90
N LEU A 79 5.87 13.80 -3.16
CA LEU A 79 5.53 15.22 -3.36
C LEU A 79 4.02 15.47 -3.32
N ALA B 1 -17.90 5.93 -5.63
CA ALA B 1 -17.98 6.60 -4.29
C ALA B 1 -18.12 8.10 -4.43
N THR B 2 -19.07 8.67 -3.66
CA THR B 2 -19.32 10.11 -3.68
C THR B 2 -18.64 10.81 -2.51
N GLY B 3 -18.12 12.02 -2.75
CA GLY B 3 -17.44 12.77 -1.72
C GLY B 3 -15.93 12.79 -1.89
N GLY B 4 -15.27 13.77 -1.27
CA GLY B 4 -13.83 13.89 -1.36
C GLY B 4 -13.14 13.64 -0.04
N VAL B 5 -12.72 12.39 0.18
CA VAL B 5 -12.04 12.00 1.43
C VAL B 5 -10.52 11.90 1.21
N M3L B 6 -10.07 10.78 0.61
CA M3L B 6 -8.64 10.54 0.32
CB M3L B 6 -8.44 9.20 -0.40
CG M3L B 6 -8.68 7.98 0.49
CD M3L B 6 -9.98 7.29 0.14
CE M3L B 6 -10.49 6.44 1.33
NZ M3L B 6 -10.80 4.99 1.01
C M3L B 6 -8.02 11.67 -0.51
O M3L B 6 -8.73 12.39 -1.22
CM1 M3L B 6 -9.58 4.23 0.60
CM2 M3L B 6 -11.85 4.91 -0.03
CM3 M3L B 6 -11.29 4.34 2.24
H M3L B 6 -10.72 10.05 0.40
HA M3L B 6 -8.11 10.51 1.26
HB2 M3L B 6 -7.43 9.15 -0.77
HB3 M3L B 6 -9.13 9.14 -1.24
HG2 M3L B 6 -8.74 8.32 1.51
HG3 M3L B 6 -7.87 7.29 0.38
HD2 M3L B 6 -9.82 6.64 -0.71
HD3 M3L B 6 -10.73 8.03 -0.10
HE2 M3L B 6 -11.39 6.91 1.70
HE3 M3L B 6 -9.75 6.47 2.10
HM11 M3L B 6 -9.78 3.51 -0.18
HM12 M3L B 6 -9.14 3.68 1.41
HM13 M3L B 6 -8.80 4.88 0.23
HM21 M3L B 6 -12.57 5.71 0.05
HM22 M3L B 6 -12.43 4.00 0.03
HM23 M3L B 6 -11.46 4.96 -1.03
HM31 M3L B 6 -10.75 4.64 3.13
HM32 M3L B 6 -11.21 3.26 2.20
HM33 M3L B 6 -12.33 4.55 2.43
N LYS B 7 -6.69 11.80 -0.41
CA LYS B 7 -5.94 12.83 -1.14
C LYS B 7 -4.77 12.21 -1.94
N PRO B 8 -5.04 11.25 -2.88
CA PRO B 8 -3.99 10.58 -3.68
C PRO B 8 -3.48 11.38 -4.88
N HIS B 9 -2.80 10.66 -5.77
CA HIS B 9 -2.20 11.15 -7.02
C HIS B 9 -3.18 11.99 -7.85
N ARG B 10 -4.46 11.55 -7.88
CA ARG B 10 -5.55 12.22 -8.63
C ARG B 10 -5.20 12.34 -10.13
N TYR B 11 -5.38 11.22 -10.84
CA TYR B 11 -5.10 11.15 -12.27
C TYR B 11 -6.38 11.27 -13.09
N SER A 1 6.55 -13.71 -26.52
CA SER A 1 7.55 -13.47 -25.44
C SER A 1 7.46 -14.53 -24.35
N ARG A 2 8.63 -14.95 -23.85
CA ARG A 2 8.71 -15.96 -22.79
C ARG A 2 8.88 -15.31 -21.42
N LEU A 3 8.28 -15.94 -20.40
CA LEU A 3 8.36 -15.42 -19.03
C LEU A 3 9.00 -16.45 -18.09
N SER A 4 8.49 -17.71 -18.16
CA SER A 4 8.97 -18.85 -17.33
C SER A 4 8.60 -18.69 -15.84
N ARG A 5 8.97 -17.54 -15.26
CA ARG A 5 8.69 -17.24 -13.85
C ARG A 5 7.63 -16.13 -13.75
N SER A 6 7.03 -15.99 -12.55
CA SER A 6 6.01 -14.97 -12.30
C SER A 6 6.66 -13.62 -11.98
N GLY A 7 6.62 -12.71 -12.96
CA GLY A 7 7.20 -11.39 -12.80
C GLY A 7 8.60 -11.30 -13.38
N ALA A 8 8.70 -11.45 -14.71
CA ALA A 8 10.00 -11.40 -15.41
C ALA A 8 10.31 -10.00 -15.93
N SER A 9 9.25 -9.24 -16.27
CA SER A 9 9.38 -7.88 -16.79
C SER A 9 9.41 -6.84 -15.66
N SER A 10 8.55 -7.04 -14.65
CA SER A 10 8.46 -6.14 -13.51
C SER A 10 8.57 -6.92 -12.19
N LEU A 11 9.67 -6.68 -11.47
CA LEU A 11 9.92 -7.34 -10.18
C LEU A 11 10.50 -6.36 -9.16
N TRP A 12 11.50 -5.57 -9.60
CA TRP A 12 12.15 -4.59 -8.74
C TRP A 12 12.26 -3.22 -9.44
N ASP A 13 12.32 -2.16 -8.62
CA ASP A 13 12.43 -0.79 -9.12
C ASP A 13 13.91 -0.36 -9.23
N PRO A 14 14.24 0.69 -10.05
CA PRO A 14 15.63 1.17 -10.21
C PRO A 14 16.30 1.55 -8.88
N ALA A 15 17.63 1.38 -8.82
CA ALA A 15 18.40 1.69 -7.62
C ALA A 15 18.90 3.14 -7.59
N SER A 16 18.96 3.78 -8.78
CA SER A 16 19.41 5.19 -8.93
C SER A 16 20.88 5.39 -8.50
N PRO A 17 21.59 6.47 -8.97
CA PRO A 17 23.00 6.72 -8.59
C PRO A 17 23.19 6.93 -7.09
N ALA A 18 24.45 6.82 -6.63
CA ALA A 18 24.78 6.99 -5.21
C ALA A 18 25.03 8.47 -4.84
N PRO A 19 25.84 9.27 -5.62
CA PRO A 19 26.11 10.69 -5.30
C PRO A 19 24.85 11.58 -5.30
N THR A 20 23.79 11.11 -5.97
CA THR A 20 22.52 11.85 -6.06
C THR A 20 21.52 11.37 -4.99
N SER A 21 21.35 10.05 -4.90
CA SER A 21 20.43 9.45 -3.93
C SER A 21 21.10 8.32 -3.15
N GLY A 22 20.65 8.13 -1.90
CA GLY A 22 21.19 7.07 -1.05
C GLY A 22 20.17 5.99 -0.75
N PRO A 23 19.32 6.16 0.32
CA PRO A 23 18.29 5.15 0.68
C PRO A 23 17.11 5.11 -0.30
N ARG A 24 16.58 3.90 -0.51
CA ARG A 24 15.45 3.70 -1.43
C ARG A 24 14.31 2.89 -0.76
N PRO A 25 13.26 3.58 -0.22
CA PRO A 25 12.13 2.90 0.43
C PRO A 25 11.07 2.39 -0.55
N ARG A 26 10.61 1.16 -0.32
CA ARG A 26 9.58 0.54 -1.17
C ARG A 26 8.33 0.23 -0.36
N LEU A 27 8.51 -0.46 0.78
CA LEU A 27 7.40 -0.84 1.68
C LEU A 27 7.91 -0.95 3.11
N TRP A 28 7.44 -0.03 3.98
CA TRP A 28 7.83 0.00 5.39
C TRP A 28 6.69 0.56 6.25
N GLU A 29 6.75 0.30 7.57
CA GLU A 29 5.72 0.78 8.51
C GLU A 29 5.69 2.31 8.60
N GLY A 30 4.57 2.89 8.17
CA GLY A 30 4.39 4.34 8.17
C GLY A 30 4.75 4.95 6.83
N GLN A 31 4.55 4.18 5.76
CA GLN A 31 4.85 4.62 4.41
C GLN A 31 3.56 5.04 3.70
N ASP A 32 3.48 6.31 3.30
CA ASP A 32 2.31 6.82 2.57
C ASP A 32 2.29 6.19 1.19
N VAL A 33 1.30 5.31 1.00
CA VAL A 33 1.18 4.56 -0.24
C VAL A 33 -0.09 4.92 -1.02
N LEU A 34 -0.09 4.49 -2.27
CA LEU A 34 -1.22 4.69 -3.15
C LEU A 34 -1.75 3.34 -3.59
N ALA A 35 -2.83 2.95 -2.93
CA ALA A 35 -3.48 1.69 -3.18
C ALA A 35 -4.58 1.87 -4.22
N ARG A 36 -4.34 1.36 -5.42
CA ARG A 36 -5.28 1.48 -6.54
C ARG A 36 -6.52 0.61 -6.30
N TRP A 37 -7.70 1.23 -6.35
CA TRP A 37 -8.98 0.54 -6.14
C TRP A 37 -9.48 -0.10 -7.45
N THR A 38 -10.26 -1.17 -7.30
CA THR A 38 -10.80 -1.95 -8.44
C THR A 38 -11.80 -1.18 -9.32
N ASP A 39 -12.21 0.02 -8.89
CA ASP A 39 -13.16 0.83 -9.65
C ASP A 39 -12.44 1.78 -10.61
N GLY A 40 -11.11 1.83 -10.52
CA GLY A 40 -10.32 2.71 -11.38
C GLY A 40 -9.75 3.91 -10.65
N LEU A 41 -10.28 4.19 -9.44
CA LEU A 41 -9.84 5.32 -8.63
C LEU A 41 -8.73 4.91 -7.67
N LEU A 42 -7.88 5.88 -7.31
CA LEU A 42 -6.77 5.67 -6.40
C LEU A 42 -7.20 5.84 -4.94
N TYR A 43 -6.37 5.32 -4.02
CA TYR A 43 -6.63 5.39 -2.58
C TYR A 43 -5.32 5.70 -1.84
N LEU A 44 -5.34 6.71 -0.96
CA LEU A 44 -4.15 7.09 -0.20
C LEU A 44 -4.15 6.38 1.15
N GLY A 45 -2.97 5.95 1.59
CA GLY A 45 -2.85 5.26 2.86
C GLY A 45 -1.44 5.27 3.44
N THR A 46 -1.31 4.65 4.61
CA THR A 46 -0.02 4.53 5.30
C THR A 46 0.16 3.09 5.75
N ILE A 47 1.32 2.52 5.45
CA ILE A 47 1.64 1.11 5.76
C ILE A 47 1.65 0.79 7.25
N LYS A 48 0.74 -0.10 7.63
CA LYS A 48 0.62 -0.56 9.02
C LYS A 48 1.35 -1.90 9.20
N LYS A 49 1.47 -2.67 8.09
CA LYS A 49 2.14 -3.97 8.10
C LYS A 49 2.79 -4.24 6.74
N VAL A 50 3.77 -5.15 6.71
CA VAL A 50 4.49 -5.48 5.47
C VAL A 50 4.64 -7.00 5.33
N ASP A 51 4.35 -7.49 4.13
CA ASP A 51 4.47 -8.90 3.79
C ASP A 51 5.39 -9.05 2.56
N SER A 52 6.70 -9.02 2.81
CA SER A 52 7.72 -9.14 1.76
C SER A 52 7.90 -10.58 1.24
N ALA A 53 7.13 -11.52 1.81
CA ALA A 53 7.19 -12.93 1.41
C ALA A 53 6.24 -13.23 0.25
N ARG A 54 5.03 -12.64 0.31
CA ARG A 54 4.01 -12.84 -0.73
C ARG A 54 3.81 -11.57 -1.57
N GLU A 55 4.70 -10.56 -1.37
CA GLU A 55 4.65 -9.26 -2.10
C GLU A 55 3.36 -8.50 -1.79
N VAL A 56 3.02 -8.43 -0.49
CA VAL A 56 1.82 -7.73 -0.01
C VAL A 56 2.16 -6.85 1.19
N CYS A 57 1.27 -5.90 1.51
CA CYS A 57 1.45 -4.98 2.64
C CYS A 57 0.10 -4.46 3.12
N LEU A 58 -0.02 -4.30 4.44
CA LEU A 58 -1.24 -3.78 5.04
C LEU A 58 -1.09 -2.28 5.24
N VAL A 59 -2.12 -1.53 4.86
CA VAL A 59 -2.09 -0.08 4.96
C VAL A 59 -3.40 0.48 5.51
N GLN A 60 -3.26 1.54 6.32
CA GLN A 60 -4.40 2.25 6.89
C GLN A 60 -4.74 3.40 5.95
N PHE A 61 -6.02 3.64 5.73
CA PHE A 61 -6.44 4.67 4.79
C PHE A 61 -6.98 5.95 5.45
N GLU A 62 -7.22 6.97 4.62
CA GLU A 62 -7.69 8.31 5.06
C GLU A 62 -9.02 8.25 5.81
N ASP A 63 -9.96 7.44 5.31
CA ASP A 63 -11.27 7.30 5.94
C ASP A 63 -11.27 6.17 6.99
N ASP A 64 -10.12 5.98 7.67
CA ASP A 64 -9.92 4.97 8.73
C ASP A 64 -10.31 3.54 8.28
N SER A 65 -9.65 3.07 7.21
CA SER A 65 -9.91 1.75 6.68
C SER A 65 -8.63 0.91 6.63
N GLN A 66 -8.71 -0.30 7.18
CA GLN A 66 -7.58 -1.23 7.16
C GLN A 66 -7.81 -2.20 6.00
N PHE A 67 -7.22 -1.84 4.87
CA PHE A 67 -7.38 -2.60 3.64
C PHE A 67 -6.03 -3.13 3.14
N LEU A 68 -5.98 -4.46 2.91
CA LEU A 68 -4.77 -5.12 2.42
C LEU A 68 -4.56 -4.85 0.95
N VAL A 69 -3.35 -4.47 0.60
CA VAL A 69 -3.00 -4.16 -0.79
C VAL A 69 -1.73 -4.87 -1.24
N LEU A 70 -1.67 -5.16 -2.54
CA LEU A 70 -0.54 -5.82 -3.17
C LEU A 70 0.49 -4.79 -3.63
N TRP A 71 1.77 -5.16 -3.59
CA TRP A 71 2.87 -4.28 -4.02
C TRP A 71 2.73 -3.84 -5.48
N LYS A 72 1.84 -4.54 -6.22
CA LYS A 72 1.57 -4.25 -7.64
C LYS A 72 0.57 -3.08 -7.77
N ASP A 73 -0.42 -3.06 -6.88
CA ASP A 73 -1.46 -2.01 -6.87
C ASP A 73 -1.06 -0.82 -5.98
N ILE A 74 0.17 -0.86 -5.45
CA ILE A 74 0.67 0.20 -4.57
C ILE A 74 1.65 1.12 -5.30
N SER A 75 1.50 2.42 -5.02
CA SER A 75 2.36 3.46 -5.58
C SER A 75 2.85 4.39 -4.46
N PRO A 76 4.15 4.32 -4.04
CA PRO A 76 4.68 5.18 -2.96
C PRO A 76 4.43 6.68 -3.21
N ALA A 77 3.75 7.31 -2.24
CA ALA A 77 3.40 8.74 -2.31
C ALA A 77 4.63 9.64 -2.15
N ALA A 78 5.43 9.37 -1.10
CA ALA A 78 6.67 10.13 -0.78
C ALA A 78 6.43 11.66 -0.70
N LEU A 79 5.22 12.04 -0.29
CA LEU A 79 4.85 13.46 -0.16
C LEU A 79 4.19 13.73 1.20
N ALA B 1 -18.44 18.81 -6.03
CA ALA B 1 -18.91 17.80 -5.03
C ALA B 1 -18.25 18.05 -3.66
N THR B 2 -19.00 17.75 -2.59
CA THR B 2 -18.51 17.93 -1.23
C THR B 2 -18.21 16.58 -0.58
N GLY B 3 -17.07 16.51 0.11
CA GLY B 3 -16.66 15.28 0.79
C GLY B 3 -15.22 15.33 1.24
N GLY B 4 -15.01 15.09 2.54
CA GLY B 4 -13.66 15.10 3.11
C GLY B 4 -13.11 13.71 3.32
N VAL B 5 -13.14 12.88 2.27
CA VAL B 5 -12.64 11.51 2.33
C VAL B 5 -11.63 11.24 1.21
N M3L B 6 -10.51 10.58 1.57
CA M3L B 6 -9.41 10.23 0.63
CB M3L B 6 -9.86 9.19 -0.42
CG M3L B 6 -10.64 8.01 0.17
CD M3L B 6 -9.72 6.88 0.59
CE M3L B 6 -10.27 6.14 1.84
NZ M3L B 6 -10.76 4.73 1.59
C M3L B 6 -8.81 11.46 -0.07
O M3L B 6 -9.54 12.28 -0.64
CM1 M3L B 6 -9.66 3.81 1.20
CM2 M3L B 6 -11.83 4.73 0.53
CM3 M3L B 6 -11.32 4.18 2.84
H M3L B 6 -10.43 10.29 2.51
HA M3L B 6 -8.63 9.78 1.23
HB2 M3L B 6 -8.99 8.80 -0.93
HB3 M3L B 6 -10.49 9.69 -1.14
HG2 M3L B 6 -11.33 7.64 -0.58
HG3 M3L B 6 -11.18 8.36 1.03
HD2 M3L B 6 -8.75 7.29 0.82
HD3 M3L B 6 -9.63 6.18 -0.22
HE2 M3L B 6 -11.09 6.72 2.24
HE3 M3L B 6 -9.48 6.10 2.58
HM11 M3L B 6 -9.22 3.30 2.05
HM12 M3L B 6 -8.84 4.33 0.73
HM13 M3L B 6 -9.97 3.05 0.51
HM21 M3L B 6 -12.41 5.64 0.55
HM22 M3L B 6 -12.54 3.93 0.67
HM23 M3L B 6 -11.44 4.63 -0.46
HM31 M3L B 6 -10.80 4.53 3.71
HM32 M3L B 6 -11.30 3.10 2.87
HM33 M3L B 6 -12.36 4.46 2.98
N LYS B 7 -7.48 11.56 -0.03
CA LYS B 7 -6.77 12.69 -0.66
C LYS B 7 -5.53 12.20 -1.49
N PRO B 8 -5.69 11.18 -2.39
CA PRO B 8 -4.57 10.66 -3.22
C PRO B 8 -4.22 11.52 -4.43
N HIS B 9 -3.49 10.89 -5.36
CA HIS B 9 -3.02 11.51 -6.60
C HIS B 9 -4.14 11.60 -7.65
N ARG B 10 -4.19 12.75 -8.36
CA ARG B 10 -5.17 13.04 -9.43
C ARG B 10 -6.61 13.19 -8.88
N TYR B 11 -7.14 12.11 -8.28
CA TYR B 11 -8.49 12.12 -7.73
C TYR B 11 -8.45 11.94 -6.22
N SER A 1 -7.74 20.67 35.21
CA SER A 1 -7.96 19.27 35.66
C SER A 1 -8.90 18.53 34.71
N ARG A 2 -8.48 17.35 34.27
CA ARG A 2 -9.26 16.52 33.36
C ARG A 2 -9.67 15.20 34.02
N LEU A 3 -10.99 15.00 34.15
CA LEU A 3 -11.53 13.77 34.76
C LEU A 3 -12.75 13.27 33.98
N SER A 4 -12.64 12.06 33.45
CA SER A 4 -13.72 11.43 32.68
C SER A 4 -13.91 9.97 33.09
N ARG A 5 -12.79 9.24 33.23
CA ARG A 5 -12.82 7.83 33.62
C ARG A 5 -11.80 7.55 34.74
N SER A 6 -10.57 8.04 34.55
CA SER A 6 -9.49 7.86 35.52
C SER A 6 -8.72 9.17 35.74
N GLY A 7 -8.43 9.88 34.64
CA GLY A 7 -7.70 11.13 34.73
C GLY A 7 -6.42 11.12 33.91
N ALA A 8 -5.28 11.18 34.61
CA ALA A 8 -3.97 11.18 33.96
C ALA A 8 -3.11 10.02 34.47
N SER A 9 -2.54 9.25 33.52
CA SER A 9 -1.68 8.11 33.86
C SER A 9 -0.38 8.15 33.08
N SER A 10 -0.46 8.45 31.77
CA SER A 10 0.71 8.52 30.91
C SER A 10 1.05 9.97 30.56
N LEU A 11 2.35 10.29 30.55
CA LEU A 11 2.83 11.63 30.24
C LEU A 11 3.85 11.59 29.09
N TRP A 12 4.81 10.67 29.19
CA TRP A 12 5.85 10.51 28.18
C TRP A 12 6.00 9.05 27.79
N ASP A 13 5.96 8.77 26.48
CA ASP A 13 6.09 7.41 25.95
C ASP A 13 6.97 7.39 24.69
N PRO A 14 7.58 6.21 24.33
CA PRO A 14 8.43 6.11 23.13
C PRO A 14 7.62 5.98 21.84
N ALA A 15 6.66 6.89 21.67
CA ALA A 15 5.78 6.91 20.48
C ALA A 15 6.34 7.79 19.36
N SER A 16 7.48 8.45 19.63
CA SER A 16 8.12 9.34 18.65
C SER A 16 9.15 8.57 17.81
N PRO A 17 9.13 8.74 16.44
CA PRO A 17 10.08 8.04 15.54
C PRO A 17 11.50 8.61 15.61
N ALA A 18 12.48 7.76 15.30
CA ALA A 18 13.89 8.15 15.31
C ALA A 18 14.41 8.50 13.89
N PRO A 19 14.20 7.62 12.84
CA PRO A 19 14.68 7.91 11.47
C PRO A 19 13.81 8.95 10.75
N THR A 20 14.48 9.91 10.09
CA THR A 20 13.79 10.97 9.36
C THR A 20 14.16 10.93 7.87
N SER A 21 13.19 10.52 7.04
CA SER A 21 13.34 10.43 5.56
C SER A 21 14.43 9.43 5.16
N GLY A 22 14.06 8.49 4.29
CA GLY A 22 15.00 7.47 3.81
C GLY A 22 15.49 7.76 2.39
N PRO A 23 16.59 7.07 1.92
CA PRO A 23 17.13 7.29 0.56
C PRO A 23 16.23 6.71 -0.54
N ARG A 24 15.82 5.44 -0.38
CA ARG A 24 14.95 4.77 -1.35
C ARG A 24 13.97 3.83 -0.61
N PRO A 25 12.72 4.30 -0.32
CA PRO A 25 11.70 3.49 0.38
C PRO A 25 10.92 2.56 -0.56
N ARG A 26 10.57 1.38 -0.04
CA ARG A 26 9.80 0.39 -0.81
C ARG A 26 8.50 0.05 -0.07
N LEU A 27 8.64 -0.52 1.13
CA LEU A 27 7.50 -0.91 1.99
C LEU A 27 7.94 -1.00 3.45
N TRP A 28 7.47 -0.05 4.27
CA TRP A 28 7.80 0.00 5.70
C TRP A 28 6.66 0.64 6.49
N GLU A 29 6.65 0.41 7.82
CA GLU A 29 5.60 0.97 8.71
C GLU A 29 5.66 2.50 8.72
N GLY A 30 4.58 3.12 8.22
CA GLY A 30 4.50 4.57 8.15
C GLY A 30 4.89 5.10 6.79
N GLN A 31 4.71 4.26 5.76
CA GLN A 31 5.05 4.62 4.38
C GLN A 31 3.78 5.04 3.65
N ASP A 32 3.74 6.30 3.19
CA ASP A 32 2.58 6.81 2.45
C ASP A 32 2.55 6.13 1.08
N VAL A 33 1.54 5.29 0.90
CA VAL A 33 1.38 4.50 -0.31
C VAL A 33 0.13 4.87 -1.09
N LEU A 34 0.07 4.36 -2.31
CA LEU A 34 -1.06 4.56 -3.19
C LEU A 34 -1.62 3.22 -3.58
N ALA A 35 -2.72 2.87 -2.90
CA ALA A 35 -3.41 1.63 -3.11
C ALA A 35 -4.49 1.81 -4.17
N ARG A 36 -4.24 1.29 -5.37
CA ARG A 36 -5.17 1.40 -6.50
C ARG A 36 -6.42 0.53 -6.28
N TRP A 37 -7.59 1.13 -6.45
CA TRP A 37 -8.87 0.44 -6.28
C TRP A 37 -9.34 -0.18 -7.61
N THR A 38 -10.19 -1.21 -7.51
CA THR A 38 -10.70 -1.95 -8.68
C THR A 38 -11.70 -1.15 -9.55
N ASP A 39 -12.07 0.06 -9.11
CA ASP A 39 -13.01 0.89 -9.86
C ASP A 39 -12.28 1.90 -10.77
N GLY A 40 -10.94 1.93 -10.66
CA GLY A 40 -10.14 2.84 -11.45
C GLY A 40 -9.61 4.02 -10.66
N LEU A 41 -10.16 4.22 -9.45
CA LEU A 41 -9.75 5.32 -8.58
C LEU A 41 -8.64 4.89 -7.62
N LEU A 42 -7.75 5.84 -7.31
CA LEU A 42 -6.62 5.60 -6.41
C LEU A 42 -7.03 5.83 -4.94
N TYR A 43 -6.23 5.28 -4.02
CA TYR A 43 -6.48 5.39 -2.58
C TYR A 43 -5.17 5.70 -1.86
N LEU A 44 -5.18 6.75 -1.01
CA LEU A 44 -3.98 7.13 -0.25
C LEU A 44 -4.04 6.53 1.14
N GLY A 45 -2.93 5.91 1.55
CA GLY A 45 -2.85 5.28 2.86
C GLY A 45 -1.43 5.11 3.36
N THR A 46 -1.27 4.94 4.67
CA THR A 46 0.05 4.71 5.27
C THR A 46 0.19 3.24 5.67
N ILE A 47 1.41 2.72 5.59
CA ILE A 47 1.68 1.32 5.89
C ILE A 47 1.66 1.00 7.39
N LYS A 48 0.74 0.12 7.76
CA LYS A 48 0.60 -0.33 9.14
C LYS A 48 1.30 -1.68 9.34
N LYS A 49 1.38 -2.47 8.26
CA LYS A 49 2.02 -3.79 8.27
C LYS A 49 2.67 -4.07 6.92
N VAL A 50 3.61 -5.02 6.89
CA VAL A 50 4.33 -5.39 5.67
C VAL A 50 4.45 -6.92 5.54
N ASP A 51 4.24 -7.41 4.32
CA ASP A 51 4.34 -8.83 4.02
C ASP A 51 5.36 -9.05 2.89
N SER A 52 6.64 -9.08 3.26
CA SER A 52 7.75 -9.27 2.30
C SER A 52 7.89 -10.73 1.85
N ALA A 53 7.12 -11.63 2.48
CA ALA A 53 7.15 -13.06 2.14
C ALA A 53 6.11 -13.41 1.08
N ARG A 54 4.92 -12.79 1.18
CA ARG A 54 3.84 -13.01 0.23
C ARG A 54 3.69 -11.84 -0.75
N GLU A 55 4.60 -10.84 -0.62
CA GLU A 55 4.60 -9.63 -1.47
C GLU A 55 3.31 -8.81 -1.31
N VAL A 56 2.97 -8.53 -0.04
CA VAL A 56 1.76 -7.76 0.31
C VAL A 56 2.07 -6.76 1.43
N CYS A 57 1.11 -5.83 1.69
CA CYS A 57 1.25 -4.83 2.77
C CYS A 57 -0.10 -4.39 3.28
N LEU A 58 -0.17 -4.13 4.58
CA LEU A 58 -1.39 -3.63 5.20
C LEU A 58 -1.21 -2.15 5.44
N VAL A 59 -2.15 -1.37 4.92
CA VAL A 59 -2.08 0.08 5.03
C VAL A 59 -3.38 0.66 5.56
N GLN A 60 -3.25 1.71 6.37
CA GLN A 60 -4.39 2.43 6.95
C GLN A 60 -4.70 3.61 6.02
N PHE A 61 -5.99 3.83 5.78
CA PHE A 61 -6.42 4.88 4.86
C PHE A 61 -7.02 6.09 5.58
N GLU A 62 -7.14 7.21 4.84
CA GLU A 62 -7.67 8.48 5.36
C GLU A 62 -9.04 8.31 6.03
N ASP A 63 -9.95 7.56 5.38
CA ASP A 63 -11.28 7.33 5.93
C ASP A 63 -11.30 6.15 6.94
N ASP A 64 -10.18 5.99 7.68
CA ASP A 64 -10.00 4.94 8.72
C ASP A 64 -10.34 3.52 8.24
N SER A 65 -9.64 3.08 7.19
CA SER A 65 -9.86 1.74 6.64
C SER A 65 -8.57 0.93 6.61
N GLN A 66 -8.64 -0.29 7.16
CA GLN A 66 -7.51 -1.20 7.14
C GLN A 66 -7.71 -2.17 5.96
N PHE A 67 -7.12 -1.79 4.83
CA PHE A 67 -7.27 -2.55 3.60
C PHE A 67 -5.93 -3.10 3.13
N LEU A 68 -5.89 -4.41 2.89
CA LEU A 68 -4.68 -5.10 2.43
C LEU A 68 -4.44 -4.84 0.95
N VAL A 69 -3.23 -4.43 0.64
CA VAL A 69 -2.86 -4.13 -0.76
C VAL A 69 -1.61 -4.86 -1.20
N LEU A 70 -1.56 -5.15 -2.50
CA LEU A 70 -0.44 -5.84 -3.13
C LEU A 70 0.59 -4.83 -3.61
N TRP A 71 1.88 -5.23 -3.60
CA TRP A 71 2.99 -4.37 -4.05
C TRP A 71 2.82 -3.96 -5.52
N LYS A 72 1.92 -4.66 -6.23
CA LYS A 72 1.62 -4.39 -7.64
C LYS A 72 0.64 -3.22 -7.79
N ASP A 73 -0.34 -3.17 -6.87
CA ASP A 73 -1.36 -2.11 -6.85
C ASP A 73 -0.94 -0.92 -6.00
N ILE A 74 0.24 -1.01 -5.37
CA ILE A 74 0.76 0.06 -4.52
C ILE A 74 1.76 0.95 -5.26
N SER A 75 1.63 2.26 -5.04
CA SER A 75 2.51 3.27 -5.62
C SER A 75 3.00 4.23 -4.53
N PRO A 76 4.30 4.15 -4.10
CA PRO A 76 4.84 5.04 -3.04
C PRO A 76 4.61 6.52 -3.33
N ALA A 77 3.92 7.20 -2.39
CA ALA A 77 3.60 8.63 -2.51
C ALA A 77 4.83 9.52 -2.37
N ALA A 78 5.54 9.38 -1.23
CA ALA A 78 6.77 10.15 -0.90
C ALA A 78 6.50 11.64 -0.65
N LEU A 79 5.49 12.20 -1.34
CA LEU A 79 5.13 13.61 -1.20
C LEU A 79 4.02 13.79 -0.16
N ALA B 1 -18.82 18.54 5.28
CA ALA B 1 -17.81 17.69 5.97
C ALA B 1 -17.61 16.36 5.25
N THR B 2 -18.73 15.75 4.81
CA THR B 2 -18.70 14.47 4.10
C THR B 2 -18.94 14.67 2.59
N GLY B 3 -18.35 13.77 1.79
CA GLY B 3 -18.50 13.85 0.35
C GLY B 3 -17.29 13.28 -0.39
N GLY B 4 -16.10 13.76 0.00
CA GLY B 4 -14.87 13.30 -0.63
C GLY B 4 -13.91 12.66 0.37
N VAL B 5 -13.56 11.40 0.14
CA VAL B 5 -12.65 10.66 1.02
C VAL B 5 -11.25 10.57 0.41
N M3L B 6 -10.22 10.46 1.28
CA M3L B 6 -8.78 10.38 0.87
CB M3L B 6 -8.46 9.04 0.18
CG M3L B 6 -8.68 7.83 1.08
CD M3L B 6 -10.00 7.14 0.75
CE M3L B 6 -10.48 6.28 1.93
NZ M3L B 6 -10.77 4.83 1.61
C M3L B 6 -8.35 11.55 -0.03
O M3L B 6 -9.20 12.29 -0.55
CM1 M3L B 6 -9.54 4.10 1.16
CM2 M3L B 6 -11.84 4.75 0.57
CM3 M3L B 6 -11.23 4.14 2.82
H M3L B 6 -10.44 10.41 2.23
HA M3L B 6 -8.21 10.44 1.78
HB2 M3L B 6 -7.42 9.05 -0.12
HB3 M3L B 6 -9.09 8.93 -0.69
HG2 M3L B 6 -8.71 8.16 2.10
HG3 M3L B 6 -7.88 7.12 0.95
HD2 M3L B 6 -9.85 6.50 -0.11
HD3 M3L B 6 -10.73 7.89 0.52
HE2 M3L B 6 -11.38 6.73 2.32
HE3 M3L B 6 -9.72 6.31 2.71
HM11 M3L B 6 -8.79 4.77 0.77
HM12 M3L B 6 -9.75 3.40 0.38
HM13 M3L B 6 -9.08 3.55 1.97
HM21 M3L B 6 -11.45 4.77 -0.43
HM22 M3L B 6 -12.54 5.57 0.65
HM23 M3L B 6 -12.43 3.85 0.66
HM31 M3L B 6 -11.11 3.07 2.78
HM32 M3L B 6 -12.27 4.33 3.03
HM33 M3L B 6 -10.70 4.46 3.71
N LYS B 7 -7.02 11.73 -0.19
CA LYS B 7 -6.47 12.81 -1.02
C LYS B 7 -5.31 12.31 -1.94
N PRO B 8 -5.52 11.22 -2.75
CA PRO B 8 -4.49 10.67 -3.65
C PRO B 8 -4.40 11.39 -5.00
N HIS B 9 -3.78 10.72 -5.98
CA HIS B 9 -3.61 11.23 -7.33
C HIS B 9 -4.85 10.91 -8.20
N ARG B 10 -4.96 11.58 -9.36
CA ARG B 10 -6.09 11.43 -10.30
C ARG B 10 -6.46 9.97 -10.60
N TYR B 11 -5.45 9.12 -10.78
CA TYR B 11 -5.65 7.70 -11.08
C TYR B 11 -4.84 6.82 -10.15
N SER A 1 -4.25 -17.91 17.37
CA SER A 1 -3.79 -17.32 16.08
C SER A 1 -2.60 -18.08 15.51
N ARG A 2 -1.66 -18.46 16.39
CA ARG A 2 -0.45 -19.20 15.98
C ARG A 2 -0.62 -20.71 16.20
N LEU A 3 -1.64 -21.10 16.96
CA LEU A 3 -1.91 -22.52 17.24
C LEU A 3 -3.11 -23.05 16.44
N SER A 4 -3.79 -22.15 15.72
CA SER A 4 -4.96 -22.51 14.91
C SER A 4 -4.58 -22.81 13.46
N ARG A 5 -3.71 -21.96 12.89
CA ARG A 5 -3.25 -22.12 11.51
C ARG A 5 -1.78 -22.54 11.45
N SER A 6 -0.93 -21.84 12.24
CA SER A 6 0.52 -22.10 12.33
C SER A 6 1.22 -22.04 10.95
N GLY A 7 1.91 -20.92 10.71
CA GLY A 7 2.63 -20.72 9.46
C GLY A 7 1.76 -20.16 8.34
N ALA A 8 0.69 -19.45 8.70
CA ALA A 8 -0.23 -18.85 7.72
C ALA A 8 -0.58 -17.42 8.10
N SER A 9 -0.89 -17.19 9.38
CA SER A 9 -1.27 -15.87 9.88
C SER A 9 -0.50 -15.54 11.16
N SER A 10 -0.17 -14.25 11.32
CA SER A 10 0.56 -13.78 12.49
C SER A 10 -0.15 -12.60 13.15
N LEU A 11 -0.25 -12.64 14.47
CA LEU A 11 -0.92 -11.58 15.25
C LEU A 11 0.10 -10.60 15.84
N TRP A 12 1.25 -11.14 16.26
CA TRP A 12 2.32 -10.33 16.85
C TRP A 12 3.67 -10.65 16.21
N ASP A 13 4.54 -9.64 16.13
CA ASP A 13 5.87 -9.80 15.55
C ASP A 13 6.96 -9.30 16.53
N PRO A 14 8.25 -9.75 16.38
CA PRO A 14 9.35 -9.31 17.28
C PRO A 14 9.62 -7.80 17.20
N ALA A 15 10.15 -7.26 18.30
CA ALA A 15 10.47 -5.83 18.39
C ALA A 15 11.93 -5.53 18.03
N SER A 16 12.63 -6.53 17.48
CA SER A 16 14.03 -6.39 17.09
C SER A 16 14.20 -5.86 15.65
N PRO A 17 13.53 -6.46 14.61
CA PRO A 17 13.65 -5.97 13.22
C PRO A 17 12.70 -4.79 12.91
N ALA A 18 13.25 -3.58 12.97
CA ALA A 18 12.49 -2.35 12.70
C ALA A 18 13.28 -1.37 11.82
N PRO A 19 14.57 -1.00 12.16
CA PRO A 19 15.36 -0.05 11.35
C PRO A 19 15.91 -0.69 10.06
N THR A 20 15.81 0.05 8.96
CA THR A 20 16.29 -0.41 7.65
C THR A 20 17.00 0.72 6.90
N SER A 21 18.18 0.39 6.35
CA SER A 21 18.98 1.36 5.60
C SER A 21 18.81 1.16 4.10
N GLY A 22 18.60 2.27 3.38
CA GLY A 22 18.43 2.23 1.93
C GLY A 22 17.91 3.54 1.35
N PRO A 23 18.60 4.15 0.35
CA PRO A 23 18.16 5.42 -0.26
C PRO A 23 16.98 5.27 -1.24
N ARG A 24 16.58 4.02 -1.51
CA ARG A 24 15.48 3.73 -2.43
C ARG A 24 14.16 3.52 -1.66
N PRO A 25 12.99 3.92 -2.24
CA PRO A 25 11.68 3.76 -1.58
C PRO A 25 11.22 2.29 -1.54
N ARG A 26 10.86 1.84 -0.33
CA ARG A 26 10.40 0.47 -0.12
C ARG A 26 9.18 0.43 0.81
N LEU A 27 8.57 -0.76 0.95
CA LEU A 27 7.40 -0.97 1.80
C LEU A 27 7.81 -1.06 3.27
N TRP A 28 7.41 -0.04 4.05
CA TRP A 28 7.75 0.04 5.48
C TRP A 28 6.63 0.71 6.28
N GLU A 29 6.61 0.48 7.60
CA GLU A 29 5.60 1.05 8.49
C GLU A 29 5.67 2.59 8.52
N GLY A 30 4.59 3.22 8.05
CA GLY A 30 4.51 4.67 8.00
C GLY A 30 4.85 5.22 6.62
N GLN A 31 4.61 4.40 5.60
CA GLN A 31 4.88 4.77 4.22
C GLN A 31 3.58 5.15 3.52
N ASP A 32 3.49 6.41 3.06
CA ASP A 32 2.30 6.88 2.35
C ASP A 32 2.24 6.21 0.98
N VAL A 33 1.28 5.33 0.83
CA VAL A 33 1.12 4.53 -0.39
C VAL A 33 -0.16 4.86 -1.14
N LEU A 34 -0.18 4.41 -2.39
CA LEU A 34 -1.33 4.58 -3.25
C LEU A 34 -1.84 3.21 -3.64
N ALA A 35 -2.91 2.81 -2.96
CA ALA A 35 -3.56 1.54 -3.16
C ALA A 35 -4.66 1.67 -4.20
N ARG A 36 -4.41 1.10 -5.38
CA ARG A 36 -5.36 1.14 -6.49
C ARG A 36 -6.60 0.28 -6.19
N TRP A 37 -7.79 0.88 -6.33
CA TRP A 37 -9.05 0.18 -6.07
C TRP A 37 -9.56 -0.52 -7.35
N THR A 38 -10.38 -1.57 -7.15
CA THR A 38 -10.92 -2.39 -8.25
C THR A 38 -11.95 -1.67 -9.12
N ASP A 39 -12.38 -0.47 -8.72
CA ASP A 39 -13.37 0.31 -9.48
C ASP A 39 -12.69 1.24 -10.49
N GLY A 40 -11.37 1.38 -10.39
CA GLY A 40 -10.61 2.24 -11.29
C GLY A 40 -10.04 3.46 -10.60
N LEU A 41 -10.54 3.75 -9.39
CA LEU A 41 -10.08 4.90 -8.61
C LEU A 41 -8.95 4.52 -7.65
N LEU A 42 -8.09 5.50 -7.34
CA LEU A 42 -6.95 5.32 -6.45
C LEU A 42 -7.37 5.55 -4.98
N TYR A 43 -6.52 5.07 -4.06
CA TYR A 43 -6.76 5.20 -2.61
C TYR A 43 -5.45 5.55 -1.91
N LEU A 44 -5.48 6.61 -1.07
CA LEU A 44 -4.29 7.02 -0.33
C LEU A 44 -4.27 6.39 1.05
N GLY A 45 -3.07 5.97 1.47
CA GLY A 45 -2.92 5.33 2.78
C GLY A 45 -1.48 5.33 3.29
N THR A 46 -1.31 4.79 4.50
CA THR A 46 0.00 4.66 5.13
C THR A 46 0.19 3.21 5.58
N ILE A 47 1.41 2.71 5.41
CA ILE A 47 1.73 1.31 5.74
C ILE A 47 1.74 1.02 7.25
N LYS A 48 0.82 0.13 7.65
CA LYS A 48 0.70 -0.30 9.03
C LYS A 48 1.45 -1.63 9.23
N LYS A 49 1.48 -2.45 8.18
CA LYS A 49 2.17 -3.75 8.21
C LYS A 49 2.83 -4.04 6.86
N VAL A 50 3.79 -4.97 6.86
CA VAL A 50 4.52 -5.34 5.64
C VAL A 50 4.68 -6.86 5.54
N ASP A 51 4.44 -7.38 4.33
CA ASP A 51 4.57 -8.80 4.03
C ASP A 51 5.55 -9.00 2.87
N SER A 52 6.85 -9.05 3.20
CA SER A 52 7.92 -9.22 2.21
C SER A 52 8.04 -10.66 1.70
N ALA A 53 7.26 -11.58 2.28
CA ALA A 53 7.27 -12.99 1.90
C ALA A 53 6.27 -13.27 0.77
N ARG A 54 5.10 -12.62 0.83
CA ARG A 54 4.04 -12.80 -0.16
C ARG A 54 3.91 -11.57 -1.07
N GLU A 55 4.83 -10.59 -0.92
CA GLU A 55 4.83 -9.32 -1.69
C GLU A 55 3.54 -8.53 -1.48
N VAL A 56 3.15 -8.42 -0.19
CA VAL A 56 1.94 -7.70 0.22
C VAL A 56 2.26 -6.78 1.40
N CYS A 57 1.36 -5.83 1.67
CA CYS A 57 1.50 -4.88 2.79
C CYS A 57 0.15 -4.36 3.24
N LEU A 58 0.02 -4.16 4.55
CA LEU A 58 -1.22 -3.64 5.13
C LEU A 58 -1.06 -2.14 5.32
N VAL A 59 -2.08 -1.40 4.92
CA VAL A 59 -2.04 0.04 5.00
C VAL A 59 -3.36 0.61 5.55
N GLN A 60 -3.23 1.67 6.34
CA GLN A 60 -4.38 2.36 6.91
C GLN A 60 -4.71 3.54 6.00
N PHE A 61 -5.99 3.73 5.71
CA PHE A 61 -6.43 4.77 4.79
C PHE A 61 -7.00 6.01 5.49
N GLU A 62 -7.22 7.07 4.69
CA GLU A 62 -7.72 8.36 5.17
C GLU A 62 -9.06 8.24 5.91
N ASP A 63 -9.99 7.45 5.36
CA ASP A 63 -11.31 7.27 5.98
C ASP A 63 -11.32 6.07 6.95
N ASP A 64 -10.18 5.87 7.66
CA ASP A 64 -10.00 4.80 8.66
C ASP A 64 -10.34 3.39 8.12
N SER A 65 -9.62 2.99 7.07
CA SER A 65 -9.83 1.67 6.47
C SER A 65 -8.55 0.85 6.47
N GLN A 66 -8.65 -0.37 7.02
CA GLN A 66 -7.51 -1.29 7.04
C GLN A 66 -7.69 -2.26 5.87
N PHE A 67 -7.08 -1.90 4.76
CA PHE A 67 -7.20 -2.66 3.53
C PHE A 67 -5.84 -3.20 3.07
N LEU A 68 -5.79 -4.54 2.89
CA LEU A 68 -4.56 -5.22 2.45
C LEU A 68 -4.31 -5.01 0.96
N VAL A 69 -3.15 -4.46 0.63
CA VAL A 69 -2.78 -4.18 -0.76
C VAL A 69 -1.50 -4.90 -1.18
N LEU A 70 -1.44 -5.22 -2.47
CA LEU A 70 -0.30 -5.88 -3.09
C LEU A 70 0.74 -4.86 -3.54
N TRP A 71 2.02 -5.22 -3.46
CA TRP A 71 3.13 -4.33 -3.88
C TRP A 71 3.02 -3.92 -5.36
N LYS A 72 2.18 -4.64 -6.12
CA LYS A 72 1.96 -4.36 -7.54
C LYS A 72 0.86 -3.31 -7.74
N ASP A 73 -0.13 -3.30 -6.83
CA ASP A 73 -1.25 -2.35 -6.87
C ASP A 73 -0.96 -1.10 -6.03
N ILE A 74 0.26 -1.03 -5.49
CA ILE A 74 0.68 0.10 -4.66
C ILE A 74 1.61 1.05 -5.42
N SER A 75 1.42 2.35 -5.18
CA SER A 75 2.22 3.41 -5.79
C SER A 75 2.68 4.39 -4.69
N PRO A 76 3.98 4.36 -4.25
CA PRO A 76 4.50 5.26 -3.20
C PRO A 76 4.18 6.74 -3.47
N ALA A 77 3.49 7.36 -2.50
CA ALA A 77 3.09 8.77 -2.58
C ALA A 77 4.25 9.76 -2.30
N ALA A 78 5.49 9.27 -2.42
CA ALA A 78 6.68 10.08 -2.17
C ALA A 78 7.11 10.86 -3.42
N LEU A 79 7.04 10.21 -4.59
CA LEU A 79 7.41 10.83 -5.85
C LEU A 79 6.18 11.31 -6.62
N ALA B 1 -21.67 12.20 -3.28
CA ALA B 1 -21.02 10.92 -2.89
C ALA B 1 -19.54 11.13 -2.55
N THR B 2 -18.85 11.94 -3.36
CA THR B 2 -17.43 12.23 -3.15
C THR B 2 -17.19 13.72 -3.04
N GLY B 3 -16.61 14.13 -1.91
CA GLY B 3 -16.31 15.53 -1.66
C GLY B 3 -15.78 15.78 -0.25
N GLY B 4 -14.86 14.93 0.18
CA GLY B 4 -14.27 15.05 1.51
C GLY B 4 -13.71 13.75 2.03
N VAL B 5 -13.26 12.88 1.11
CA VAL B 5 -12.69 11.58 1.47
C VAL B 5 -11.42 11.31 0.65
N M3L B 6 -10.41 10.68 1.31
CA M3L B 6 -9.10 10.34 0.68
CB M3L B 6 -9.24 9.19 -0.36
CG M3L B 6 -10.15 8.05 0.10
CD M3L B 6 -9.36 6.94 0.78
CE M3L B 6 -10.18 6.24 1.88
NZ M3L B 6 -10.72 4.86 1.54
C M3L B 6 -8.40 11.55 0.03
O M3L B 6 -9.05 12.54 -0.34
CM1 M3L B 6 -9.63 3.88 1.24
CM2 M3L B 6 -11.67 4.95 0.38
CM3 M3L B 6 -11.44 4.32 2.70
H M3L B 6 -10.57 10.41 2.23
HA M3L B 6 -8.47 9.99 1.48
HB2 M3L B 6 -8.27 8.79 -0.56
HB3 M3L B 6 -9.65 9.61 -1.27
HG2 M3L B 6 -10.65 7.65 -0.77
HG3 M3L B 6 -10.86 8.44 0.79
HD2 M3L B 6 -8.46 7.37 1.21
HD3 M3L B 6 -9.08 6.21 0.02
HE2 M3L B 6 -11.02 6.88 2.14
HE3 M3L B 6 -9.55 6.15 2.76
HM11 M3L B 6 -8.74 4.37 0.86
HM12 M3L B 6 -9.91 3.15 0.49
HM13 M3L B 6 -9.32 3.33 2.11
HM21 M3L B 6 -12.34 5.79 0.48
HM22 M3L B 6 -12.29 4.08 0.29
HM23 M3L B 6 -11.17 5.06 -0.57
HM31 M3L B 6 -10.98 4.59 3.64
HM32 M3L B 6 -11.49 3.24 2.69
HM33 M3L B 6 -12.46 4.65 2.75
N LYS B 7 -7.07 11.46 -0.10
CA LYS B 7 -6.26 12.53 -0.73
C LYS B 7 -5.17 11.94 -1.66
N PRO B 8 -5.52 10.98 -2.58
CA PRO B 8 -4.55 10.35 -3.50
C PRO B 8 -4.21 11.19 -4.73
N HIS B 9 -3.50 10.55 -5.67
CA HIS B 9 -3.06 11.15 -6.93
C HIS B 9 -4.23 11.34 -7.91
N ARG B 10 -4.41 12.59 -8.37
CA ARG B 10 -5.47 13.00 -9.33
C ARG B 10 -6.88 12.94 -8.71
N TYR B 11 -7.25 11.75 -8.20
CA TYR B 11 -8.57 11.56 -7.59
C TYR B 11 -8.44 11.00 -6.18
N SER A 1 -16.81 -9.25 7.56
CA SER A 1 -16.99 -7.80 7.84
C SER A 1 -18.47 -7.46 7.96
N ARG A 2 -18.79 -6.63 8.97
CA ARG A 2 -20.16 -6.21 9.23
C ARG A 2 -20.26 -4.68 9.34
N LEU A 3 -19.29 -4.08 10.05
CA LEU A 3 -19.25 -2.63 10.23
C LEU A 3 -18.03 -2.01 9.55
N SER A 4 -18.17 -0.73 9.17
CA SER A 4 -17.09 -0.01 8.50
C SER A 4 -16.22 0.80 9.49
N ARG A 5 -16.67 0.84 10.75
CA ARG A 5 -15.96 1.58 11.81
C ARG A 5 -14.98 0.67 12.54
N SER A 6 -13.76 1.16 12.75
CA SER A 6 -12.71 0.41 13.43
C SER A 6 -12.23 1.15 14.67
N GLY A 7 -11.84 0.38 15.69
CA GLY A 7 -11.36 0.96 16.94
C GLY A 7 -9.84 0.96 17.03
N ALA A 8 -9.31 0.19 17.99
CA ALA A 8 -7.86 0.10 18.19
C ALA A 8 -7.35 -1.29 17.82
N SER A 9 -6.39 -1.32 16.89
CA SER A 9 -5.78 -2.57 16.43
C SER A 9 -4.26 -2.49 16.43
N SER A 10 -3.60 -3.58 16.88
CA SER A 10 -2.13 -3.68 16.95
C SER A 10 -1.51 -2.61 17.87
N LEU A 11 -0.92 -3.07 18.97
CA LEU A 11 -0.28 -2.17 19.95
C LEU A 11 1.07 -2.73 20.42
N TRP A 12 1.30 -4.03 20.15
CA TRP A 12 2.54 -4.69 20.55
C TRP A 12 3.14 -5.48 19.39
N ASP A 13 4.46 -5.69 19.44
CA ASP A 13 5.19 -6.43 18.40
C ASP A 13 5.25 -7.93 18.72
N PRO A 14 5.36 -8.82 17.70
CA PRO A 14 5.43 -10.28 17.91
C PRO A 14 6.77 -10.75 18.54
N ALA A 15 7.74 -11.15 17.69
CA ALA A 15 9.04 -11.61 18.18
C ALA A 15 10.16 -10.62 17.86
N SER A 16 9.93 -9.75 16.87
CA SER A 16 10.92 -8.74 16.46
C SER A 16 10.23 -7.43 16.03
N PRO A 17 10.72 -6.24 16.51
CA PRO A 17 10.11 -4.95 16.14
C PRO A 17 10.45 -4.50 14.70
N ALA A 18 11.72 -4.70 14.30
CA ALA A 18 12.19 -4.34 12.96
C ALA A 18 13.03 -5.47 12.35
N PRO A 19 12.75 -5.87 11.07
CA PRO A 19 13.52 -6.95 10.40
C PRO A 19 14.90 -6.47 9.86
N THR A 20 15.59 -5.64 10.66
CA THR A 20 16.93 -5.08 10.31
C THR A 20 16.86 -4.19 9.06
N SER A 21 18.01 -3.57 8.70
CA SER A 21 18.16 -2.67 7.53
C SER A 21 17.37 -1.36 7.72
N GLY A 22 17.91 -0.28 7.17
CA GLY A 22 17.27 1.03 7.29
C GLY A 22 17.36 1.87 6.02
N PRO A 23 18.59 2.24 5.53
CA PRO A 23 18.76 3.06 4.31
C PRO A 23 18.41 2.32 3.00
N ARG A 24 17.15 1.85 2.91
CA ARG A 24 16.65 1.12 1.74
C ARG A 24 15.16 1.41 1.53
N PRO A 25 14.75 1.97 0.33
CA PRO A 25 13.33 2.26 0.05
C PRO A 25 12.53 1.01 -0.31
N ARG A 26 11.41 0.80 0.42
CA ARG A 26 10.52 -0.36 0.21
C ARG A 26 9.25 -0.23 1.07
N LEU A 27 8.50 -1.34 1.19
CA LEU A 27 7.26 -1.39 1.97
C LEU A 27 7.59 -1.50 3.47
N TRP A 28 7.26 -0.45 4.23
CA TRP A 28 7.54 -0.40 5.67
C TRP A 28 6.44 0.35 6.42
N GLU A 29 6.34 0.11 7.74
CA GLU A 29 5.33 0.76 8.59
C GLU A 29 5.52 2.28 8.63
N GLY A 30 4.51 3.00 8.11
CA GLY A 30 4.54 4.45 8.07
C GLY A 30 4.97 4.97 6.71
N GLN A 31 4.74 4.16 5.67
CA GLN A 31 5.09 4.52 4.30
C GLN A 31 3.84 4.99 3.56
N ASP A 32 3.85 6.26 3.11
CA ASP A 32 2.71 6.81 2.37
C ASP A 32 2.67 6.14 1.00
N VAL A 33 1.65 5.32 0.82
CA VAL A 33 1.47 4.54 -0.39
C VAL A 33 0.22 4.95 -1.17
N LEU A 34 0.17 4.46 -2.41
CA LEU A 34 -0.96 4.69 -3.28
C LEU A 34 -1.55 3.36 -3.69
N ALA A 35 -2.66 3.03 -3.02
CA ALA A 35 -3.36 1.79 -3.23
C ALA A 35 -4.44 1.97 -4.30
N ARG A 36 -4.16 1.43 -5.49
CA ARG A 36 -5.08 1.52 -6.62
C ARG A 36 -6.33 0.66 -6.41
N TRP A 37 -7.50 1.27 -6.58
CA TRP A 37 -8.78 0.56 -6.41
C TRP A 37 -9.26 -0.05 -7.72
N THR A 38 -10.12 -1.06 -7.62
CA THR A 38 -10.67 -1.80 -8.79
C THR A 38 -11.67 -0.98 -9.63
N ASP A 39 -12.05 0.22 -9.14
CA ASP A 39 -12.99 1.08 -9.86
C ASP A 39 -12.26 2.09 -10.74
N GLY A 40 -10.92 2.02 -10.74
CA GLY A 40 -10.10 2.93 -11.54
C GLY A 40 -9.60 4.13 -10.76
N LEU A 41 -10.07 4.26 -9.51
CA LEU A 41 -9.68 5.37 -8.65
C LEU A 41 -8.55 4.97 -7.71
N LEU A 42 -7.67 5.95 -7.41
CA LEU A 42 -6.52 5.73 -6.52
C LEU A 42 -6.92 6.01 -5.06
N TYR A 43 -6.12 5.46 -4.13
CA TYR A 43 -6.35 5.61 -2.70
C TYR A 43 -5.04 5.93 -1.99
N LEU A 44 -5.04 6.97 -1.15
CA LEU A 44 -3.85 7.35 -0.39
C LEU A 44 -3.91 6.76 1.01
N GLY A 45 -2.84 6.06 1.38
CA GLY A 45 -2.77 5.43 2.69
C GLY A 45 -1.36 5.21 3.18
N THR A 46 -1.22 4.95 4.49
CA THR A 46 0.09 4.69 5.09
C THR A 46 0.18 3.22 5.50
N ILE A 47 1.39 2.66 5.43
CA ILE A 47 1.61 1.24 5.74
C ILE A 47 1.55 0.93 7.24
N LYS A 48 0.59 0.08 7.60
CA LYS A 48 0.39 -0.36 8.98
C LYS A 48 1.05 -1.73 9.20
N LYS A 49 1.13 -2.53 8.11
CA LYS A 49 1.73 -3.86 8.16
C LYS A 49 2.42 -4.18 6.83
N VAL A 50 3.34 -5.15 6.86
CA VAL A 50 4.10 -5.53 5.66
C VAL A 50 4.22 -7.06 5.56
N ASP A 51 3.97 -7.56 4.35
CA ASP A 51 4.07 -8.98 4.04
C ASP A 51 5.05 -9.19 2.87
N SER A 52 6.34 -9.24 3.20
CA SER A 52 7.41 -9.41 2.20
C SER A 52 7.54 -10.87 1.71
N ALA A 53 6.67 -11.75 2.20
CA ALA A 53 6.69 -13.16 1.81
C ALA A 53 5.80 -13.42 0.58
N ARG A 54 4.61 -12.81 0.57
CA ARG A 54 3.65 -12.95 -0.53
C ARG A 54 3.56 -11.66 -1.36
N GLU A 55 4.47 -10.69 -1.09
CA GLU A 55 4.52 -9.39 -1.80
C GLU A 55 3.22 -8.59 -1.57
N VAL A 56 2.84 -8.49 -0.30
CA VAL A 56 1.63 -7.76 0.11
C VAL A 56 1.93 -6.86 1.33
N CYS A 57 1.05 -5.88 1.58
CA CYS A 57 1.19 -4.96 2.71
C CYS A 57 -0.15 -4.38 3.12
N LEU A 58 -0.32 -4.15 4.42
CA LEU A 58 -1.54 -3.58 4.95
C LEU A 58 -1.32 -2.10 5.18
N VAL A 59 -2.27 -1.29 4.74
CA VAL A 59 -2.17 0.16 4.85
C VAL A 59 -3.47 0.78 5.37
N GLN A 60 -3.31 1.83 6.18
CA GLN A 60 -4.45 2.57 6.73
C GLN A 60 -4.71 3.76 5.81
N PHE A 61 -5.98 4.03 5.54
CA PHE A 61 -6.36 5.10 4.63
C PHE A 61 -6.94 6.31 5.36
N GLU A 62 -7.03 7.44 4.63
CA GLU A 62 -7.53 8.71 5.18
C GLU A 62 -8.94 8.61 5.77
N ASP A 63 -9.83 7.83 5.11
CA ASP A 63 -11.20 7.68 5.61
C ASP A 63 -11.28 6.49 6.62
N ASP A 64 -10.17 6.28 7.37
CA ASP A 64 -10.05 5.24 8.42
C ASP A 64 -10.41 3.83 7.92
N SER A 65 -9.69 3.37 6.89
CA SER A 65 -9.93 2.04 6.32
C SER A 65 -8.67 1.19 6.31
N GLN A 66 -8.78 -0.03 6.83
CA GLN A 66 -7.68 -0.98 6.84
C GLN A 66 -7.89 -1.92 5.65
N PHE A 67 -7.26 -1.58 4.54
CA PHE A 67 -7.41 -2.32 3.30
C PHE A 67 -6.10 -2.96 2.85
N LEU A 68 -6.16 -4.29 2.64
CA LEU A 68 -5.02 -5.09 2.22
C LEU A 68 -4.70 -4.85 0.73
N VAL A 69 -3.49 -4.32 0.48
CA VAL A 69 -3.06 -4.02 -0.90
C VAL A 69 -1.81 -4.80 -1.29
N LEU A 70 -1.71 -5.08 -2.59
CA LEU A 70 -0.57 -5.80 -3.15
C LEU A 70 0.52 -4.82 -3.58
N TRP A 71 1.79 -5.26 -3.52
CA TRP A 71 2.94 -4.43 -3.89
C TRP A 71 2.89 -3.98 -5.37
N LYS A 72 2.02 -4.65 -6.16
CA LYS A 72 1.86 -4.32 -7.59
C LYS A 72 0.82 -3.20 -7.79
N ASP A 73 -0.17 -3.14 -6.88
CA ASP A 73 -1.23 -2.12 -6.93
C ASP A 73 -0.86 -0.91 -6.07
N ILE A 74 0.36 -0.93 -5.51
CA ILE A 74 0.83 0.15 -4.64
C ILE A 74 1.85 1.04 -5.36
N SER A 75 1.73 2.35 -5.12
CA SER A 75 2.63 3.36 -5.69
C SER A 75 3.09 4.31 -4.58
N PRO A 76 4.38 4.25 -4.13
CA PRO A 76 4.88 5.14 -3.05
C PRO A 76 4.63 6.63 -3.34
N ALA A 77 3.92 7.28 -2.42
CA ALA A 77 3.57 8.70 -2.55
C ALA A 77 4.75 9.61 -2.19
N ALA A 78 5.42 9.30 -1.07
CA ALA A 78 6.55 10.09 -0.60
C ALA A 78 7.77 9.20 -0.35
N LEU A 79 8.95 9.69 -0.75
CA LEU A 79 10.20 8.95 -0.58
C LEU A 79 11.26 9.82 0.09
N ALA B 1 -22.97 3.80 3.06
CA ALA B 1 -21.95 4.74 2.51
C ALA B 1 -22.15 6.15 3.08
N THR B 2 -21.05 6.74 3.55
CA THR B 2 -21.07 8.09 4.12
C THR B 2 -19.89 8.92 3.64
N GLY B 3 -18.70 8.30 3.59
CA GLY B 3 -17.50 8.99 3.15
C GLY B 3 -16.61 8.09 2.30
N GLY B 4 -15.31 8.41 2.28
CA GLY B 4 -14.34 7.64 1.51
C GLY B 4 -14.02 8.29 0.18
N VAL B 5 -13.10 9.26 0.21
CA VAL B 5 -12.68 9.97 -1.00
C VAL B 5 -11.15 10.20 -1.03
N M3L B 6 -10.54 10.41 0.16
CA M3L B 6 -9.08 10.64 0.31
CB M3L B 6 -8.27 9.37 -0.02
CG M3L B 6 -8.52 8.22 0.95
CD M3L B 6 -9.66 7.34 0.48
CE M3L B 6 -10.27 6.56 1.65
NZ M3L B 6 -10.68 5.13 1.33
C M3L B 6 -8.58 11.82 -0.55
O M3L B 6 -9.38 12.51 -1.19
CM1 M3L B 6 -9.51 4.29 0.94
CM2 M3L B 6 -11.71 5.12 0.25
CM3 M3L B 6 -11.26 4.50 2.54
H M3L B 6 -11.09 10.37 0.98
HA M3L B 6 -8.91 10.90 1.35
HB2 M3L B 6 -7.22 9.61 0.00
HB3 M3L B 6 -8.54 9.04 -1.00
HG2 M3L B 6 -8.77 8.63 1.92
HG3 M3L B 6 -7.62 7.62 1.04
HD2 M3L B 6 -9.28 6.64 -0.25
HD3 M3L B 6 -10.42 7.96 0.02
HE2 M3L B 6 -11.16 7.09 1.97
HE3 M3L B 6 -9.57 6.54 2.46
HM11 M3L B 6 -8.60 4.87 0.86
HM12 M3L B 6 -9.64 3.80 -0.01
HM13 M3L B 6 -9.30 3.51 1.65
HM21 M3L B 6 -11.32 5.46 -0.69
HM22 M3L B 6 -12.55 5.77 0.48
HM23 M3L B 6 -12.13 4.14 0.08
HM31 M3L B 6 -12.28 4.80 2.70
HM32 M3L B 6 -10.72 4.77 3.43
HM33 M3L B 6 -11.26 3.43 2.49
N LYS B 7 -7.25 12.04 -0.55
CA LYS B 7 -6.63 13.13 -1.33
C LYS B 7 -5.36 12.63 -2.08
N PRO B 8 -5.43 11.48 -2.84
CA PRO B 8 -4.26 10.95 -3.58
C PRO B 8 -3.96 11.71 -4.88
N HIS B 9 -3.28 11.01 -5.79
CA HIS B 9 -2.89 11.52 -7.10
C HIS B 9 -4.10 11.49 -8.07
N ARG B 10 -4.82 10.35 -8.07
CA ARG B 10 -6.04 10.12 -8.88
C ARG B 10 -5.89 10.50 -10.36
N TYR B 11 -5.91 9.48 -11.23
CA TYR B 11 -5.82 9.67 -12.69
C TYR B 11 -6.50 8.53 -13.43
N SER A 1 -3.41 -30.50 -17.97
CA SER A 1 -3.95 -29.42 -18.85
C SER A 1 -4.54 -28.29 -18.02
N ARG A 2 -5.27 -28.65 -16.95
CA ARG A 2 -5.91 -27.66 -16.07
C ARG A 2 -5.09 -27.49 -14.78
N LEU A 3 -4.66 -26.25 -14.54
CA LEU A 3 -3.87 -25.93 -13.35
C LEU A 3 -4.32 -24.60 -12.71
N SER A 4 -5.14 -23.84 -13.44
CA SER A 4 -5.66 -22.56 -12.96
C SER A 4 -7.02 -22.72 -12.27
N ARG A 5 -7.05 -23.58 -11.24
CA ARG A 5 -8.26 -23.84 -10.48
C ARG A 5 -8.19 -23.22 -9.09
N SER A 6 -7.00 -23.28 -8.46
CA SER A 6 -6.78 -22.71 -7.14
C SER A 6 -6.16 -21.32 -7.22
N GLY A 7 -6.83 -20.35 -6.60
CA GLY A 7 -6.35 -18.97 -6.61
C GLY A 7 -7.19 -18.07 -5.71
N ALA A 8 -7.35 -18.48 -4.46
CA ALA A 8 -8.13 -17.72 -3.48
C ALA A 8 -7.22 -16.90 -2.57
N SER A 9 -7.79 -15.86 -1.94
CA SER A 9 -7.04 -14.98 -1.03
C SER A 9 -7.04 -15.53 0.39
N SER A 10 -5.83 -15.61 0.99
CA SER A 10 -5.63 -16.12 2.37
C SER A 10 -6.13 -17.57 2.52
N LEU A 11 -5.17 -18.50 2.63
CA LEU A 11 -5.48 -19.92 2.78
C LEU A 11 -4.65 -20.55 3.90
N TRP A 12 -3.34 -20.30 3.89
CA TRP A 12 -2.42 -20.84 4.89
C TRP A 12 -1.47 -19.75 5.41
N ASP A 13 -1.06 -19.90 6.67
CA ASP A 13 -0.15 -18.95 7.31
C ASP A 13 1.28 -19.53 7.42
N PRO A 14 2.35 -18.69 7.59
CA PRO A 14 3.74 -19.18 7.70
C PRO A 14 4.00 -19.95 9.00
N ALA A 15 4.69 -21.08 8.89
CA ALA A 15 5.02 -21.93 10.04
C ALA A 15 6.46 -21.72 10.51
N SER A 16 7.30 -21.18 9.63
CA SER A 16 8.71 -20.92 9.96
C SER A 16 9.03 -19.42 9.85
N PRO A 17 10.13 -18.92 10.52
CA PRO A 17 10.51 -17.49 10.46
C PRO A 17 11.12 -17.09 9.11
N ALA A 18 11.18 -15.77 8.86
CA ALA A 18 11.72 -15.23 7.61
C ALA A 18 13.24 -14.95 7.73
N PRO A 19 14.01 -15.01 6.61
CA PRO A 19 15.46 -14.75 6.62
C PRO A 19 15.82 -13.30 6.97
N THR A 20 17.12 -13.06 7.21
CA THR A 20 17.62 -11.72 7.55
C THR A 20 17.94 -10.89 6.30
N SER A 21 18.49 -11.55 5.27
CA SER A 21 18.84 -10.89 4.02
C SER A 21 17.72 -11.03 2.99
N GLY A 22 17.25 -9.89 2.47
CA GLY A 22 16.18 -9.89 1.48
C GLY A 22 15.62 -8.50 1.23
N PRO A 23 14.33 -8.36 0.80
CA PRO A 23 13.71 -7.05 0.54
C PRO A 23 13.25 -6.32 1.82
N ARG A 24 13.60 -5.03 1.90
CA ARG A 24 13.23 -4.19 3.05
C ARG A 24 12.64 -2.84 2.62
N PRO A 25 13.28 -2.09 1.65
CA PRO A 25 12.75 -0.78 1.19
C PRO A 25 11.48 -0.91 0.34
N ARG A 26 10.87 0.25 -0.02
CA ARG A 26 9.64 0.35 -0.85
C ARG A 26 8.37 0.02 -0.05
N LEU A 27 8.52 -0.67 1.09
CA LEU A 27 7.40 -1.04 1.96
C LEU A 27 7.84 -1.10 3.42
N TRP A 28 7.38 -0.12 4.22
CA TRP A 28 7.70 -0.03 5.65
C TRP A 28 6.54 0.59 6.43
N GLU A 29 6.51 0.36 7.75
CA GLU A 29 5.46 0.89 8.63
C GLU A 29 5.48 2.42 8.68
N GLY A 30 4.39 3.03 8.18
CA GLY A 30 4.27 4.48 8.14
C GLY A 30 4.69 5.05 6.80
N GLN A 31 4.53 4.25 5.74
CA GLN A 31 4.90 4.64 4.39
C GLN A 31 3.64 5.06 3.62
N ASP A 32 3.63 6.31 3.12
CA ASP A 32 2.49 6.80 2.33
C ASP A 32 2.49 6.11 0.97
N VAL A 33 1.47 5.27 0.78
CA VAL A 33 1.35 4.47 -0.42
C VAL A 33 0.12 4.84 -1.24
N LEU A 34 0.13 4.38 -2.49
CA LEU A 34 -0.96 4.58 -3.40
C LEU A 34 -1.53 3.23 -3.79
N ALA A 35 -2.65 2.90 -3.15
CA ALA A 35 -3.34 1.65 -3.36
C ALA A 35 -4.40 1.80 -4.44
N ARG A 36 -4.12 1.24 -5.61
CA ARG A 36 -5.04 1.30 -6.75
C ARG A 36 -6.27 0.42 -6.51
N TRP A 37 -7.45 1.04 -6.56
CA TRP A 37 -8.71 0.32 -6.34
C TRP A 37 -9.29 -0.22 -7.65
N THR A 38 -10.19 -1.22 -7.53
CA THR A 38 -10.81 -1.90 -8.69
C THR A 38 -11.83 -1.03 -9.46
N ASP A 39 -12.10 0.18 -8.96
CA ASP A 39 -13.06 1.09 -9.61
C ASP A 39 -12.35 2.02 -10.60
N GLY A 40 -11.03 1.82 -10.74
CA GLY A 40 -10.22 2.64 -11.63
C GLY A 40 -9.62 3.85 -10.93
N LEU A 41 -10.08 4.11 -9.70
CA LEU A 41 -9.62 5.23 -8.89
C LEU A 41 -8.51 4.81 -7.94
N LEU A 42 -7.62 5.74 -7.63
CA LEU A 42 -6.49 5.52 -6.73
C LEU A 42 -6.90 5.81 -5.27
N TYR A 43 -6.09 5.29 -4.33
CA TYR A 43 -6.34 5.46 -2.89
C TYR A 43 -5.02 5.80 -2.19
N LEU A 44 -5.04 6.86 -1.36
CA LEU A 44 -3.85 7.26 -0.60
C LEU A 44 -3.91 6.66 0.80
N GLY A 45 -2.79 6.08 1.22
CA GLY A 45 -2.73 5.47 2.54
C GLY A 45 -1.34 5.42 3.14
N THR A 46 -1.26 4.84 4.34
CA THR A 46 -0.01 4.69 5.07
C THR A 46 0.10 3.25 5.54
N ILE A 47 1.29 2.66 5.41
CA ILE A 47 1.52 1.26 5.76
C ILE A 47 1.45 0.99 7.26
N LYS A 48 0.48 0.15 7.63
CA LYS A 48 0.27 -0.26 9.00
C LYS A 48 0.93 -1.63 9.27
N LYS A 49 1.06 -2.43 8.20
CA LYS A 49 1.68 -3.77 8.28
C LYS A 49 2.39 -4.10 6.97
N VAL A 50 3.35 -5.03 7.04
CA VAL A 50 4.13 -5.44 5.87
C VAL A 50 4.26 -6.96 5.79
N ASP A 51 4.05 -7.49 4.58
CA ASP A 51 4.16 -8.91 4.30
C ASP A 51 5.17 -9.13 3.16
N SER A 52 6.47 -9.16 3.54
CA SER A 52 7.57 -9.34 2.58
C SER A 52 7.72 -10.80 2.10
N ALA A 53 6.84 -11.68 2.56
CA ALA A 53 6.87 -13.10 2.19
C ALA A 53 6.03 -13.37 0.93
N ARG A 54 4.83 -12.77 0.89
CA ARG A 54 3.90 -12.94 -0.23
C ARG A 54 3.81 -11.67 -1.09
N GLU A 55 4.69 -10.67 -0.81
CA GLU A 55 4.72 -9.38 -1.54
C GLU A 55 3.41 -8.60 -1.35
N VAL A 56 2.99 -8.48 -0.08
CA VAL A 56 1.76 -7.77 0.29
C VAL A 56 2.03 -6.85 1.49
N CYS A 57 1.15 -5.86 1.70
CA CYS A 57 1.27 -4.91 2.82
C CYS A 57 -0.09 -4.36 3.21
N LEU A 58 -0.29 -4.14 4.51
CA LEU A 58 -1.53 -3.58 5.02
C LEU A 58 -1.33 -2.08 5.20
N VAL A 59 -2.31 -1.31 4.75
CA VAL A 59 -2.23 0.14 4.84
C VAL A 59 -3.55 0.75 5.30
N GLN A 60 -3.43 1.83 6.09
CA GLN A 60 -4.57 2.58 6.59
C GLN A 60 -4.80 3.77 5.65
N PHE A 61 -6.05 4.17 5.48
CA PHE A 61 -6.38 5.25 4.55
C PHE A 61 -6.93 6.49 5.26
N GLU A 62 -7.16 7.55 4.47
CA GLU A 62 -7.65 8.84 4.98
C GLU A 62 -9.06 8.75 5.57
N ASP A 63 -9.94 7.96 4.94
CA ASP A 63 -11.31 7.81 5.42
C ASP A 63 -11.43 6.64 6.42
N ASP A 64 -10.33 6.41 7.19
CA ASP A 64 -10.25 5.36 8.24
C ASP A 64 -10.62 3.95 7.73
N SER A 65 -9.87 3.49 6.73
CA SER A 65 -10.08 2.16 6.15
C SER A 65 -8.82 1.30 6.20
N GLN A 66 -9.01 0.04 6.54
CA GLN A 66 -7.91 -0.92 6.59
C GLN A 66 -8.07 -1.88 5.41
N PHE A 67 -7.37 -1.56 4.33
CA PHE A 67 -7.46 -2.34 3.10
C PHE A 67 -6.12 -2.99 2.74
N LEU A 68 -6.16 -4.33 2.59
CA LEU A 68 -4.99 -5.14 2.24
C LEU A 68 -4.63 -4.94 0.76
N VAL A 69 -3.45 -4.36 0.50
CA VAL A 69 -2.99 -4.10 -0.86
C VAL A 69 -1.73 -4.88 -1.21
N LEU A 70 -1.60 -5.19 -2.50
CA LEU A 70 -0.44 -5.92 -3.03
C LEU A 70 0.64 -4.94 -3.46
N TRP A 71 1.91 -5.37 -3.38
CA TRP A 71 3.07 -4.54 -3.76
C TRP A 71 3.03 -4.13 -5.25
N LYS A 72 2.17 -4.82 -6.04
CA LYS A 72 2.02 -4.52 -7.47
C LYS A 72 0.98 -3.42 -7.71
N ASP A 73 -0.01 -3.34 -6.82
CA ASP A 73 -1.07 -2.32 -6.92
C ASP A 73 -0.73 -1.08 -6.10
N ILE A 74 0.45 -1.08 -5.48
CA ILE A 74 0.91 0.02 -4.64
C ILE A 74 1.92 0.90 -5.36
N SER A 75 1.76 2.22 -5.17
CA SER A 75 2.65 3.24 -5.74
C SER A 75 3.11 4.20 -4.63
N PRO A 76 4.40 4.13 -4.16
CA PRO A 76 4.90 5.03 -3.09
C PRO A 76 4.66 6.52 -3.39
N ALA A 77 3.94 7.17 -2.47
CA ALA A 77 3.59 8.59 -2.60
C ALA A 77 4.79 9.51 -2.34
N ALA A 78 4.64 10.80 -2.70
CA ALA A 78 5.69 11.84 -2.55
C ALA A 78 6.91 11.56 -3.42
N LEU A 79 7.32 12.58 -4.19
CA LEU A 79 8.48 12.46 -5.08
C LEU A 79 9.71 13.08 -4.45
N ALA B 1 -25.20 10.26 -2.28
CA ALA B 1 -24.01 10.79 -1.55
C ALA B 1 -22.84 9.83 -1.65
N THR B 2 -21.64 10.38 -1.83
CA THR B 2 -20.42 9.58 -1.95
C THR B 2 -19.38 10.02 -0.91
N GLY B 3 -18.88 9.05 -0.16
CA GLY B 3 -17.88 9.33 0.86
C GLY B 3 -16.49 8.82 0.49
N GLY B 4 -15.65 8.62 1.50
CA GLY B 4 -14.29 8.14 1.28
C GLY B 4 -13.27 9.25 1.18
N VAL B 5 -13.71 10.43 0.71
CA VAL B 5 -12.87 11.65 0.53
C VAL B 5 -11.52 11.37 -0.19
N M3L B 6 -10.46 11.01 0.58
CA M3L B 6 -9.10 10.73 0.04
CB M3L B 6 -9.07 9.47 -0.85
CG M3L B 6 -9.94 8.33 -0.36
CD M3L B 6 -9.15 7.31 0.46
CE M3L B 6 -10.02 6.62 1.54
NZ M3L B 6 -10.60 5.25 1.16
C M3L B 6 -8.52 11.92 -0.74
O M3L B 6 -9.25 12.78 -1.24
CM1 M3L B 6 -9.53 4.25 0.87
CM2 M3L B 6 -11.54 5.37 0.00
CM3 M3L B 6 -11.34 4.70 2.30
H M3L B 6 -10.62 10.90 1.55
HA M3L B 6 -8.46 10.56 0.89
HB2 M3L B 6 -8.05 9.11 -0.92
HB3 M3L B 6 -9.40 9.75 -1.84
HG2 M3L B 6 -10.38 7.83 -1.21
HG3 M3L B 6 -10.72 8.73 0.27
HD2 M3L B 6 -8.34 7.82 0.95
HD3 M3L B 6 -8.75 6.56 -0.21
HE2 M3L B 6 -10.85 7.28 1.77
HE3 M3L B 6 -9.43 6.50 2.42
HM11 M3L B 6 -8.85 4.58 0.10
HM12 M3L B 6 -9.93 3.31 0.52
HM13 M3L B 6 -8.94 4.03 1.73
HM21 M3L B 6 -11.02 5.40 -0.95
HM22 M3L B 6 -12.13 6.27 0.04
HM23 M3L B 6 -12.23 4.55 -0.05
HM31 M3L B 6 -12.38 5.03 2.32
HM32 M3L B 6 -10.92 5.01 3.25
HM33 M3L B 6 -11.37 3.63 2.32
N LYS B 7 -7.17 11.96 -0.86
CA LYS B 7 -6.48 13.03 -1.60
C LYS B 7 -5.20 12.49 -2.31
N PRO B 8 -5.29 11.35 -3.07
CA PRO B 8 -4.14 10.76 -3.78
C PRO B 8 -3.74 11.49 -5.07
N HIS B 9 -2.96 10.79 -5.90
CA HIS B 9 -2.46 11.28 -7.19
C HIS B 9 -3.62 11.37 -8.20
N ARG B 10 -4.39 10.27 -8.33
CA ARG B 10 -5.58 10.15 -9.21
C ARG B 10 -5.42 10.84 -10.58
N TYR B 11 -5.17 10.03 -11.61
CA TYR B 11 -5.01 10.54 -12.98
C TYR B 11 -5.69 9.60 -13.98
N SER A 1 -21.80 10.46 2.36
CA SER A 1 -21.59 9.13 1.77
C SER A 1 -20.55 8.33 2.56
N ARG A 2 -20.71 6.99 2.57
CA ARG A 2 -19.81 6.06 3.28
C ARG A 2 -19.82 6.27 4.80
N LEU A 3 -19.96 5.17 5.54
CA LEU A 3 -19.99 5.20 7.00
C LEU A 3 -18.64 4.85 7.60
N SER A 4 -18.35 5.37 8.79
CA SER A 4 -17.09 5.12 9.48
C SER A 4 -17.23 3.96 10.48
N ARG A 5 -16.36 2.97 10.33
CA ARG A 5 -16.36 1.79 11.20
C ARG A 5 -14.97 1.51 11.75
N SER A 6 -14.93 0.89 12.94
CA SER A 6 -13.67 0.56 13.61
C SER A 6 -13.24 -0.88 13.29
N GLY A 7 -14.22 -1.80 13.28
CA GLY A 7 -13.93 -3.20 13.00
C GLY A 7 -13.90 -4.05 14.26
N ALA A 8 -12.75 -4.70 14.47
CA ALA A 8 -12.56 -5.56 15.65
C ALA A 8 -11.35 -5.10 16.46
N SER A 9 -11.41 -5.34 17.77
CA SER A 9 -10.34 -4.97 18.70
C SER A 9 -9.43 -6.16 18.98
N SER A 10 -8.19 -5.88 19.41
CA SER A 10 -7.21 -6.91 19.72
C SER A 10 -7.31 -7.36 21.19
N LEU A 11 -7.48 -8.67 21.38
CA LEU A 11 -7.59 -9.25 22.73
C LEU A 11 -6.64 -10.45 22.90
N TRP A 12 -5.63 -10.54 22.03
CA TRP A 12 -4.64 -11.63 22.07
C TRP A 12 -3.21 -11.09 22.01
N ASP A 13 -2.27 -11.90 22.49
CA ASP A 13 -0.84 -11.54 22.51
C ASP A 13 -0.15 -11.96 21.19
N PRO A 14 1.00 -11.29 20.81
CA PRO A 14 1.72 -11.62 19.56
C PRO A 14 2.25 -13.07 19.52
N ALA A 15 1.61 -13.90 18.69
CA ALA A 15 1.99 -15.30 18.53
C ALA A 15 2.63 -15.56 17.15
N SER A 16 2.95 -14.48 16.44
CA SER A 16 3.56 -14.57 15.11
C SER A 16 5.10 -14.74 15.20
N PRO A 17 5.70 -15.80 14.55
CA PRO A 17 7.16 -16.04 14.58
C PRO A 17 7.97 -14.91 13.95
N ALA A 18 9.27 -14.84 14.30
CA ALA A 18 10.22 -13.83 13.78
C ALA A 18 9.77 -12.38 14.10
N PRO A 19 10.50 -11.65 15.00
CA PRO A 19 10.15 -10.27 15.36
C PRO A 19 10.62 -9.23 14.32
N THR A 20 11.77 -9.49 13.71
CA THR A 20 12.35 -8.60 12.69
C THR A 20 12.89 -9.39 11.49
N SER A 21 13.02 -8.71 10.35
CA SER A 21 13.53 -9.33 9.13
C SER A 21 15.02 -9.08 8.94
N GLY A 22 15.44 -7.81 9.10
CA GLY A 22 16.84 -7.44 8.95
C GLY A 22 17.07 -6.37 7.89
N PRO A 23 16.82 -6.65 6.58
CA PRO A 23 17.01 -5.67 5.49
C PRO A 23 15.91 -4.61 5.44
N ARG A 24 16.21 -3.47 4.79
CA ARG A 24 15.25 -2.37 4.68
C ARG A 24 14.54 -2.42 3.30
N PRO A 25 13.27 -2.92 3.25
CA PRO A 25 12.50 -3.00 2.00
C PRO A 25 11.80 -1.68 1.63
N ARG A 26 11.18 -1.66 0.44
CA ARG A 26 10.47 -0.47 -0.06
C ARG A 26 9.23 -0.16 0.79
N LEU A 27 8.56 -1.22 1.25
CA LEU A 27 7.36 -1.10 2.08
C LEU A 27 7.74 -1.13 3.56
N TRP A 28 7.41 -0.04 4.27
CA TRP A 28 7.73 0.11 5.70
C TRP A 28 6.62 0.84 6.44
N GLU A 29 6.55 0.65 7.77
CA GLU A 29 5.53 1.30 8.61
C GLU A 29 5.64 2.82 8.56
N GLY A 30 4.60 3.48 8.02
CA GLY A 30 4.58 4.92 7.89
C GLY A 30 4.98 5.38 6.50
N GLN A 31 4.77 4.51 5.52
CA GLN A 31 5.11 4.80 4.13
C GLN A 31 3.84 5.19 3.37
N ASP A 32 3.81 6.43 2.86
CA ASP A 32 2.66 6.92 2.09
C ASP A 32 2.62 6.20 0.76
N VAL A 33 1.62 5.34 0.61
CA VAL A 33 1.45 4.51 -0.57
C VAL A 33 0.19 4.85 -1.35
N LEU A 34 0.13 4.33 -2.56
CA LEU A 34 -1.01 4.51 -3.43
C LEU A 34 -1.59 3.15 -3.77
N ALA A 35 -2.66 2.83 -3.06
CA ALA A 35 -3.38 1.58 -3.23
C ALA A 35 -4.45 1.74 -4.29
N ARG A 36 -4.15 1.24 -5.48
CA ARG A 36 -5.06 1.32 -6.63
C ARG A 36 -6.29 0.43 -6.44
N TRP A 37 -7.47 1.02 -6.64
CA TRP A 37 -8.73 0.29 -6.51
C TRP A 37 -9.15 -0.34 -7.85
N THR A 38 -9.94 -1.42 -7.76
CA THR A 38 -10.40 -2.17 -8.95
C THR A 38 -11.59 -1.50 -9.69
N ASP A 39 -11.78 -0.20 -9.47
CA ASP A 39 -12.85 0.55 -10.12
C ASP A 39 -12.29 1.63 -11.04
N GLY A 40 -10.99 1.92 -10.90
CA GLY A 40 -10.35 2.93 -11.73
C GLY A 40 -9.81 4.11 -10.92
N LEU A 41 -10.25 4.23 -9.67
CA LEU A 41 -9.82 5.31 -8.79
C LEU A 41 -8.70 4.85 -7.85
N LEU A 42 -7.81 5.79 -7.53
CA LEU A 42 -6.67 5.54 -6.64
C LEU A 42 -7.04 5.79 -5.17
N TYR A 43 -6.25 5.24 -4.26
CA TYR A 43 -6.48 5.37 -2.81
C TYR A 43 -5.17 5.70 -2.11
N LEU A 44 -5.17 6.77 -1.30
CA LEU A 44 -3.96 7.17 -0.56
C LEU A 44 -4.01 6.60 0.85
N GLY A 45 -2.89 5.99 1.25
CA GLY A 45 -2.79 5.38 2.58
C GLY A 45 -1.37 5.22 3.05
N THR A 46 -1.20 5.13 4.38
CA THR A 46 0.13 4.92 4.97
C THR A 46 0.27 3.47 5.39
N ILE A 47 1.49 2.95 5.40
CA ILE A 47 1.75 1.55 5.74
C ILE A 47 1.72 1.27 7.24
N LYS A 48 0.77 0.41 7.62
CA LYS A 48 0.60 -0.01 9.02
C LYS A 48 1.34 -1.33 9.24
N LYS A 49 1.37 -2.17 8.20
CA LYS A 49 2.04 -3.48 8.26
C LYS A 49 2.70 -3.81 6.92
N VAL A 50 3.59 -4.81 6.94
CA VAL A 50 4.32 -5.24 5.74
C VAL A 50 4.48 -6.76 5.71
N ASP A 51 4.25 -7.33 4.54
CA ASP A 51 4.36 -8.77 4.32
C ASP A 51 5.35 -9.06 3.17
N SER A 52 6.64 -9.05 3.51
CA SER A 52 7.72 -9.30 2.54
C SER A 52 7.87 -10.79 2.17
N ALA A 53 6.99 -11.63 2.73
CA ALA A 53 7.01 -13.08 2.47
C ALA A 53 6.18 -13.42 1.23
N ARG A 54 4.96 -12.87 1.16
CA ARG A 54 4.06 -13.10 0.02
C ARG A 54 3.93 -11.85 -0.85
N GLU A 55 4.77 -10.83 -0.58
CA GLU A 55 4.77 -9.55 -1.32
C GLU A 55 3.44 -8.79 -1.15
N VAL A 56 3.11 -8.48 0.11
CA VAL A 56 1.87 -7.76 0.46
C VAL A 56 2.14 -6.73 1.57
N CYS A 57 1.18 -5.82 1.79
CA CYS A 57 1.29 -4.78 2.83
C CYS A 57 -0.08 -4.34 3.30
N LEU A 58 -0.17 -4.03 4.60
CA LEU A 58 -1.41 -3.52 5.17
C LEU A 58 -1.22 -2.03 5.40
N VAL A 59 -2.08 -1.25 4.78
CA VAL A 59 -2.00 0.20 4.86
C VAL A 59 -3.28 0.80 5.41
N GLN A 60 -3.12 1.86 6.20
CA GLN A 60 -4.24 2.60 6.78
C GLN A 60 -4.57 3.75 5.85
N PHE A 61 -5.84 3.93 5.56
CA PHE A 61 -6.27 4.96 4.61
C PHE A 61 -6.80 6.21 5.29
N GLU A 62 -6.79 7.32 4.54
CA GLU A 62 -7.24 8.64 5.00
C GLU A 62 -8.62 8.61 5.66
N ASP A 63 -9.56 7.84 5.07
CA ASP A 63 -10.90 7.73 5.65
C ASP A 63 -10.98 6.58 6.69
N ASP A 64 -9.85 6.36 7.40
CA ASP A 64 -9.73 5.34 8.49
C ASP A 64 -10.12 3.91 8.04
N SER A 65 -9.42 3.41 7.02
CA SER A 65 -9.68 2.05 6.52
C SER A 65 -8.43 1.20 6.50
N GLN A 66 -8.53 0.00 7.07
CA GLN A 66 -7.43 -0.96 7.09
C GLN A 66 -7.67 -1.95 5.95
N PHE A 67 -7.07 -1.65 4.80
CA PHE A 67 -7.25 -2.45 3.60
C PHE A 67 -5.93 -3.07 3.14
N LEU A 68 -6.00 -4.39 2.89
CA LEU A 68 -4.83 -5.18 2.45
C LEU A 68 -4.55 -4.94 0.95
N VAL A 69 -3.34 -4.45 0.66
CA VAL A 69 -2.94 -4.15 -0.73
C VAL A 69 -1.68 -4.91 -1.13
N LEU A 70 -1.58 -5.21 -2.44
CA LEU A 70 -0.44 -5.91 -3.02
C LEU A 70 0.59 -4.92 -3.53
N TRP A 71 1.88 -5.32 -3.51
CA TRP A 71 2.99 -4.47 -3.97
C TRP A 71 2.85 -4.08 -5.46
N LYS A 72 1.96 -4.79 -6.17
CA LYS A 72 1.71 -4.52 -7.60
C LYS A 72 0.66 -3.42 -7.78
N ASP A 73 -0.28 -3.34 -6.83
CA ASP A 73 -1.35 -2.32 -6.85
C ASP A 73 -0.95 -1.09 -6.02
N ILE A 74 0.28 -1.10 -5.49
CA ILE A 74 0.78 -0.01 -4.66
C ILE A 74 1.78 0.87 -5.44
N SER A 75 1.63 2.18 -5.25
CA SER A 75 2.50 3.18 -5.88
C SER A 75 3.00 4.17 -4.82
N PRO A 76 4.31 4.12 -4.40
CA PRO A 76 4.86 5.05 -3.39
C PRO A 76 4.59 6.52 -3.72
N ALA A 77 3.92 7.20 -2.79
CA ALA A 77 3.56 8.63 -2.93
C ALA A 77 4.76 9.56 -2.78
N ALA A 78 5.91 9.01 -2.35
CA ALA A 78 7.13 9.79 -2.16
C ALA A 78 8.02 9.75 -3.41
N LEU A 79 8.43 10.93 -3.87
CA LEU A 79 9.27 11.07 -5.05
C LEU A 79 10.53 11.89 -4.74
N ALA B 1 -24.49 16.96 1.76
CA ALA B 1 -23.39 16.99 2.77
C ALA B 1 -22.05 17.30 2.10
N THR B 2 -21.21 18.04 2.81
CA THR B 2 -19.88 18.42 2.33
C THR B 2 -18.79 17.64 3.05
N GLY B 3 -17.70 17.34 2.32
CA GLY B 3 -16.60 16.60 2.90
C GLY B 3 -15.55 16.23 1.88
N GLY B 4 -15.16 14.94 1.85
CA GLY B 4 -14.16 14.45 0.91
C GLY B 4 -13.44 13.24 1.43
N VAL B 5 -13.19 12.27 0.54
CA VAL B 5 -12.50 11.02 0.89
C VAL B 5 -11.16 10.90 0.17
N M3L B 6 -10.08 10.76 0.96
CA M3L B 6 -8.68 10.62 0.48
CB M3L B 6 -8.45 9.25 -0.21
CG M3L B 6 -8.63 8.08 0.73
CD M3L B 6 -9.86 7.26 0.39
CE M3L B 6 -10.35 6.50 1.63
NZ M3L B 6 -10.64 5.02 1.41
C M3L B 6 -8.25 11.76 -0.48
O M3L B 6 -9.08 12.48 -1.03
CM1 M3L B 6 -9.44 4.28 0.92
CM2 M3L B 6 -11.77 4.87 0.45
CM3 M3L B 6 -11.02 4.41 2.68
H M3L B 6 -10.23 10.71 1.94
HA M3L B 6 -8.04 10.66 1.34
HB2 M3L B 6 -7.45 9.23 -0.60
HB3 M3L B 6 -9.15 9.16 -1.03
HG2 M3L B 6 -8.74 8.46 1.73
HG3 M3L B 6 -7.76 7.44 0.68
HD2 M3L B 6 -9.60 6.56 -0.39
HD3 M3L B 6 -10.63 7.92 0.05
HE2 M3L B 6 -11.26 6.96 1.96
HE3 M3L B 6 -9.61 6.57 2.40
HM11 M3L B 6 -8.60 4.93 0.74
HM12 M3L B 6 -9.62 3.75 0.00
HM13 M3L B 6 -9.09 3.54 1.63
HM21 M3L B 6 -12.61 5.51 0.72
HM22 M3L B 6 -12.16 3.87 0.42
HM23 M3L B 6 -11.50 5.13 -0.56
HM31 M3L B 6 -12.04 4.66 2.98
HM32 M3L B 6 -10.39 4.72 3.50
HM33 M3L B 6 -10.98 3.33 2.66
N LYS B 7 -6.92 11.90 -0.64
CA LYS B 7 -6.35 12.93 -1.52
C LYS B 7 -5.18 12.36 -2.37
N PRO B 8 -5.40 11.23 -3.13
CA PRO B 8 -4.36 10.60 -3.97
C PRO B 8 -4.20 11.26 -5.35
N HIS B 9 -3.50 10.53 -6.24
CA HIS B 9 -3.24 10.95 -7.61
C HIS B 9 -4.43 10.57 -8.51
N ARG B 10 -5.08 11.58 -9.10
CA ARG B 10 -6.23 11.36 -9.97
C ARG B 10 -5.80 11.37 -11.45
N TYR B 11 -5.24 10.24 -11.90
CA TYR B 11 -4.77 10.05 -13.31
C TYR B 11 -3.81 11.16 -13.75
#